data_2FOT
# 
_entry.id   2FOT 
# 
_audit_conform.dict_name       mmcif_pdbx.dic 
_audit_conform.dict_version    5.377 
_audit_conform.dict_location   http://mmcif.pdb.org/dictionaries/ascii/mmcif_pdbx.dic 
# 
loop_
_database_2.database_id 
_database_2.database_code 
_database_2.pdbx_database_accession 
_database_2.pdbx_DOI 
PDB   2FOT         pdb_00002fot 10.2210/pdb2fot/pdb 
RCSB  RCSB036131   ?            ?                   
WWPDB D_1000036131 ?            ?                   
# 
loop_
_pdbx_database_related.db_name 
_pdbx_database_related.db_id 
_pdbx_database_related.details 
_pdbx_database_related.content_type 
PDB 1CDM . unspecified 
PDB 1MXE . unspecified 
PDB 1IWQ . unspecified 
PDB 1NIW . unspecified 
# 
_pdbx_database_status.status_code                     REL 
_pdbx_database_status.entry_id                        2FOT 
_pdbx_database_status.recvd_initial_deposition_date   2006-01-13 
_pdbx_database_status.deposit_site                    RCSB 
_pdbx_database_status.process_site                    RCSB 
_pdbx_database_status.status_code_sf                  REL 
_pdbx_database_status.status_code_mr                  ? 
_pdbx_database_status.SG_entry                        ? 
_pdbx_database_status.pdb_format_compatible           Y 
_pdbx_database_status.status_code_cs                  ? 
_pdbx_database_status.status_code_nmr_data            ? 
_pdbx_database_status.methods_development_category    ? 
# 
loop_
_audit_author.name 
_audit_author.pdbx_ordinal 
'Simonovic, M.' 1 
'Zhang, Z.'     2 
'Cianci, C.D.'  3 
'Steitz, T.A.'  4 
'Morrow, J.S.'  5 
# 
_citation.id                        primary 
_citation.title                     
'Structure of the calmodulin alphaII-spectrin complex provides insight into the regulation of cell plasticity.' 
_citation.journal_abbrev            J.Biol.Chem. 
_citation.journal_volume            281 
_citation.page_first                34333 
_citation.page_last                 34340 
_citation.year                      2006 
_citation.journal_id_ASTM           JBCHA3 
_citation.country                   US 
_citation.journal_id_ISSN           0021-9258 
_citation.journal_id_CSD            0071 
_citation.book_publisher            ? 
_citation.pdbx_database_id_PubMed   16945920 
_citation.pdbx_database_id_DOI      10.1074/jbc.M604613200 
# 
loop_
_citation_author.citation_id 
_citation_author.name 
_citation_author.ordinal 
_citation_author.identifier_ORCID 
primary 'Simonovic, M.' 1 ? 
primary 'Zhang, Z.'     2 ? 
primary 'Cianci, C.D.'  3 ? 
primary 'Steitz, T.A.'  4 ? 
primary 'Morrow, J.S.'  5 ? 
# 
_cell.entry_id           2FOT 
_cell.length_a           44.288 
_cell.length_b           57.737 
_cell.length_c           69.753 
_cell.angle_alpha        90.00 
_cell.angle_beta         90.00 
_cell.angle_gamma        90.00 
_cell.Z_PDB              4 
_cell.pdbx_unique_axis   ? 
_cell.length_a_esd       ? 
_cell.length_b_esd       ? 
_cell.length_c_esd       ? 
_cell.angle_alpha_esd    ? 
_cell.angle_beta_esd     ? 
_cell.angle_gamma_esd    ? 
# 
_symmetry.entry_id                         2FOT 
_symmetry.space_group_name_H-M             'P 21 21 21' 
_symmetry.pdbx_full_space_group_name_H-M   ? 
_symmetry.cell_setting                     ? 
_symmetry.Int_Tables_number                19 
_symmetry.space_group_name_Hall            ? 
# 
loop_
_entity.id 
_entity.type 
_entity.src_method 
_entity.pdbx_description 
_entity.formula_weight 
_entity.pdbx_number_of_molecules 
_entity.pdbx_ec 
_entity.pdbx_mutation 
_entity.pdbx_fragment 
_entity.details 
1 polymer     nat Calmodulin                   16721.350 1  ? ?      ?                           ? 
2 polymer     man 'alpha-II spectrin Spectrin' 4792.410  1  ? L1211R 'Calmodulin binding domain' ? 
3 non-polymer syn 'CALCIUM ION'                40.078    4  ? ?      ?                           ? 
4 water       nat water                        18.015    58 ? ?      ?                           ? 
# 
loop_
_entity_name_com.entity_id 
_entity_name_com.name 
1 CaM                                                                             
2 'Spectrin, non-erythroid alpha chain, Spectrin alpha chain, Fodrin alpha chain' 
# 
loop_
_entity_poly.entity_id 
_entity_poly.type 
_entity_poly.nstd_linkage 
_entity_poly.nstd_monomer 
_entity_poly.pdbx_seq_one_letter_code 
_entity_poly.pdbx_seq_one_letter_code_can 
_entity_poly.pdbx_strand_id 
_entity_poly.pdbx_target_identifier 
1 'polypeptide(L)' no no 
;ADQLTEEQIAEFKEAFSLFDKDGDGTITTKELGTVMRSLGQNPTEAELQDMINEVDADGNGTIDFPEFLTMMARKMKDTD
SEEEIREAFRVFDKDGNGYISAAELRHVMTNLGEKLTDEEVDEMIREADIDGDGQVNYEEFVQMMTAK
;
;ADQLTEEQIAEFKEAFSLFDKDGDGTITTKELGTVMRSLGQNPTEAELQDMINEVDADGNGTIDFPEFLTMMARKMKDTD
SEEEIREAFRVFDKDGNGYISAAELRHVMTNLGEKLTDEEVDEMIREADIDGDGQVNYEEFVQMMTAK
;
A ? 
2 'polypeptide(L)' no no QQEVYGMMPRDETDSKTASASPWKSARLMVHTVATFNSIKER QQEVYGMMPRDETDSKTASASPWKSARLMVHTVATFNSIKER C ? 
# 
loop_
_entity_poly_seq.entity_id 
_entity_poly_seq.num 
_entity_poly_seq.mon_id 
_entity_poly_seq.hetero 
1 1   ALA n 
1 2   ASP n 
1 3   GLN n 
1 4   LEU n 
1 5   THR n 
1 6   GLU n 
1 7   GLU n 
1 8   GLN n 
1 9   ILE n 
1 10  ALA n 
1 11  GLU n 
1 12  PHE n 
1 13  LYS n 
1 14  GLU n 
1 15  ALA n 
1 16  PHE n 
1 17  SER n 
1 18  LEU n 
1 19  PHE n 
1 20  ASP n 
1 21  LYS n 
1 22  ASP n 
1 23  GLY n 
1 24  ASP n 
1 25  GLY n 
1 26  THR n 
1 27  ILE n 
1 28  THR n 
1 29  THR n 
1 30  LYS n 
1 31  GLU n 
1 32  LEU n 
1 33  GLY n 
1 34  THR n 
1 35  VAL n 
1 36  MET n 
1 37  ARG n 
1 38  SER n 
1 39  LEU n 
1 40  GLY n 
1 41  GLN n 
1 42  ASN n 
1 43  PRO n 
1 44  THR n 
1 45  GLU n 
1 46  ALA n 
1 47  GLU n 
1 48  LEU n 
1 49  GLN n 
1 50  ASP n 
1 51  MET n 
1 52  ILE n 
1 53  ASN n 
1 54  GLU n 
1 55  VAL n 
1 56  ASP n 
1 57  ALA n 
1 58  ASP n 
1 59  GLY n 
1 60  ASN n 
1 61  GLY n 
1 62  THR n 
1 63  ILE n 
1 64  ASP n 
1 65  PHE n 
1 66  PRO n 
1 67  GLU n 
1 68  PHE n 
1 69  LEU n 
1 70  THR n 
1 71  MET n 
1 72  MET n 
1 73  ALA n 
1 74  ARG n 
1 75  LYS n 
1 76  MET n 
1 77  LYS n 
1 78  ASP n 
1 79  THR n 
1 80  ASP n 
1 81  SER n 
1 82  GLU n 
1 83  GLU n 
1 84  GLU n 
1 85  ILE n 
1 86  ARG n 
1 87  GLU n 
1 88  ALA n 
1 89  PHE n 
1 90  ARG n 
1 91  VAL n 
1 92  PHE n 
1 93  ASP n 
1 94  LYS n 
1 95  ASP n 
1 96  GLY n 
1 97  ASN n 
1 98  GLY n 
1 99  TYR n 
1 100 ILE n 
1 101 SER n 
1 102 ALA n 
1 103 ALA n 
1 104 GLU n 
1 105 LEU n 
1 106 ARG n 
1 107 HIS n 
1 108 VAL n 
1 109 MET n 
1 110 THR n 
1 111 ASN n 
1 112 LEU n 
1 113 GLY n 
1 114 GLU n 
1 115 LYS n 
1 116 LEU n 
1 117 THR n 
1 118 ASP n 
1 119 GLU n 
1 120 GLU n 
1 121 VAL n 
1 122 ASP n 
1 123 GLU n 
1 124 MET n 
1 125 ILE n 
1 126 ARG n 
1 127 GLU n 
1 128 ALA n 
1 129 ASP n 
1 130 ILE n 
1 131 ASP n 
1 132 GLY n 
1 133 ASP n 
1 134 GLY n 
1 135 GLN n 
1 136 VAL n 
1 137 ASN n 
1 138 TYR n 
1 139 GLU n 
1 140 GLU n 
1 141 PHE n 
1 142 VAL n 
1 143 GLN n 
1 144 MET n 
1 145 MET n 
1 146 THR n 
1 147 ALA n 
1 148 LYS n 
2 1   GLN n 
2 2   GLN n 
2 3   GLU n 
2 4   VAL n 
2 5   TYR n 
2 6   GLY n 
2 7   MET n 
2 8   MET n 
2 9   PRO n 
2 10  ARG n 
2 11  ASP n 
2 12  GLU n 
2 13  THR n 
2 14  ASP n 
2 15  SER n 
2 16  LYS n 
2 17  THR n 
2 18  ALA n 
2 19  SER n 
2 20  ALA n 
2 21  SER n 
2 22  PRO n 
2 23  TRP n 
2 24  LYS n 
2 25  SER n 
2 26  ALA n 
2 27  ARG n 
2 28  LEU n 
2 29  MET n 
2 30  VAL n 
2 31  HIS n 
2 32  THR n 
2 33  VAL n 
2 34  ALA n 
2 35  THR n 
2 36  PHE n 
2 37  ASN n 
2 38  SER n 
2 39  ILE n 
2 40  LYS n 
2 41  GLU n 
2 42  ARG n 
# 
_entity_src_gen.entity_id                          2 
_entity_src_gen.pdbx_src_id                        1 
_entity_src_gen.pdbx_alt_source_flag               sample 
_entity_src_gen.pdbx_seq_type                      ? 
_entity_src_gen.pdbx_beg_seq_num                   ? 
_entity_src_gen.pdbx_end_seq_num                   ? 
_entity_src_gen.gene_src_common_name               human 
_entity_src_gen.gene_src_genus                     Homo 
_entity_src_gen.pdbx_gene_src_gene                 'SPTAN1, SPTA2' 
_entity_src_gen.gene_src_species                   ? 
_entity_src_gen.gene_src_strain                    ? 
_entity_src_gen.gene_src_tissue                    ? 
_entity_src_gen.gene_src_tissue_fraction           ? 
_entity_src_gen.gene_src_details                   ? 
_entity_src_gen.pdbx_gene_src_fragment             ? 
_entity_src_gen.pdbx_gene_src_scientific_name      'Homo sapiens' 
_entity_src_gen.pdbx_gene_src_ncbi_taxonomy_id     9606 
_entity_src_gen.pdbx_gene_src_variant              ? 
_entity_src_gen.pdbx_gene_src_cell_line            ? 
_entity_src_gen.pdbx_gene_src_atcc                 ? 
_entity_src_gen.pdbx_gene_src_organ                ? 
_entity_src_gen.pdbx_gene_src_organelle            ? 
_entity_src_gen.pdbx_gene_src_cell                 ? 
_entity_src_gen.pdbx_gene_src_cellular_location    ? 
_entity_src_gen.host_org_common_name               ? 
_entity_src_gen.pdbx_host_org_scientific_name      'Escherichia coli' 
_entity_src_gen.pdbx_host_org_ncbi_taxonomy_id     562 
_entity_src_gen.host_org_genus                     Escherichia 
_entity_src_gen.pdbx_host_org_gene                 ? 
_entity_src_gen.pdbx_host_org_organ                ? 
_entity_src_gen.host_org_species                   ? 
_entity_src_gen.pdbx_host_org_tissue               ? 
_entity_src_gen.pdbx_host_org_tissue_fraction      ? 
_entity_src_gen.pdbx_host_org_strain               ? 
_entity_src_gen.pdbx_host_org_variant              ? 
_entity_src_gen.pdbx_host_org_cell_line            ? 
_entity_src_gen.pdbx_host_org_atcc                 ? 
_entity_src_gen.pdbx_host_org_culture_collection   ? 
_entity_src_gen.pdbx_host_org_cell                 ? 
_entity_src_gen.pdbx_host_org_organelle            ? 
_entity_src_gen.pdbx_host_org_cellular_location    ? 
_entity_src_gen.pdbx_host_org_vector_type          ? 
_entity_src_gen.pdbx_host_org_vector               plasmid 
_entity_src_gen.host_org_details                   ? 
_entity_src_gen.expression_system_id               ? 
_entity_src_gen.plasmid_name                       pGEX2T 
_entity_src_gen.plasmid_details                    ? 
_entity_src_gen.pdbx_description                   ? 
# 
_entity_src_nat.entity_id                  1 
_entity_src_nat.pdbx_src_id                1 
_entity_src_nat.pdbx_alt_source_flag       sample 
_entity_src_nat.pdbx_beg_seq_num           ? 
_entity_src_nat.pdbx_end_seq_num           ? 
_entity_src_nat.common_name                cattle 
_entity_src_nat.pdbx_organism_scientific   'Bos taurus' 
_entity_src_nat.pdbx_ncbi_taxonomy_id      9913 
_entity_src_nat.genus                      Bos 
_entity_src_nat.species                    ? 
_entity_src_nat.strain                     ? 
_entity_src_nat.tissue                     ? 
_entity_src_nat.tissue_fraction            ? 
_entity_src_nat.pdbx_secretion             ? 
_entity_src_nat.pdbx_fragment              ? 
_entity_src_nat.pdbx_variant               ? 
_entity_src_nat.pdbx_cell_line             ? 
_entity_src_nat.pdbx_atcc                  ? 
_entity_src_nat.pdbx_cellular_location     ? 
_entity_src_nat.pdbx_organ                 ? 
_entity_src_nat.pdbx_organelle             ? 
_entity_src_nat.pdbx_cell                  ? 
_entity_src_nat.pdbx_plasmid_name          ? 
_entity_src_nat.pdbx_plasmid_details       ? 
_entity_src_nat.details                    ? 
# 
loop_
_struct_ref.id 
_struct_ref.db_name 
_struct_ref.db_code 
_struct_ref.pdbx_db_accession 
_struct_ref.entity_id 
_struct_ref.pdbx_align_begin 
_struct_ref.pdbx_db_isoform 
_struct_ref.pdbx_seq_one_letter_code 
1 UNP CALM_BOVIN  P62157 1 1    ? ? 
2 UNP SPTA2_HUMAN Q13813 2 1172 ? ? 
# 
loop_
_struct_ref_seq.align_id 
_struct_ref_seq.ref_id 
_struct_ref_seq.pdbx_PDB_id_code 
_struct_ref_seq.pdbx_strand_id 
_struct_ref_seq.seq_align_beg 
_struct_ref_seq.pdbx_seq_align_beg_ins_code 
_struct_ref_seq.seq_align_end 
_struct_ref_seq.pdbx_seq_align_end_ins_code 
_struct_ref_seq.pdbx_db_accession 
_struct_ref_seq.db_align_beg 
_struct_ref_seq.pdbx_db_align_beg_ins_code 
_struct_ref_seq.db_align_end 
_struct_ref_seq.pdbx_db_align_end_ins_code 
_struct_ref_seq.pdbx_auth_seq_align_beg 
_struct_ref_seq.pdbx_auth_seq_align_end 
1 1 2FOT A 1 ? 148 ? P62157 1    ? 148  ? 1    148  
2 2 2FOT C 1 ? 42  ? Q13813 1172 ? 1211 ? 1170 1211 
# 
_struct_ref_seq_dif.align_id                     2 
_struct_ref_seq_dif.pdbx_pdb_id_code             2FOT 
_struct_ref_seq_dif.mon_id                       ARG 
_struct_ref_seq_dif.pdbx_pdb_strand_id           C 
_struct_ref_seq_dif.seq_num                      42 
_struct_ref_seq_dif.pdbx_pdb_ins_code            ? 
_struct_ref_seq_dif.pdbx_seq_db_name             UNP 
_struct_ref_seq_dif.pdbx_seq_db_accession_code   Q13813 
_struct_ref_seq_dif.db_mon_id                    LEU 
_struct_ref_seq_dif.pdbx_seq_db_seq_num          1211 
_struct_ref_seq_dif.details                      'engineered mutation' 
_struct_ref_seq_dif.pdbx_auth_seq_num            1211 
_struct_ref_seq_dif.pdbx_ordinal                 1 
# 
loop_
_chem_comp.id 
_chem_comp.type 
_chem_comp.mon_nstd_flag 
_chem_comp.name 
_chem_comp.pdbx_synonyms 
_chem_comp.formula 
_chem_comp.formula_weight 
ALA 'L-peptide linking' y ALANINE         ? 'C3 H7 N O2'     89.093  
ARG 'L-peptide linking' y ARGININE        ? 'C6 H15 N4 O2 1' 175.209 
ASN 'L-peptide linking' y ASPARAGINE      ? 'C4 H8 N2 O3'    132.118 
ASP 'L-peptide linking' y 'ASPARTIC ACID' ? 'C4 H7 N O4'     133.103 
CA  non-polymer         . 'CALCIUM ION'   ? 'Ca 2'           40.078  
GLN 'L-peptide linking' y GLUTAMINE       ? 'C5 H10 N2 O3'   146.144 
GLU 'L-peptide linking' y 'GLUTAMIC ACID' ? 'C5 H9 N O4'     147.129 
GLY 'peptide linking'   y GLYCINE         ? 'C2 H5 N O2'     75.067  
HIS 'L-peptide linking' y HISTIDINE       ? 'C6 H10 N3 O2 1' 156.162 
HOH non-polymer         . WATER           ? 'H2 O'           18.015  
ILE 'L-peptide linking' y ISOLEUCINE      ? 'C6 H13 N O2'    131.173 
LEU 'L-peptide linking' y LEUCINE         ? 'C6 H13 N O2'    131.173 
LYS 'L-peptide linking' y LYSINE          ? 'C6 H15 N2 O2 1' 147.195 
MET 'L-peptide linking' y METHIONINE      ? 'C5 H11 N O2 S'  149.211 
PHE 'L-peptide linking' y PHENYLALANINE   ? 'C9 H11 N O2'    165.189 
PRO 'L-peptide linking' y PROLINE         ? 'C5 H9 N O2'     115.130 
SER 'L-peptide linking' y SERINE          ? 'C3 H7 N O3'     105.093 
THR 'L-peptide linking' y THREONINE       ? 'C4 H9 N O3'     119.119 
TRP 'L-peptide linking' y TRYPTOPHAN      ? 'C11 H12 N2 O2'  204.225 
TYR 'L-peptide linking' y TYROSINE        ? 'C9 H11 N O3'    181.189 
VAL 'L-peptide linking' y VALINE          ? 'C5 H11 N O2'    117.146 
# 
_exptl.entry_id          2FOT 
_exptl.method            'X-RAY DIFFRACTION' 
_exptl.crystals_number   2 
# 
_exptl_crystal.id                    1 
_exptl_crystal.density_meas          ? 
_exptl_crystal.density_Matthews      2.07 
_exptl_crystal.density_percent_sol   40.64 
_exptl_crystal.description           ? 
_exptl_crystal.F_000                 ? 
_exptl_crystal.preparation           ? 
# 
_exptl_crystal_grow.crystal_id      1 
_exptl_crystal_grow.method          'VAPOR DIFFUSION, SITTING DROP' 
_exptl_crystal_grow.temp            298 
_exptl_crystal_grow.temp_details    ? 
_exptl_crystal_grow.pH              8.00 
_exptl_crystal_grow.pdbx_details    
'50mM Tris,pH 8.00, 30% PEG 8000, 0.1M ammonium-sulfate, VAPOR DIFFUSION, SITTING DROP, temperature 298K' 
_exptl_crystal_grow.pdbx_pH_range   . 
# 
loop_
_diffrn.id 
_diffrn.ambient_temp 
_diffrn.ambient_temp_details 
_diffrn.crystal_id 
1 298 ? 1 
2 298 ? 1 
# 
loop_
_diffrn_detector.diffrn_id 
_diffrn_detector.detector 
_diffrn_detector.type 
_diffrn_detector.pdbx_collection_date 
_diffrn_detector.details 
1 'IMAGE PLATE' 'RIGAKU RAXIS II' 2005-11-24 ? 
2 'IMAGE PLATE' 'RIGAKU RAXIS II' 2005-11-24 ? 
# 
loop_
_diffrn_radiation.diffrn_id 
_diffrn_radiation.wavelength_id 
_diffrn_radiation.pdbx_monochromatic_or_laue_m_l 
_diffrn_radiation.monochromator 
_diffrn_radiation.pdbx_diffrn_protocol 
_diffrn_radiation.pdbx_scattering_type 
1 1 M 'YALE MIRRORS' 'SINGLE WAVELENGTH' x-ray 
2 1 M 'YALE MIRRORS' 'SINGLE WAVELENGTH' x-ray 
# 
_diffrn_radiation_wavelength.id           1 
_diffrn_radiation_wavelength.wavelength   1.5418 
_diffrn_radiation_wavelength.wt           1.0 
# 
loop_
_diffrn_source.diffrn_id 
_diffrn_source.source 
_diffrn_source.type 
_diffrn_source.pdbx_synchrotron_site 
_diffrn_source.pdbx_synchrotron_beamline 
_diffrn_source.pdbx_wavelength 
_diffrn_source.pdbx_wavelength_list 
1 'ROTATING ANODE' RIGAKU ? ? ? 1.5418 
2 'ROTATING ANODE' RIGAKU ? ? ? 1.5418 
# 
_reflns.entry_id                     2FOT 
_reflns.observed_criterion_sigma_I   0 
_reflns.observed_criterion_sigma_F   0 
_reflns.d_resolution_low             45 
_reflns.d_resolution_high            2.45 
_reflns.number_obs                   7933 
_reflns.number_all                   7933 
_reflns.percent_possible_obs         89.8 
_reflns.pdbx_Rmerge_I_obs            0.245 
_reflns.pdbx_Rsym_value              ? 
_reflns.pdbx_netI_over_sigmaI        4.55 
_reflns.B_iso_Wilson_estimate        36.2 
_reflns.pdbx_redundancy              5.5 
_reflns.R_free_details               ? 
_reflns.limit_h_max                  ? 
_reflns.limit_h_min                  ? 
_reflns.limit_k_max                  ? 
_reflns.limit_k_min                  ? 
_reflns.limit_l_max                  ? 
_reflns.limit_l_min                  ? 
_reflns.observed_criterion_F_max     ? 
_reflns.observed_criterion_F_min     ? 
_reflns.pdbx_chi_squared             ? 
_reflns.pdbx_scaling_rejects         ? 
_reflns.pdbx_diffrn_id               1,2 
_reflns.pdbx_ordinal                 1 
# 
_reflns_shell.d_res_high             2.45 
_reflns_shell.d_res_low              2.60 
_reflns_shell.percent_possible_all   87.1 
_reflns_shell.Rmerge_I_obs           0.467 
_reflns_shell.pdbx_Rsym_value        ? 
_reflns_shell.meanI_over_sigI_obs    2.2 
_reflns_shell.pdbx_redundancy        4.6 
_reflns_shell.percent_possible_obs   ? 
_reflns_shell.number_unique_all      986 
_reflns_shell.number_measured_all    ? 
_reflns_shell.number_measured_obs    ? 
_reflns_shell.number_unique_obs      ? 
_reflns_shell.pdbx_chi_squared       ? 
_reflns_shell.pdbx_diffrn_id         ? 
_reflns_shell.pdbx_ordinal           1 
# 
_refine.entry_id                                 2FOT 
_refine.ls_number_reflns_obs                     6253 
_refine.ls_number_reflns_all                     6253 
_refine.pdbx_ls_sigma_I                          ? 
_refine.pdbx_ls_sigma_F                          0.0 
_refine.pdbx_data_cutoff_high_absF               551349.90 
_refine.pdbx_data_cutoff_low_absF                0.000000 
_refine.pdbx_data_cutoff_high_rms_absF           ? 
_refine.ls_d_res_low                             44.48 
_refine.ls_d_res_high                            2.45 
_refine.ls_percent_reflns_obs                    89.8 
_refine.ls_R_factor_obs                          0.245 
_refine.ls_R_factor_all                          0.245 
_refine.ls_R_factor_R_work                       0.245 
_refine.ls_R_factor_R_free                       0.269 
_refine.ls_R_factor_R_free_error                 0.010 
_refine.ls_R_factor_R_free_error_details         ? 
_refine.ls_percent_reflns_R_free                 10.6 
_refine.ls_number_reflns_R_free                  665 
_refine.ls_number_parameters                     ? 
_refine.ls_number_restraints                     ? 
_refine.occupancy_min                            ? 
_refine.occupancy_max                            ? 
_refine.correlation_coeff_Fo_to_Fc               ? 
_refine.correlation_coeff_Fo_to_Fc_free          ? 
_refine.B_iso_mean                               44.3 
_refine.aniso_B[1][1]                            19.36 
_refine.aniso_B[2][2]                            -9.56 
_refine.aniso_B[3][3]                            -9.80 
_refine.aniso_B[1][2]                            0.00 
_refine.aniso_B[1][3]                            0.00 
_refine.aniso_B[2][3]                            0.00 
_refine.solvent_model_details                    'FLAT MODEL' 
_refine.solvent_model_param_ksol                 0.355356 
_refine.solvent_model_param_bsol                 60.4525 
_refine.pdbx_solvent_vdw_probe_radii             ? 
_refine.pdbx_solvent_ion_probe_radii             ? 
_refine.pdbx_solvent_shrinkage_radii             ? 
_refine.pdbx_ls_cross_valid_method               THROUGHOUT 
_refine.details                                  ? 
_refine.pdbx_starting_model                      'pdb entry 1cdm' 
_refine.pdbx_method_to_determine_struct          'MOLECULAR REPLACEMENT' 
_refine.pdbx_isotropic_thermal_model             RESTRAINED 
_refine.pdbx_stereochemistry_target_values       'Engh & Huber' 
_refine.pdbx_stereochem_target_val_spec_case     ? 
_refine.pdbx_R_Free_selection_details            RANDOM 
_refine.pdbx_overall_ESU_R                       ? 
_refine.pdbx_overall_ESU_R_Free                  ? 
_refine.overall_SU_ML                            ? 
_refine.overall_SU_B                             ? 
_refine.ls_redundancy_reflns_obs                 ? 
_refine.B_iso_min                                ? 
_refine.B_iso_max                                ? 
_refine.overall_SU_R_Cruickshank_DPI             ? 
_refine.overall_SU_R_free                        ? 
_refine.ls_wR_factor_R_free                      ? 
_refine.ls_wR_factor_R_work                      ? 
_refine.overall_FOM_free_R_set                   ? 
_refine.overall_FOM_work_R_set                   ? 
_refine.pdbx_refine_id                           'X-RAY DIFFRACTION' 
_refine.pdbx_diffrn_id                           1 
_refine.pdbx_TLS_residual_ADP_flag               ? 
_refine.pdbx_overall_phase_error                 ? 
_refine.pdbx_overall_SU_R_free_Cruickshank_DPI   ? 
_refine.pdbx_overall_SU_R_Blow_DPI               ? 
_refine.pdbx_overall_SU_R_free_Blow_DPI          ? 
# 
_refine_analyze.entry_id                        2FOT 
_refine_analyze.Luzzati_coordinate_error_obs    0.36 
_refine_analyze.Luzzati_sigma_a_obs             0.49 
_refine_analyze.Luzzati_d_res_low_obs           5.00 
_refine_analyze.Luzzati_coordinate_error_free   0.39 
_refine_analyze.Luzzati_sigma_a_free            0.63 
_refine_analyze.Luzzati_d_res_low_free          ? 
_refine_analyze.number_disordered_residues      ? 
_refine_analyze.occupancy_sum_hydrogen          ? 
_refine_analyze.occupancy_sum_non_hydrogen      ? 
_refine_analyze.pdbx_Luzzati_d_res_high_obs     ? 
_refine_analyze.pdbx_refine_id                  'X-RAY DIFFRACTION' 
# 
_refine_hist.pdbx_refine_id                   'X-RAY DIFFRACTION' 
_refine_hist.cycle_id                         LAST 
_refine_hist.pdbx_number_atoms_protein        1177 
_refine_hist.pdbx_number_atoms_nucleic_acid   0 
_refine_hist.pdbx_number_atoms_ligand         4 
_refine_hist.number_atoms_solvent             58 
_refine_hist.number_atoms_total               1239 
_refine_hist.d_res_high                       2.45 
_refine_hist.d_res_low                        44.48 
# 
loop_
_refine_ls_restr.type 
_refine_ls_restr.dev_ideal 
_refine_ls_restr.dev_ideal_target 
_refine_ls_restr.weight 
_refine_ls_restr.number 
_refine_ls_restr.pdbx_refine_id 
_refine_ls_restr.pdbx_restraint_function 
c_bond_d           0.0077 ? ? ? 'X-RAY DIFFRACTION' ? 
c_angle_deg        1.23   ? ? ? 'X-RAY DIFFRACTION' ? 
c_dihedral_angle_d 20.84  ? ? ? 'X-RAY DIFFRACTION' ? 
c_improper_angle_d 0.81   ? ? ? 'X-RAY DIFFRACTION' ? 
# 
_refine_ls_shell.pdbx_total_number_of_bins_used   6 
_refine_ls_shell.d_res_high                       2.45 
_refine_ls_shell.d_res_low                        2.60 
_refine_ls_shell.number_reflns_R_work             876 
_refine_ls_shell.R_factor_R_work                  0.364 
_refine_ls_shell.percent_reflns_obs               87.1 
_refine_ls_shell.R_factor_R_free                  0.38 
_refine_ls_shell.R_factor_R_free_error            0.036 
_refine_ls_shell.percent_reflns_R_free            11.2 
_refine_ls_shell.number_reflns_R_free             110 
_refine_ls_shell.number_reflns_all                ? 
_refine_ls_shell.R_factor_all                     ? 
_refine_ls_shell.number_reflns_obs                876 
_refine_ls_shell.redundancy_reflns_obs            ? 
_refine_ls_shell.pdbx_refine_id                   'X-RAY DIFFRACTION' 
# 
loop_
_pdbx_xplor_file.serial_no 
_pdbx_xplor_file.param_file 
_pdbx_xplor_file.topol_file 
_pdbx_xplor_file.pdbx_refine_id 
1 protein_rep.param protein.top 'X-RAY DIFFRACTION' 
2 ion.param         water.top   'X-RAY DIFFRACTION' 
3 water_rep.param   ion.top     'X-RAY DIFFRACTION' 
# 
_struct.entry_id                  2FOT 
_struct.title                     'Crystal structure of the complex between calmodulin and alphaII-spectrin' 
_struct.pdbx_model_details        ? 
_struct.pdbx_CASP_flag            ? 
_struct.pdbx_model_type_details   ? 
# 
_struct_keywords.entry_id        2FOT 
_struct_keywords.pdbx_keywords   'METAL BINDING, STRUCTURAL PROTEIN' 
_struct_keywords.text            'calmodulin, calmodulin binding domain, spectrin, METAL BINDING, STRUCTURAL PROTEIN' 
# 
loop_
_struct_asym.id 
_struct_asym.pdbx_blank_PDB_chainid_flag 
_struct_asym.pdbx_modified 
_struct_asym.entity_id 
_struct_asym.details 
A N N 1 ? 
B N N 2 ? 
C N N 3 ? 
D N N 3 ? 
E N N 3 ? 
F N N 3 ? 
G N N 4 ? 
H N N 4 ? 
# 
_struct_biol.id                    1 
_struct_biol.details               'The biological unit is a monomer.' 
_struct_biol.pdbx_parent_biol_id   ? 
# 
loop_
_struct_conf.conf_type_id 
_struct_conf.id 
_struct_conf.pdbx_PDB_helix_id 
_struct_conf.beg_label_comp_id 
_struct_conf.beg_label_asym_id 
_struct_conf.beg_label_seq_id 
_struct_conf.pdbx_beg_PDB_ins_code 
_struct_conf.end_label_comp_id 
_struct_conf.end_label_asym_id 
_struct_conf.end_label_seq_id 
_struct_conf.pdbx_end_PDB_ins_code 
_struct_conf.beg_auth_comp_id 
_struct_conf.beg_auth_asym_id 
_struct_conf.beg_auth_seq_id 
_struct_conf.end_auth_comp_id 
_struct_conf.end_auth_asym_id 
_struct_conf.end_auth_seq_id 
_struct_conf.pdbx_PDB_helix_class 
_struct_conf.details 
_struct_conf.pdbx_PDB_helix_length 
HELX_P HELX_P1 1 GLN A 8   ? ASP A 20  ? GLN A 8    ASP A 20   1 ? 13 
HELX_P HELX_P2 2 THR A 28  ? LEU A 39  ? THR A 28   LEU A 39   1 ? 12 
HELX_P HELX_P3 3 THR A 44  ? GLU A 54  ? THR A 44   GLU A 54   1 ? 11 
HELX_P HELX_P4 4 PHE A 65  ? MET A 72  ? PHE A 65   MET A 72   1 ? 8  
HELX_P HELX_P5 5 SER A 81  ? ASP A 93  ? SER A 81   ASP A 93   1 ? 13 
HELX_P HELX_P6 6 SER A 101 ? GLY A 113 ? SER A 101  GLY A 113  1 ? 13 
HELX_P HELX_P7 7 THR A 117 ? ASP A 129 ? THR A 117  ASP A 129  1 ? 13 
HELX_P HELX_P8 8 ASN A 137 ? THR A 146 ? ASN A 137  THR A 146  1 ? 10 
HELX_P HELX_P9 9 SER B 21  ? ARG B 42  ? SER C 1190 ARG C 1211 1 ? 22 
# 
_struct_conf_type.id          HELX_P 
_struct_conf_type.criteria    ? 
_struct_conf_type.reference   ? 
# 
loop_
_struct_conn.id 
_struct_conn.conn_type_id 
_struct_conn.pdbx_leaving_atom_flag 
_struct_conn.pdbx_PDB_id 
_struct_conn.ptnr1_label_asym_id 
_struct_conn.ptnr1_label_comp_id 
_struct_conn.ptnr1_label_seq_id 
_struct_conn.ptnr1_label_atom_id 
_struct_conn.pdbx_ptnr1_label_alt_id 
_struct_conn.pdbx_ptnr1_PDB_ins_code 
_struct_conn.pdbx_ptnr1_standard_comp_id 
_struct_conn.ptnr1_symmetry 
_struct_conn.ptnr2_label_asym_id 
_struct_conn.ptnr2_label_comp_id 
_struct_conn.ptnr2_label_seq_id 
_struct_conn.ptnr2_label_atom_id 
_struct_conn.pdbx_ptnr2_label_alt_id 
_struct_conn.pdbx_ptnr2_PDB_ins_code 
_struct_conn.ptnr1_auth_asym_id 
_struct_conn.ptnr1_auth_comp_id 
_struct_conn.ptnr1_auth_seq_id 
_struct_conn.ptnr2_auth_asym_id 
_struct_conn.ptnr2_auth_comp_id 
_struct_conn.ptnr2_auth_seq_id 
_struct_conn.ptnr2_symmetry 
_struct_conn.pdbx_ptnr3_label_atom_id 
_struct_conn.pdbx_ptnr3_label_seq_id 
_struct_conn.pdbx_ptnr3_label_comp_id 
_struct_conn.pdbx_ptnr3_label_asym_id 
_struct_conn.pdbx_ptnr3_label_alt_id 
_struct_conn.pdbx_ptnr3_PDB_ins_code 
_struct_conn.details 
_struct_conn.pdbx_dist_value 
_struct_conn.pdbx_value_order 
_struct_conn.pdbx_role 
metalc1  metalc ? ? A ASP 20  OD1 ? ? ? 1_555 C CA  . CA ? ? A ASP 20  A CA  201 1_555 ? ? ? ? ? ? ? 2.303 ? ? 
metalc2  metalc ? ? A ASP 22  OD2 ? ? ? 1_555 C CA  . CA ? ? A ASP 22  A CA  201 1_555 ? ? ? ? ? ? ? 2.369 ? ? 
metalc3  metalc ? ? A ASP 24  OD2 ? ? ? 1_555 C CA  . CA ? ? A ASP 24  A CA  201 1_555 ? ? ? ? ? ? ? 2.654 ? ? 
metalc4  metalc ? ? A THR 26  O   ? ? ? 1_555 C CA  . CA ? ? A THR 26  A CA  201 1_555 ? ? ? ? ? ? ? 2.323 ? ? 
metalc5  metalc ? ? A GLU 31  OE1 ? ? ? 1_555 C CA  . CA ? ? A GLU 31  A CA  201 1_555 ? ? ? ? ? ? ? 2.514 ? ? 
metalc6  metalc ? ? A GLU 31  OE2 ? ? ? 1_555 C CA  . CA ? ? A GLU 31  A CA  201 1_555 ? ? ? ? ? ? ? 2.461 ? ? 
metalc7  metalc ? ? A ASP 56  OD1 ? ? ? 1_555 D CA  . CA ? ? A ASP 56  A CA  202 1_555 ? ? ? ? ? ? ? 2.464 ? ? 
metalc8  metalc ? ? A ASN 60  OD1 ? ? ? 1_555 D CA  . CA ? ? A ASN 60  A CA  202 1_555 ? ? ? ? ? ? ? 3.227 ? ? 
metalc9  metalc ? ? A THR 62  O   ? ? ? 1_555 D CA  . CA ? ? A THR 62  A CA  202 1_555 ? ? ? ? ? ? ? 2.764 ? ? 
metalc10 metalc ? ? A GLU 67  OE1 ? ? ? 1_555 D CA  . CA ? ? A GLU 67  A CA  202 1_555 ? ? ? ? ? ? ? 2.586 ? ? 
metalc11 metalc ? ? A GLU 67  OE2 ? ? ? 1_555 D CA  . CA ? ? A GLU 67  A CA  202 1_555 ? ? ? ? ? ? ? 2.776 ? ? 
metalc12 metalc ? ? A ASP 93  OD1 ? ? ? 1_555 E CA  . CA ? ? A ASP 93  A CA  203 1_555 ? ? ? ? ? ? ? 2.564 ? ? 
metalc13 metalc ? ? A ASP 95  OD2 ? ? ? 1_555 E CA  . CA ? ? A ASP 95  A CA  203 1_555 ? ? ? ? ? ? ? 2.359 ? ? 
metalc14 metalc ? ? A ASN 97  OD1 ? ? ? 1_555 E CA  . CA ? ? A ASN 97  A CA  203 1_555 ? ? ? ? ? ? ? 2.590 ? ? 
metalc15 metalc ? ? A TYR 99  O   ? ? ? 1_555 E CA  . CA ? ? A TYR 99  A CA  203 1_555 ? ? ? ? ? ? ? 2.193 ? ? 
metalc16 metalc ? ? A GLU 104 OE1 ? ? ? 1_555 E CA  . CA ? ? A GLU 104 A CA  203 1_555 ? ? ? ? ? ? ? 2.401 ? ? 
metalc17 metalc ? ? A GLU 104 OE2 ? ? ? 1_555 E CA  . CA ? ? A GLU 104 A CA  203 1_555 ? ? ? ? ? ? ? 2.542 ? ? 
metalc18 metalc ? ? A ASP 129 OD1 ? ? ? 1_555 F CA  . CA ? ? A ASP 129 A CA  204 1_555 ? ? ? ? ? ? ? 2.502 ? ? 
metalc19 metalc ? ? A ASP 131 OD2 ? ? ? 1_555 F CA  . CA ? ? A ASP 131 A CA  204 1_555 ? ? ? ? ? ? ? 2.512 ? ? 
metalc20 metalc ? ? A ASP 131 OD1 ? ? ? 1_555 F CA  . CA ? ? A ASP 131 A CA  204 1_555 ? ? ? ? ? ? ? 3.398 ? ? 
metalc21 metalc ? ? A ASP 133 OD2 ? ? ? 1_555 F CA  . CA ? ? A ASP 133 A CA  204 1_555 ? ? ? ? ? ? ? 2.284 ? ? 
metalc22 metalc ? ? A GLN 135 O   ? ? ? 1_555 F CA  . CA ? ? A GLN 135 A CA  204 1_555 ? ? ? ? ? ? ? 2.420 ? ? 
metalc23 metalc ? ? A GLU 140 OE1 ? ? ? 1_555 F CA  . CA ? ? A GLU 140 A CA  204 1_555 ? ? ? ? ? ? ? 2.338 ? ? 
metalc24 metalc ? ? A GLU 140 OE2 ? ? ? 1_555 F CA  . CA ? ? A GLU 140 A CA  204 1_555 ? ? ? ? ? ? ? 2.555 ? ? 
metalc25 metalc ? ? C CA  .   CA  ? ? ? 1_555 G HOH . O  ? ? A CA  201 A HOH 508 1_555 ? ? ? ? ? ? ? 2.570 ? ? 
metalc26 metalc ? ? D CA  .   CA  ? ? ? 1_555 G HOH . O  ? ? A CA  202 A HOH 551 1_555 ? ? ? ? ? ? ? 2.202 ? ? 
metalc27 metalc ? ? E CA  .   CA  ? ? ? 1_555 G HOH . O  ? ? A CA  203 A HOH 515 1_555 ? ? ? ? ? ? ? 2.368 ? ? 
# 
_struct_conn_type.id          metalc 
_struct_conn_type.criteria    ? 
_struct_conn_type.reference   ? 
# 
_struct_sheet.id               A 
_struct_sheet.type             ? 
_struct_sheet.number_strands   2 
_struct_sheet.details          ? 
# 
_struct_sheet_order.sheet_id     A 
_struct_sheet_order.range_id_1   1 
_struct_sheet_order.range_id_2   2 
_struct_sheet_order.offset       ? 
_struct_sheet_order.sense        anti-parallel 
# 
loop_
_struct_sheet_range.sheet_id 
_struct_sheet_range.id 
_struct_sheet_range.beg_label_comp_id 
_struct_sheet_range.beg_label_asym_id 
_struct_sheet_range.beg_label_seq_id 
_struct_sheet_range.pdbx_beg_PDB_ins_code 
_struct_sheet_range.end_label_comp_id 
_struct_sheet_range.end_label_asym_id 
_struct_sheet_range.end_label_seq_id 
_struct_sheet_range.pdbx_end_PDB_ins_code 
_struct_sheet_range.beg_auth_comp_id 
_struct_sheet_range.beg_auth_asym_id 
_struct_sheet_range.beg_auth_seq_id 
_struct_sheet_range.end_auth_comp_id 
_struct_sheet_range.end_auth_asym_id 
_struct_sheet_range.end_auth_seq_id 
A 1 THR A 26 ? ILE A 27 ? THR A 26 ILE A 27 
A 2 ILE A 63 ? ASP A 64 ? ILE A 63 ASP A 64 
# 
_pdbx_struct_sheet_hbond.sheet_id                A 
_pdbx_struct_sheet_hbond.range_id_1              1 
_pdbx_struct_sheet_hbond.range_id_2              2 
_pdbx_struct_sheet_hbond.range_1_label_atom_id   N 
_pdbx_struct_sheet_hbond.range_1_label_comp_id   ILE 
_pdbx_struct_sheet_hbond.range_1_label_asym_id   A 
_pdbx_struct_sheet_hbond.range_1_label_seq_id    27 
_pdbx_struct_sheet_hbond.range_1_PDB_ins_code    ? 
_pdbx_struct_sheet_hbond.range_1_auth_atom_id    N 
_pdbx_struct_sheet_hbond.range_1_auth_comp_id    ILE 
_pdbx_struct_sheet_hbond.range_1_auth_asym_id    A 
_pdbx_struct_sheet_hbond.range_1_auth_seq_id     27 
_pdbx_struct_sheet_hbond.range_2_label_atom_id   O 
_pdbx_struct_sheet_hbond.range_2_label_comp_id   ILE 
_pdbx_struct_sheet_hbond.range_2_label_asym_id   A 
_pdbx_struct_sheet_hbond.range_2_label_seq_id    63 
_pdbx_struct_sheet_hbond.range_2_PDB_ins_code    ? 
_pdbx_struct_sheet_hbond.range_2_auth_atom_id    O 
_pdbx_struct_sheet_hbond.range_2_auth_comp_id    ILE 
_pdbx_struct_sheet_hbond.range_2_auth_asym_id    A 
_pdbx_struct_sheet_hbond.range_2_auth_seq_id     63 
# 
loop_
_struct_site.id 
_struct_site.pdbx_evidence_code 
_struct_site.pdbx_auth_asym_id 
_struct_site.pdbx_auth_comp_id 
_struct_site.pdbx_auth_seq_id 
_struct_site.pdbx_auth_ins_code 
_struct_site.pdbx_num_residues 
_struct_site.details 
AC1 Software A CA 201 ? 6 'BINDING SITE FOR RESIDUE CA A 201' 
AC2 Software A CA 202 ? 6 'BINDING SITE FOR RESIDUE CA A 202' 
AC3 Software A CA 203 ? 6 'BINDING SITE FOR RESIDUE CA A 203' 
AC4 Software A CA 204 ? 5 'BINDING SITE FOR RESIDUE CA A 204' 
# 
loop_
_struct_site_gen.id 
_struct_site_gen.site_id 
_struct_site_gen.pdbx_num_res 
_struct_site_gen.label_comp_id 
_struct_site_gen.label_asym_id 
_struct_site_gen.label_seq_id 
_struct_site_gen.pdbx_auth_ins_code 
_struct_site_gen.auth_comp_id 
_struct_site_gen.auth_asym_id 
_struct_site_gen.auth_seq_id 
_struct_site_gen.label_atom_id 
_struct_site_gen.label_alt_id 
_struct_site_gen.symmetry 
_struct_site_gen.details 
1  AC1 6 ASP A 20  ? ASP A 20  . ? 1_555 ? 
2  AC1 6 ASP A 22  ? ASP A 22  . ? 1_555 ? 
3  AC1 6 ASP A 24  ? ASP A 24  . ? 1_555 ? 
4  AC1 6 THR A 26  ? THR A 26  . ? 1_555 ? 
5  AC1 6 GLU A 31  ? GLU A 31  . ? 1_555 ? 
6  AC1 6 HOH G .   ? HOH A 508 . ? 1_555 ? 
7  AC2 6 ASP A 56  ? ASP A 56  . ? 1_555 ? 
8  AC2 6 ASP A 58  ? ASP A 58  . ? 1_555 ? 
9  AC2 6 ASN A 60  ? ASN A 60  . ? 1_555 ? 
10 AC2 6 THR A 62  ? THR A 62  . ? 1_555 ? 
11 AC2 6 GLU A 67  ? GLU A 67  . ? 1_555 ? 
12 AC2 6 HOH G .   ? HOH A 551 . ? 1_555 ? 
13 AC3 6 ASP A 93  ? ASP A 93  . ? 1_555 ? 
14 AC3 6 ASP A 95  ? ASP A 95  . ? 1_555 ? 
15 AC3 6 ASN A 97  ? ASN A 97  . ? 1_555 ? 
16 AC3 6 TYR A 99  ? TYR A 99  . ? 1_555 ? 
17 AC3 6 GLU A 104 ? GLU A 104 . ? 1_555 ? 
18 AC3 6 HOH G .   ? HOH A 515 . ? 1_555 ? 
19 AC4 5 ASP A 129 ? ASP A 129 . ? 1_555 ? 
20 AC4 5 ASP A 131 ? ASP A 131 . ? 1_555 ? 
21 AC4 5 ASP A 133 ? ASP A 133 . ? 1_555 ? 
22 AC4 5 GLN A 135 ? GLN A 135 . ? 1_555 ? 
23 AC4 5 GLU A 140 ? GLU A 140 . ? 1_555 ? 
# 
_atom_sites.entry_id                    2FOT 
_atom_sites.fract_transf_matrix[1][1]   0.01938046 
_atom_sites.fract_transf_matrix[1][2]   -0.00956592 
_atom_sites.fract_transf_matrix[1][3]   -0.00653469 
_atom_sites.fract_transf_matrix[2][1]   0.00429034 
_atom_sites.fract_transf_matrix[2][2]   -0.00262917 
_atom_sites.fract_transf_matrix[2][3]   0.01657296 
_atom_sites.fract_transf_matrix[3][1]   -0.00644151 
_atom_sites.fract_transf_matrix[3][2]   -0.01280218 
_atom_sites.fract_transf_matrix[3][3]   -0.00036342 
_atom_sites.fract_transf_vector[1]      0.691606 
_atom_sites.fract_transf_vector[2]      0.340004 
_atom_sites.fract_transf_vector[3]      -0.123309 
# 
loop_
_atom_type.symbol 
C  
CA 
N  
O  
S  
# 
loop_
_atom_site.group_PDB 
_atom_site.id 
_atom_site.type_symbol 
_atom_site.label_atom_id 
_atom_site.label_alt_id 
_atom_site.label_comp_id 
_atom_site.label_asym_id 
_atom_site.label_entity_id 
_atom_site.label_seq_id 
_atom_site.pdbx_PDB_ins_code 
_atom_site.Cartn_x 
_atom_site.Cartn_y 
_atom_site.Cartn_z 
_atom_site.occupancy 
_atom_site.B_iso_or_equiv 
_atom_site.pdbx_formal_charge 
_atom_site.auth_seq_id 
_atom_site.auth_comp_id 
_atom_site.auth_asym_id 
_atom_site.auth_atom_id 
_atom_site.pdbx_PDB_model_num 
ATOM   1    N  N   . GLU A 1 6   ? -14.768 -16.083 -0.190  1.00 84.45 ? 6    GLU A N   1 
ATOM   2    C  CA  . GLU A 1 6   ? -14.665 -16.570 -1.593  1.00 85.19 ? 6    GLU A CA  1 
ATOM   3    C  C   . GLU A 1 6   ? -13.273 -16.312 -2.148  1.00 85.14 ? 6    GLU A C   1 
ATOM   4    O  O   . GLU A 1 6   ? -12.314 -16.163 -1.391  1.00 85.02 ? 6    GLU A O   1 
ATOM   5    C  CB  . GLU A 1 6   ? -15.711 -15.880 -2.468  1.00 85.04 ? 6    GLU A CB  1 
ATOM   6    N  N   . GLU A 1 7   ? -13.176 -16.257 -3.474  1.00 85.51 ? 7    GLU A N   1 
ATOM   7    C  CA  . GLU A 1 7   ? -11.907 -16.017 -4.157  1.00 85.89 ? 7    GLU A CA  1 
ATOM   8    C  C   . GLU A 1 7   ? -11.439 -14.568 -4.025  1.00 85.50 ? 7    GLU A C   1 
ATOM   9    O  O   . GLU A 1 7   ? -10.900 -13.982 -4.965  1.00 85.68 ? 7    GLU A O   1 
ATOM   10   C  CB  . GLU A 1 7   ? -12.019 -16.407 -5.638  1.00 87.16 ? 7    GLU A CB  1 
ATOM   11   C  CG  . GLU A 1 7   ? -11.989 -17.916 -5.904  1.00 88.46 ? 7    GLU A CG  1 
ATOM   12   C  CD  . GLU A 1 7   ? -12.054 -18.753 -4.634  1.00 89.39 ? 7    GLU A CD  1 
ATOM   13   O  OE1 . GLU A 1 7   ? -13.151 -18.873 -4.044  1.00 90.67 ? 7    GLU A OE1 1 
ATOM   14   O  OE2 . GLU A 1 7   ? -11.001 -19.288 -4.224  1.00 89.69 ? 7    GLU A OE2 1 
ATOM   15   N  N   . GLN A 1 8   ? -11.666 -14.002 -2.843  1.00 84.10 ? 8    GLN A N   1 
ATOM   16   C  CA  . GLN A 1 8   ? -11.244 -12.643 -2.518  1.00 81.93 ? 8    GLN A CA  1 
ATOM   17   C  C   . GLN A 1 8   ? -9.803  -12.873 -2.096  1.00 79.69 ? 8    GLN A C   1 
ATOM   18   O  O   . GLN A 1 8   ? -9.071  -11.956 -1.723  1.00 78.97 ? 8    GLN A O   1 
ATOM   19   C  CB  . GLN A 1 8   ? -12.072 -12.114 -1.352  1.00 83.11 ? 8    GLN A CB  1 
ATOM   20   C  CG  . GLN A 1 8   ? -13.339 -12.925 -1.143  1.00 85.28 ? 8    GLN A CG  1 
ATOM   21   C  CD  . GLN A 1 8   ? -14.445 -12.143 -0.485  1.00 86.03 ? 8    GLN A CD  1 
ATOM   22   O  OE1 . GLN A 1 8   ? -14.356 -11.780 0.688   1.00 86.45 ? 8    GLN A OE1 1 
ATOM   23   N  NE2 . GLN A 1 8   ? -15.503 -11.873 -1.240  1.00 86.88 ? 8    GLN A NE2 1 
ATOM   24   N  N   . ILE A 1 9   ? -9.434  -14.149 -2.156  1.00 76.72 ? 9    ILE A N   1 
ATOM   25   C  CA  . ILE A 1 9   ? -8.105  -14.625 -1.839  1.00 74.09 ? 9    ILE A CA  1 
ATOM   26   C  C   . ILE A 1 9   ? -7.278  -14.196 -3.037  1.00 71.94 ? 9    ILE A C   1 
ATOM   27   O  O   . ILE A 1 9   ? -6.054  -14.319 -3.056  1.00 71.17 ? 9    ILE A O   1 
ATOM   28   C  CB  . ILE A 1 9   ? -8.106  -16.155 -1.732  1.00 74.50 ? 9    ILE A CB  1 
ATOM   29   C  CG1 . ILE A 1 9   ? -9.182  -16.593 -0.732  1.00 74.41 ? 9    ILE A CG1 1 
ATOM   30   C  CG2 . ILE A 1 9   ? -6.731  -16.648 -1.307  1.00 75.45 ? 9    ILE A CG2 1 
ATOM   31   C  CD1 . ILE A 1 9   ? -9.309  -18.085 -0.566  1.00 75.53 ? 9    ILE A CD1 1 
ATOM   32   N  N   . ALA A 1 10  ? -7.986  -13.691 -4.042  1.00 70.61 ? 10   ALA A N   1 
ATOM   33   C  CA  . ALA A 1 10  ? -7.376  -13.207 -5.271  1.00 69.15 ? 10   ALA A CA  1 
ATOM   34   C  C   . ALA A 1 10  ? -6.860  -11.785 -5.062  1.00 66.94 ? 10   ALA A C   1 
ATOM   35   O  O   . ALA A 1 10  ? -5.933  -11.342 -5.736  1.00 65.99 ? 10   ALA A O   1 
ATOM   36   C  CB  . ALA A 1 10  ? -8.391  -13.233 -6.403  1.00 68.96 ? 10   ALA A CB  1 
ATOM   37   N  N   . GLU A 1 11  ? -7.470  -11.065 -4.132  1.00 65.64 ? 11   GLU A N   1 
ATOM   38   C  CA  . GLU A 1 11  ? -7.032  -9.711  -3.863  1.00 64.81 ? 11   GLU A CA  1 
ATOM   39   C  C   . GLU A 1 11  ? -5.884  -9.754  -2.862  1.00 62.66 ? 11   GLU A C   1 
ATOM   40   O  O   . GLU A 1 11  ? -4.956  -8.948  -2.943  1.00 63.32 ? 11   GLU A O   1 
ATOM   41   C  CB  . GLU A 1 11  ? -8.197  -8.864  -3.345  1.00 67.19 ? 11   GLU A CB  1 
ATOM   42   C  CG  . GLU A 1 11  ? -8.504  -7.667  -4.238  1.00 70.39 ? 11   GLU A CG  1 
ATOM   43   C  CD  . GLU A 1 11  ? -9.707  -6.865  -3.777  1.00 72.98 ? 11   GLU A CD  1 
ATOM   44   O  OE1 . GLU A 1 11  ? -9.915  -5.747  -4.305  1.00 75.27 ? 11   GLU A OE1 1 
ATOM   45   O  OE2 . GLU A 1 11  ? -10.452 -7.351  -2.896  1.00 73.74 ? 11   GLU A OE2 1 
ATOM   46   N  N   . PHE A 1 12  ? -5.936  -10.700 -1.927  1.00 59.42 ? 12   PHE A N   1 
ATOM   47   C  CA  . PHE A 1 12  ? -4.867  -10.843 -0.948  1.00 56.47 ? 12   PHE A CA  1 
ATOM   48   C  C   . PHE A 1 12  ? -3.628  -11.416 -1.624  1.00 55.31 ? 12   PHE A C   1 
ATOM   49   O  O   . PHE A 1 12  ? -2.504  -11.084 -1.260  1.00 55.63 ? 12   PHE A O   1 
ATOM   50   C  CB  . PHE A 1 12  ? -5.292  -11.760 0.200   1.00 55.49 ? 12   PHE A CB  1 
ATOM   51   C  CG  . PHE A 1 12  ? -6.300  -11.147 1.123   1.00 56.43 ? 12   PHE A CG  1 
ATOM   52   C  CD1 . PHE A 1 12  ? -6.084  -9.889  1.672   1.00 56.84 ? 12   PHE A CD1 1 
ATOM   53   C  CD2 . PHE A 1 12  ? -7.463  -11.830 1.454   1.00 56.66 ? 12   PHE A CD2 1 
ATOM   54   C  CE1 . PHE A 1 12  ? -7.013  -9.316  2.527   1.00 58.05 ? 12   PHE A CE1 1 
ATOM   55   C  CE2 . PHE A 1 12  ? -8.400  -11.267 2.310   1.00 56.52 ? 12   PHE A CE2 1 
ATOM   56   C  CZ  . PHE A 1 12  ? -8.175  -10.008 2.851   1.00 57.59 ? 12   PHE A CZ  1 
ATOM   57   N  N   . LYS A 1 13  ? -3.838  -12.282 -2.612  1.00 53.57 ? 13   LYS A N   1 
ATOM   58   C  CA  . LYS A 1 13  ? -2.720  -12.885 -3.322  1.00 52.68 ? 13   LYS A CA  1 
ATOM   59   C  C   . LYS A 1 13  ? -1.970  -11.773 -4.027  1.00 50.05 ? 13   LYS A C   1 
ATOM   60   O  O   . LYS A 1 13  ? -0.745  -11.769 -4.077  1.00 48.49 ? 13   LYS A O   1 
ATOM   61   C  CB  . LYS A 1 13  ? -3.214  -13.909 -4.344  1.00 54.63 ? 13   LYS A CB  1 
ATOM   62   C  CG  . LYS A 1 13  ? -3.985  -13.296 -5.488  1.00 59.22 ? 13   LYS A CG  1 
ATOM   63   C  CD  . LYS A 1 13  ? -4.245  -14.284 -6.618  1.00 62.31 ? 13   LYS A CD  1 
ATOM   64   C  CE  . LYS A 1 13  ? -5.032  -13.609 -7.718  1.00 62.36 ? 13   LYS A CE  1 
ATOM   65   N  NZ  . LYS A 1 13  ? -4.409  -12.290 -8.038  1.00 64.61 ? 13   LYS A NZ  1 
ATOM   66   N  N   . GLU A 1 14  ? -2.720  -10.820 -4.563  1.00 48.52 ? 14   GLU A N   1 
ATOM   67   C  CA  . GLU A 1 14  ? -2.120  -9.700  -5.261  1.00 48.73 ? 14   GLU A CA  1 
ATOM   68   C  C   . GLU A 1 14  ? -1.445  -8.757  -4.285  1.00 46.61 ? 14   GLU A C   1 
ATOM   69   O  O   . GLU A 1 14  ? -0.373  -8.234  -4.564  1.00 46.24 ? 14   GLU A O   1 
ATOM   70   C  CB  . GLU A 1 14  ? -3.167  -8.937  -6.058  1.00 51.72 ? 14   GLU A CB  1 
ATOM   71   C  CG  . GLU A 1 14  ? -2.549  -7.780  -6.815  1.00 54.71 ? 14   GLU A CG  1 
ATOM   72   C  CD  . GLU A 1 14  ? -3.568  -6.920  -7.519  1.00 57.20 ? 14   GLU A CD  1 
ATOM   73   O  OE1 . GLU A 1 14  ? -3.255  -5.734  -7.746  1.00 58.77 ? 14   GLU A OE1 1 
ATOM   74   O  OE2 . GLU A 1 14  ? -4.666  -7.424  -7.845  1.00 57.69 ? 14   GLU A OE2 1 
ATOM   75   N  N   . ALA A 1 15  ? -2.091  -8.532  -3.147  1.00 44.25 ? 15   ALA A N   1 
ATOM   76   C  CA  . ALA A 1 15  ? -1.532  -7.675  -2.111  1.00 41.81 ? 15   ALA A CA  1 
ATOM   77   C  C   . ALA A 1 15  ? -0.214  -8.306  -1.680  1.00 39.42 ? 15   ALA A C   1 
ATOM   78   O  O   . ALA A 1 15  ? 0.798   -7.627  -1.536  1.00 36.08 ? 15   ALA A O   1 
ATOM   79   C  CB  . ALA A 1 15  ? -2.497  -7.590  -0.925  1.00 41.68 ? 15   ALA A CB  1 
ATOM   80   N  N   . PHE A 1 16  ? -0.243  -9.624  -1.497  1.00 38.20 ? 16   PHE A N   1 
ATOM   81   C  CA  . PHE A 1 16  ? 0.932   -10.391 -1.092  1.00 38.47 ? 16   PHE A CA  1 
ATOM   82   C  C   . PHE A 1 16  ? 2.080   -10.223 -2.097  1.00 39.83 ? 16   PHE A C   1 
ATOM   83   O  O   . PHE A 1 16  ? 3.251   -10.157 -1.725  1.00 40.31 ? 16   PHE A O   1 
ATOM   84   C  CB  . PHE A 1 16  ? 0.562   -11.878 -0.992  1.00 35.35 ? 16   PHE A CB  1 
ATOM   85   C  CG  . PHE A 1 16  ? 1.714   -12.757 -0.592  1.00 33.67 ? 16   PHE A CG  1 
ATOM   86   C  CD1 . PHE A 1 16  ? 1.997   -12.992 0.755   1.00 32.56 ? 16   PHE A CD1 1 
ATOM   87   C  CD2 . PHE A 1 16  ? 2.548   -13.317 -1.563  1.00 32.51 ? 16   PHE A CD2 1 
ATOM   88   C  CE1 . PHE A 1 16  ? 3.099   -13.737 1.133   1.00 29.08 ? 16   PHE A CE1 1 
ATOM   89   C  CE2 . PHE A 1 16  ? 3.652   -14.062 -1.196  1.00 32.56 ? 16   PHE A CE2 1 
ATOM   90   C  CZ  . PHE A 1 16  ? 3.924   -14.281 0.161   1.00 31.71 ? 16   PHE A CZ  1 
ATOM   91   N  N   . SER A 1 17  ? 1.731   -10.164 -3.377  1.00 41.11 ? 17   SER A N   1 
ATOM   92   C  CA  . SER A 1 17  ? 2.722   -10.029 -4.441  1.00 41.95 ? 17   SER A CA  1 
ATOM   93   C  C   . SER A 1 17  ? 3.360   -8.636  -4.492  1.00 41.27 ? 17   SER A C   1 
ATOM   94   O  O   . SER A 1 17  ? 4.481   -8.476  -4.988  1.00 40.84 ? 17   SER A O   1 
ATOM   95   C  CB  . SER A 1 17  ? 2.079   -10.335 -5.792  1.00 42.64 ? 17   SER A CB  1 
ATOM   96   O  OG  . SER A 1 17  ? 1.428   -9.180  -6.297  1.00 45.54 ? 17   SER A OG  1 
ATOM   97   N  N   . LEU A 1 18  ? 2.637   -7.631  -4.006  1.00 40.08 ? 18   LEU A N   1 
ATOM   98   C  CA  . LEU A 1 18  ? 3.156   -6.269  -3.988  1.00 39.67 ? 18   LEU A CA  1 
ATOM   99   C  C   . LEU A 1 18  ? 4.261   -6.189  -2.930  1.00 40.69 ? 18   LEU A C   1 
ATOM   100  O  O   . LEU A 1 18  ? 5.187   -5.377  -3.028  1.00 41.66 ? 18   LEU A O   1 
ATOM   101  C  CB  . LEU A 1 18  ? 2.024   -5.286  -3.676  1.00 39.48 ? 18   LEU A CB  1 
ATOM   102  C  CG  . LEU A 1 18  ? 0.915   -5.198  -4.737  1.00 38.95 ? 18   LEU A CG  1 
ATOM   103  C  CD1 . LEU A 1 18  ? -0.315  -4.507  -4.169  1.00 37.56 ? 18   LEU A CD1 1 
ATOM   104  C  CD2 . LEU A 1 18  ? 1.441   -4.466  -5.954  1.00 37.11 ? 18   LEU A CD2 1 
ATOM   105  N  N   . PHE A 1 19  ? 4.150   -7.052  -1.922  1.00 40.18 ? 19   PHE A N   1 
ATOM   106  C  CA  . PHE A 1 19  ? 5.122   -7.141  -0.845  1.00 39.03 ? 19   PHE A CA  1 
ATOM   107  C  C   . PHE A 1 19  ? 6.191   -8.148  -1.255  1.00 41.34 ? 19   PHE A C   1 
ATOM   108  O  O   . PHE A 1 19  ? 7.384   -7.856  -1.203  1.00 41.75 ? 19   PHE A O   1 
ATOM   109  C  CB  . PHE A 1 19  ? 4.427   -7.578  0.446   1.00 35.62 ? 19   PHE A CB  1 
ATOM   110  C  CG  . PHE A 1 19  ? 3.648   -6.480  1.114   1.00 33.12 ? 19   PHE A CG  1 
ATOM   111  C  CD1 . PHE A 1 19  ? 4.239   -5.684  2.082   1.00 32.92 ? 19   PHE A CD1 1 
ATOM   112  C  CD2 . PHE A 1 19  ? 2.351   -6.189  0.718   1.00 30.56 ? 19   PHE A CD2 1 
ATOM   113  C  CE1 . PHE A 1 19  ? 3.545   -4.616  2.642   1.00 31.11 ? 19   PHE A CE1 1 
ATOM   114  C  CE2 . PHE A 1 19  ? 1.654   -5.129  1.270   1.00 29.22 ? 19   PHE A CE2 1 
ATOM   115  C  CZ  . PHE A 1 19  ? 2.252   -4.339  2.227   1.00 31.03 ? 19   PHE A CZ  1 
ATOM   116  N  N   . ASP A 1 20  ? 5.758   -9.333  -1.677  1.00 43.28 ? 20   ASP A N   1 
ATOM   117  C  CA  . ASP A 1 20  ? 6.678   -10.372 -2.123  1.00 45.26 ? 20   ASP A CA  1 
ATOM   118  C  C   . ASP A 1 20  ? 7.223   -9.917  -3.469  1.00 47.10 ? 20   ASP A C   1 
ATOM   119  O  O   . ASP A 1 20  ? 6.861   -10.441 -4.515  1.00 47.08 ? 20   ASP A O   1 
ATOM   120  C  CB  . ASP A 1 20  ? 5.924   -11.693 -2.244  1.00 44.57 ? 20   ASP A CB  1 
ATOM   121  C  CG  . ASP A 1 20  ? 6.787   -12.819 -2.774  1.00 43.86 ? 20   ASP A CG  1 
ATOM   122  O  OD1 . ASP A 1 20  ? 7.994   -12.853 -2.448  1.00 42.48 ? 20   ASP A OD1 1 
ATOM   123  O  OD2 . ASP A 1 20  ? 6.242   -13.674 -3.509  1.00 41.94 ? 20   ASP A OD2 1 
ATOM   124  N  N   . LYS A 1 21  ? 8.096   -8.916  -3.420  1.00 49.90 ? 21   LYS A N   1 
ATOM   125  C  CA  . LYS A 1 21  ? 8.689   -8.320  -4.613  1.00 51.34 ? 21   LYS A CA  1 
ATOM   126  C  C   . LYS A 1 21  ? 9.493   -9.254  -5.506  1.00 51.60 ? 21   LYS A C   1 
ATOM   127  O  O   . LYS A 1 21  ? 9.274   -9.277  -6.716  1.00 53.12 ? 21   LYS A O   1 
ATOM   128  C  CB  . LYS A 1 21  ? 9.534   -7.108  -4.212  1.00 51.71 ? 21   LYS A CB  1 
ATOM   129  C  CG  . LYS A 1 21  ? 8.713   -6.030  -3.533  1.00 51.39 ? 21   LYS A CG  1 
ATOM   130  C  CD  . LYS A 1 21  ? 9.521   -4.777  -3.250  1.00 53.26 ? 21   LYS A CD  1 
ATOM   131  C  CE  . LYS A 1 21  ? 9.898   -4.055  -4.535  1.00 55.14 ? 21   LYS A CE  1 
ATOM   132  N  NZ  . LYS A 1 21  ? 10.613  -2.755  -4.265  1.00 54.53 ? 21   LYS A NZ  1 
ATOM   133  N  N   . ASP A 1 22  ? 10.421  -10.018 -4.935  1.00 52.02 ? 22   ASP A N   1 
ATOM   134  C  CA  . ASP A 1 22  ? 11.206  -10.945 -5.750  1.00 52.37 ? 22   ASP A CA  1 
ATOM   135  C  C   . ASP A 1 22  ? 10.392  -12.216 -6.060  1.00 51.72 ? 22   ASP A C   1 
ATOM   136  O  O   . ASP A 1 22  ? 10.891  -13.163 -6.670  1.00 51.45 ? 22   ASP A O   1 
ATOM   137  C  CB  . ASP A 1 22  ? 12.524  -11.308 -5.051  1.00 52.43 ? 22   ASP A CB  1 
ATOM   138  C  CG  . ASP A 1 22  ? 12.313  -12.044 -3.749  1.00 54.10 ? 22   ASP A CG  1 
ATOM   139  O  OD1 . ASP A 1 22  ? 13.282  -12.662 -3.260  1.00 54.98 ? 22   ASP A OD1 1 
ATOM   140  O  OD2 . ASP A 1 22  ? 11.189  -12.000 -3.208  1.00 56.00 ? 22   ASP A OD2 1 
ATOM   141  N  N   . GLY A 1 23  ? 9.131   -12.215 -5.639  1.00 51.41 ? 23   GLY A N   1 
ATOM   142  C  CA  . GLY A 1 23  ? 8.254   -13.345 -5.881  1.00 49.47 ? 23   GLY A CA  1 
ATOM   143  C  C   . GLY A 1 23  ? 8.834   -14.704 -5.556  1.00 48.63 ? 23   GLY A C   1 
ATOM   144  O  O   . GLY A 1 23  ? 8.703   -15.637 -6.352  1.00 49.00 ? 23   GLY A O   1 
ATOM   145  N  N   . ASP A 1 24  ? 9.474   -14.829 -4.395  1.00 46.88 ? 24   ASP A N   1 
ATOM   146  C  CA  . ASP A 1 24  ? 10.044  -16.109 -4.000  1.00 45.30 ? 24   ASP A CA  1 
ATOM   147  C  C   . ASP A 1 24  ? 9.079   -16.821 -3.051  1.00 44.72 ? 24   ASP A C   1 
ATOM   148  O  O   . ASP A 1 24  ? 9.418   -17.820 -2.418  1.00 43.34 ? 24   ASP A O   1 
ATOM   149  C  CB  . ASP A 1 24  ? 11.420  -15.913 -3.353  1.00 46.13 ? 24   ASP A CB  1 
ATOM   150  C  CG  . ASP A 1 24  ? 11.339  -15.447 -1.917  1.00 46.23 ? 24   ASP A CG  1 
ATOM   151  O  OD1 . ASP A 1 24  ? 11.202  -16.298 -1.022  1.00 50.29 ? 24   ASP A OD1 1 
ATOM   152  O  OD2 . ASP A 1 24  ? 11.408  -14.232 -1.675  1.00 45.85 ? 24   ASP A OD2 1 
ATOM   153  N  N   . GLY A 1 25  ? 7.866   -16.284 -2.961  1.00 44.18 ? 25   GLY A N   1 
ATOM   154  C  CA  . GLY A 1 25  ? 6.834   -16.885 -2.133  1.00 42.60 ? 25   GLY A CA  1 
ATOM   155  C  C   . GLY A 1 25  ? 6.716   -16.436 -0.693  1.00 42.22 ? 25   GLY A C   1 
ATOM   156  O  O   . GLY A 1 25  ? 5.775   -16.821 -0.002  1.00 42.20 ? 25   GLY A O   1 
ATOM   157  N  N   . THR A 1 26  ? 7.648   -15.611 -0.237  1.00 40.72 ? 26   THR A N   1 
ATOM   158  C  CA  . THR A 1 26  ? 7.628   -15.164 1.148   1.00 42.33 ? 26   THR A CA  1 
ATOM   159  C  C   . THR A 1 26  ? 7.984   -13.694 1.324   1.00 41.58 ? 26   THR A C   1 
ATOM   160  O  O   . THR A 1 26  ? 8.719   -13.123 0.512   1.00 42.11 ? 26   THR A O   1 
ATOM   161  C  CB  . THR A 1 26  ? 8.609   -16.001 2.007   1.00 43.40 ? 26   THR A CB  1 
ATOM   162  O  OG1 . THR A 1 26  ? 9.935   -15.897 1.469   1.00 44.47 ? 26   THR A OG1 1 
ATOM   163  C  CG2 . THR A 1 26  ? 8.189   -17.459 2.021   1.00 44.22 ? 26   THR A CG2 1 
ATOM   164  N  N   . ILE A 1 27  ? 7.453   -13.089 2.386   1.00 39.63 ? 27   ILE A N   1 
ATOM   165  C  CA  . ILE A 1 27  ? 7.725   -11.696 2.699   1.00 38.97 ? 27   ILE A CA  1 
ATOM   166  C  C   . ILE A 1 27  ? 8.793   -11.689 3.785   1.00 39.57 ? 27   ILE A C   1 
ATOM   167  O  O   . ILE A 1 27  ? 8.659   -12.386 4.793   1.00 39.58 ? 27   ILE A O   1 
ATOM   168  C  CB  . ILE A 1 27  ? 6.487   -10.974 3.279   1.00 39.10 ? 27   ILE A CB  1 
ATOM   169  C  CG1 . ILE A 1 27  ? 5.260   -11.228 2.414   1.00 37.63 ? 27   ILE A CG1 1 
ATOM   170  C  CG2 . ILE A 1 27  ? 6.768   -9.478  3.410   1.00 36.84 ? 27   ILE A CG2 1 
ATOM   171  C  CD1 . ILE A 1 27  ? 5.413   -10.785 1.014   1.00 41.77 ? 27   ILE A CD1 1 
ATOM   172  N  N   . THR A 1 28  ? 9.847   -10.903 3.586   1.00 40.08 ? 28   THR A N   1 
ATOM   173  C  CA  . THR A 1 28  ? 10.919  -10.804 4.578   1.00 41.36 ? 28   THR A CA  1 
ATOM   174  C  C   . THR A 1 28  ? 10.844  -9.471  5.330   1.00 41.52 ? 28   THR A C   1 
ATOM   175  O  O   . THR A 1 28  ? 10.000  -8.627  5.024   1.00 41.58 ? 28   THR A O   1 
ATOM   176  C  CB  . THR A 1 28  ? 12.310  -10.901 3.920   1.00 41.06 ? 28   THR A CB  1 
ATOM   177  O  OG1 . THR A 1 28  ? 12.570  -9.713  3.163   1.00 40.22 ? 28   THR A OG1 1 
ATOM   178  C  CG2 . THR A 1 28  ? 12.375  -12.106 3.003   1.00 40.08 ? 28   THR A CG2 1 
ATOM   179  N  N   . THR A 1 29  ? 11.727  -9.293  6.311   1.00 41.75 ? 29   THR A N   1 
ATOM   180  C  CA  . THR A 1 29  ? 11.770  -8.065  7.100   1.00 41.70 ? 29   THR A CA  1 
ATOM   181  C  C   . THR A 1 29  ? 12.084  -6.876  6.201   1.00 42.96 ? 29   THR A C   1 
ATOM   182  O  O   . THR A 1 29  ? 11.386  -5.854  6.241   1.00 42.61 ? 29   THR A O   1 
ATOM   183  C  CB  . THR A 1 29  ? 12.835  -8.136  8.225   1.00 41.10 ? 29   THR A CB  1 
ATOM   184  O  OG1 . THR A 1 29  ? 14.094  -8.532  7.670   1.00 42.55 ? 29   THR A OG1 1 
ATOM   185  C  CG2 . THR A 1 29  ? 12.420  -9.130  9.304   1.00 39.68 ? 29   THR A CG2 1 
ATOM   186  N  N   . LYS A 1 30  ? 13.130  -7.014  5.385   1.00 44.12 ? 30   LYS A N   1 
ATOM   187  C  CA  . LYS A 1 30  ? 13.538  -5.949  4.460   1.00 44.85 ? 30   LYS A CA  1 
ATOM   188  C  C   . LYS A 1 30  ? 12.387  -5.606  3.510   1.00 44.32 ? 30   LYS A C   1 
ATOM   189  O  O   . LYS A 1 30  ? 11.954  -4.453  3.406   1.00 45.43 ? 30   LYS A O   1 
ATOM   190  C  CB  . LYS A 1 30  ? 14.743  -6.397  3.617   1.00 47.52 ? 30   LYS A CB  1 
ATOM   191  C  CG  . LYS A 1 30  ? 15.870  -7.037  4.417   1.00 51.65 ? 30   LYS A CG  1 
ATOM   192  C  CD  . LYS A 1 30  ? 16.993  -7.552  3.518   1.00 52.77 ? 30   LYS A CD  1 
ATOM   193  C  CE  . LYS A 1 30  ? 17.814  -6.424  2.906   1.00 54.02 ? 30   LYS A CE  1 
ATOM   194  N  NZ  . LYS A 1 30  ? 18.982  -6.950  2.127   1.00 54.71 ? 30   LYS A NZ  1 
ATOM   195  N  N   . GLU A 1 31  ? 11.906  -6.632  2.820   1.00 40.20 ? 31   GLU A N   1 
ATOM   196  C  CA  . GLU A 1 31  ? 10.831  -6.505  1.854   1.00 36.44 ? 31   GLU A CA  1 
ATOM   197  C  C   . GLU A 1 31  ? 9.592   -5.824  2.436   1.00 34.77 ? 31   GLU A C   1 
ATOM   198  O  O   . GLU A 1 31  ? 8.775   -5.267  1.700   1.00 34.27 ? 31   GLU A O   1 
ATOM   199  C  CB  . GLU A 1 31  ? 10.480  -7.896  1.349   1.00 36.57 ? 31   GLU A CB  1 
ATOM   200  C  CG  . GLU A 1 31  ? 10.193  -7.997  -0.119  1.00 35.60 ? 31   GLU A CG  1 
ATOM   201  C  CD  . GLU A 1 31  ? 9.936   -9.423  -0.522  1.00 37.56 ? 31   GLU A CD  1 
ATOM   202  O  OE1 . GLU A 1 31  ? 9.678   -9.664  -1.720  1.00 38.19 ? 31   GLU A OE1 1 
ATOM   203  O  OE2 . GLU A 1 31  ? 9.992   -10.302 0.369   1.00 37.81 ? 31   GLU A OE2 1 
ATOM   204  N  N   . LEU A 1 32  ? 9.450   -5.879  3.756   1.00 32.53 ? 32   LEU A N   1 
ATOM   205  C  CA  . LEU A 1 32  ? 8.311   -5.256  4.422   1.00 30.64 ? 32   LEU A CA  1 
ATOM   206  C  C   . LEU A 1 32  ? 8.649   -3.813  4.739   1.00 31.26 ? 32   LEU A C   1 
ATOM   207  O  O   . LEU A 1 32  ? 7.816   -2.917  4.578   1.00 31.16 ? 32   LEU A O   1 
ATOM   208  C  CB  . LEU A 1 32  ? 7.982   -5.991  5.726   1.00 28.07 ? 32   LEU A CB  1 
ATOM   209  C  CG  . LEU A 1 32  ? 6.886   -5.395  6.611   1.00 24.58 ? 32   LEU A CG  1 
ATOM   210  C  CD1 . LEU A 1 32  ? 5.546   -5.474  5.906   1.00 28.56 ? 32   LEU A CD1 1 
ATOM   211  C  CD2 . LEU A 1 32  ? 6.838   -6.133  7.915   1.00 22.45 ? 32   LEU A CD2 1 
ATOM   212  N  N   . GLY A 1 33  ? 9.878   -3.599  5.201   1.00 31.01 ? 33   GLY A N   1 
ATOM   213  C  CA  . GLY A 1 33  ? 10.324  -2.260  5.544   1.00 32.46 ? 33   GLY A CA  1 
ATOM   214  C  C   . GLY A 1 33  ? 10.277  -1.303  4.370   1.00 32.96 ? 33   GLY A C   1 
ATOM   215  O  O   . GLY A 1 33  ? 9.784   -0.172  4.501   1.00 33.09 ? 33   GLY A O   1 
ATOM   216  N  N   . THR A 1 34  ? 10.771  -1.759  3.218   1.00 32.68 ? 34   THR A N   1 
ATOM   217  C  CA  . THR A 1 34  ? 10.790  -0.929  2.021   1.00 32.64 ? 34   THR A CA  1 
ATOM   218  C  C   . THR A 1 34  ? 9.391   -0.476  1.592   1.00 31.66 ? 34   THR A C   1 
ATOM   219  O  O   . THR A 1 34  ? 9.201   0.701   1.231   1.00 31.69 ? 34   THR A O   1 
ATOM   220  C  CB  . THR A 1 34  ? 11.522  -1.645  0.829   1.00 32.81 ? 34   THR A CB  1 
ATOM   221  O  OG1 . THR A 1 34  ? 10.571  -2.136  -0.115  1.00 34.19 ? 34   THR A OG1 1 
ATOM   222  C  CG2 . THR A 1 34  ? 12.351  -2.802  1.337   1.00 32.23 ? 34   THR A CG2 1 
ATOM   223  N  N   . VAL A 1 35  ? 8.410   -1.381  1.625   1.00 28.69 ? 35   VAL A N   1 
ATOM   224  C  CA  . VAL A 1 35  ? 7.057   -0.976  1.246   1.00 29.34 ? 35   VAL A CA  1 
ATOM   225  C  C   . VAL A 1 35  ? 6.517   0.036   2.248   1.00 29.06 ? 35   VAL A C   1 
ATOM   226  O  O   . VAL A 1 35  ? 5.898   1.020   1.859   1.00 29.67 ? 35   VAL A O   1 
ATOM   227  C  CB  . VAL A 1 35  ? 6.069   -2.170  1.150   1.00 27.82 ? 35   VAL A CB  1 
ATOM   228  C  CG1 . VAL A 1 35  ? 4.663   -1.648  0.957   1.00 26.85 ? 35   VAL A CG1 1 
ATOM   229  C  CG2 . VAL A 1 35  ? 6.427   -3.058  -0.036  1.00 28.74 ? 35   VAL A CG2 1 
ATOM   230  N  N   . MET A 1 36  ? 6.754   -0.205  3.533   1.00 29.34 ? 36   MET A N   1 
ATOM   231  C  CA  . MET A 1 36  ? 6.298   0.699   4.578   1.00 31.70 ? 36   MET A CA  1 
ATOM   232  C  C   . MET A 1 36  ? 6.964   2.066   4.483   1.00 33.45 ? 36   MET A C   1 
ATOM   233  O  O   . MET A 1 36  ? 6.376   3.081   4.873   1.00 32.95 ? 36   MET A O   1 
ATOM   234  C  CB  . MET A 1 36  ? 6.562   0.083   5.948   1.00 31.89 ? 36   MET A CB  1 
ATOM   235  C  CG  . MET A 1 36  ? 5.613   -1.058  6.275   1.00 31.64 ? 36   MET A CG  1 
ATOM   236  S  SD  . MET A 1 36  ? 5.848   -1.696  7.919   1.00 32.20 ? 36   MET A SD  1 
ATOM   237  C  CE  . MET A 1 36  ? 5.245   -0.305  8.890   1.00 33.40 ? 36   MET A CE  1 
ATOM   238  N  N   . ARG A 1 37  ? 8.196   2.082   3.976   1.00 34.86 ? 37   ARG A N   1 
ATOM   239  C  CA  . ARG A 1 37  ? 8.946   3.316   3.799   1.00 35.66 ? 37   ARG A CA  1 
ATOM   240  C  C   . ARG A 1 37  ? 8.419   4.080   2.608   1.00 34.90 ? 37   ARG A C   1 
ATOM   241  O  O   . ARG A 1 37  ? 8.300   5.297   2.651   1.00 33.77 ? 37   ARG A O   1 
ATOM   242  C  CB  . ARG A 1 37  ? 10.430  3.030   3.584   1.00 37.05 ? 37   ARG A CB  1 
ATOM   243  C  CG  . ARG A 1 37  ? 11.218  2.885   4.872   1.00 39.67 ? 37   ARG A CG  1 
ATOM   244  C  CD  . ARG A 1 37  ? 12.704  3.084   4.600   1.00 40.37 ? 37   ARG A CD  1 
ATOM   245  N  NE  . ARG A 1 37  ? 13.259  2.050   3.734   1.00 42.81 ? 37   ARG A NE  1 
ATOM   246  C  CZ  . ARG A 1 37  ? 13.539  0.817   4.140   1.00 43.50 ? 37   ARG A CZ  1 
ATOM   247  N  NH1 . ARG A 1 37  ? 13.318  0.474   5.406   1.00 42.84 ? 37   ARG A NH1 1 
ATOM   248  N  NH2 . ARG A 1 37  ? 14.031  -0.070  3.282   1.00 42.25 ? 37   ARG A NH2 1 
ATOM   249  N  N   . SER A 1 38  ? 8.117   3.361   1.533   1.00 35.38 ? 38   SER A N   1 
ATOM   250  C  CA  . SER A 1 38  ? 7.599   3.994   0.329   1.00 35.85 ? 38   SER A CA  1 
ATOM   251  C  C   . SER A 1 38  ? 6.269   4.655   0.641   1.00 35.56 ? 38   SER A C   1 
ATOM   252  O  O   . SER A 1 38  ? 5.807   5.516   -0.106  1.00 36.59 ? 38   SER A O   1 
ATOM   253  C  CB  . SER A 1 38  ? 7.420   2.966   -0.788  1.00 36.89 ? 38   SER A CB  1 
ATOM   254  O  OG  . SER A 1 38  ? 6.489   1.967   -0.419  1.00 39.06 ? 38   SER A OG  1 
ATOM   255  N  N   . LEU A 1 39  ? 5.653   4.253   1.749   1.00 34.28 ? 39   LEU A N   1 
ATOM   256  C  CA  . LEU A 1 39  ? 4.379   4.832   2.147   1.00 32.03 ? 39   LEU A CA  1 
ATOM   257  C  C   . LEU A 1 39  ? 4.489   5.809   3.329   1.00 30.93 ? 39   LEU A C   1 
ATOM   258  O  O   . LEU A 1 39  ? 3.533   6.022   4.073   1.00 30.48 ? 39   LEU A O   1 
ATOM   259  C  CB  . LEU A 1 39  ? 3.372   3.718   2.445   1.00 31.27 ? 39   LEU A CB  1 
ATOM   260  C  CG  . LEU A 1 39  ? 2.889   2.929   1.217   1.00 31.55 ? 39   LEU A CG  1 
ATOM   261  C  CD1 . LEU A 1 39  ? 1.826   1.929   1.651   1.00 31.01 ? 39   LEU A CD1 1 
ATOM   262  C  CD2 . LEU A 1 39  ? 2.303   3.862   0.157   1.00 28.99 ? 39   LEU A CD2 1 
ATOM   263  N  N   . GLY A 1 40  ? 5.671   6.384   3.506   1.00 31.30 ? 40   GLY A N   1 
ATOM   264  C  CA  . GLY A 1 40  ? 5.872   7.374   4.547   1.00 33.19 ? 40   GLY A CA  1 
ATOM   265  C  C   . GLY A 1 40  ? 6.184   6.947   5.973   1.00 33.11 ? 40   GLY A C   1 
ATOM   266  O  O   . GLY A 1 40  ? 6.193   7.795   6.875   1.00 35.67 ? 40   GLY A O   1 
ATOM   267  N  N   . GLN A 1 41  ? 6.439   5.664   6.206   1.00 30.30 ? 41   GLN A N   1 
ATOM   268  C  CA  . GLN A 1 41  ? 6.749   5.228   7.557   1.00 27.01 ? 41   GLN A CA  1 
ATOM   269  C  C   . GLN A 1 41  ? 8.240   4.976   7.781   1.00 26.48 ? 41   GLN A C   1 
ATOM   270  O  O   . GLN A 1 41  ? 9.019   4.838   6.828   1.00 24.41 ? 41   GLN A O   1 
ATOM   271  C  CB  . GLN A 1 41  ? 5.930   3.986   7.907   1.00 24.60 ? 41   GLN A CB  1 
ATOM   272  C  CG  . GLN A 1 41  ? 4.455   4.221   7.715   1.00 23.73 ? 41   GLN A CG  1 
ATOM   273  C  CD  . GLN A 1 41  ? 3.591   3.292   8.522   1.00 21.60 ? 41   GLN A CD  1 
ATOM   274  O  OE1 . GLN A 1 41  ? 2.386   3.239   8.310   1.00 19.99 ? 41   GLN A OE1 1 
ATOM   275  N  NE2 . GLN A 1 41  ? 4.194   2.563   9.463   1.00 21.51 ? 41   GLN A NE2 1 
ATOM   276  N  N   . ASN A 1 42  ? 8.616   4.922   9.058   1.00 25.57 ? 42   ASN A N   1 
ATOM   277  C  CA  . ASN A 1 42  ? 9.992   4.719   9.469   1.00 27.90 ? 42   ASN A CA  1 
ATOM   278  C  C   . ASN A 1 42  ? 10.103  3.658   10.541  1.00 29.53 ? 42   ASN A C   1 
ATOM   279  O  O   . ASN A 1 42  ? 10.666  3.896   11.594  1.00 29.89 ? 42   ASN A O   1 
ATOM   280  C  CB  . ASN A 1 42  ? 10.569  6.028   10.003  1.00 31.05 ? 42   ASN A CB  1 
ATOM   281  C  CG  . ASN A 1 42  ? 11.195  6.866   8.923   1.00 36.10 ? 42   ASN A CG  1 
ATOM   282  O  OD1 . ASN A 1 42  ? 12.427  6.949   8.844   1.00 39.81 ? 42   ASN A OD1 1 
ATOM   283  N  ND2 . ASN A 1 42  ? 10.360  7.488   8.070   1.00 34.13 ? 42   ASN A ND2 1 
ATOM   284  N  N   . PRO A 1 43  ? 9.586   2.456   10.283  1.00 30.96 ? 43   PRO A N   1 
ATOM   285  C  CA  . PRO A 1 43  ? 9.685   1.415   11.315  1.00 33.68 ? 43   PRO A CA  1 
ATOM   286  C  C   . PRO A 1 43  ? 11.136  1.019   11.631  1.00 34.77 ? 43   PRO A C   1 
ATOM   287  O  O   . PRO A 1 43  ? 12.010  1.090   10.767  1.00 35.63 ? 43   PRO A O   1 
ATOM   288  C  CB  . PRO A 1 43  ? 8.870   0.262   10.712  1.00 33.19 ? 43   PRO A CB  1 
ATOM   289  C  CG  . PRO A 1 43  ? 9.112   0.427   9.222   1.00 31.49 ? 43   PRO A CG  1 
ATOM   290  C  CD  . PRO A 1 43  ? 9.028   1.925   9.021   1.00 30.79 ? 43   PRO A CD  1 
ATOM   291  N  N   . THR A 1 44  ? 11.398  0.624   12.869  1.00 36.36 ? 44   THR A N   1 
ATOM   292  C  CA  . THR A 1 44  ? 12.748  0.211   13.238  1.00 40.29 ? 44   THR A CA  1 
ATOM   293  C  C   . THR A 1 44  ? 12.927  -1.251  12.870  1.00 41.39 ? 44   THR A C   1 
ATOM   294  O  O   . THR A 1 44  ? 11.956  -1.936  12.549  1.00 43.22 ? 44   THR A O   1 
ATOM   295  C  CB  . THR A 1 44  ? 13.009  0.351   14.748  1.00 42.54 ? 44   THR A CB  1 
ATOM   296  O  OG1 . THR A 1 44  ? 12.016  -0.386  15.473  1.00 42.98 ? 44   THR A OG1 1 
ATOM   297  C  CG2 . THR A 1 44  ? 12.990  1.826   15.168  1.00 41.56 ? 44   THR A CG2 1 
ATOM   298  N  N   . GLU A 1 45  ? 14.164  -1.730  12.904  1.00 41.72 ? 45   GLU A N   1 
ATOM   299  C  CA  . GLU A 1 45  ? 14.422  -3.128  12.576  1.00 42.47 ? 45   GLU A CA  1 
ATOM   300  C  C   . GLU A 1 45  ? 13.666  -4.050  13.531  1.00 41.89 ? 45   GLU A C   1 
ATOM   301  O  O   . GLU A 1 45  ? 13.181  -5.108  13.138  1.00 40.19 ? 45   GLU A O   1 
ATOM   302  C  CB  . GLU A 1 45  ? 15.919  -3.437  12.668  1.00 43.74 ? 45   GLU A CB  1 
ATOM   303  C  CG  . GLU A 1 45  ? 16.228  -4.926  12.696  1.00 43.73 ? 45   GLU A CG  1 
ATOM   304  C  CD  . GLU A 1 45  ? 15.827  -5.628  11.410  1.00 46.91 ? 45   GLU A CD  1 
ATOM   305  O  OE1 . GLU A 1 45  ? 15.597  -6.863  11.451  1.00 46.26 ? 45   GLU A OE1 1 
ATOM   306  O  OE2 . GLU A 1 45  ? 15.755  -4.943  10.358  1.00 47.68 ? 45   GLU A OE2 1 
ATOM   307  N  N   . ALA A 1 46  ? 13.580  -3.638  14.792  1.00 41.10 ? 46   ALA A N   1 
ATOM   308  C  CA  . ALA A 1 46  ? 12.893  -4.427  15.810  1.00 39.02 ? 46   ALA A CA  1 
ATOM   309  C  C   . ALA A 1 46  ? 11.412  -4.558  15.481  1.00 37.51 ? 46   ALA A C   1 
ATOM   310  O  O   . ALA A 1 46  ? 10.833  -5.642  15.636  1.00 36.57 ? 46   ALA A O   1 
ATOM   311  C  CB  . ALA A 1 46  ? 13.074  -3.786  17.194  1.00 37.65 ? 46   ALA A CB  1 
ATOM   312  N  N   . GLU A 1 47  ? 10.801  -3.460  15.037  1.00 35.04 ? 47   GLU A N   1 
ATOM   313  C  CA  . GLU A 1 47  ? 9.383   -3.475  14.696  1.00 34.78 ? 47   GLU A CA  1 
ATOM   314  C  C   . GLU A 1 47  ? 9.130   -4.386  13.479  1.00 36.60 ? 47   GLU A C   1 
ATOM   315  O  O   . GLU A 1 47  ? 8.045   -4.964  13.329  1.00 37.00 ? 47   GLU A O   1 
ATOM   316  C  CB  . GLU A 1 47  ? 8.884   -2.041  14.429  1.00 31.35 ? 47   GLU A CB  1 
ATOM   317  C  CG  . GLU A 1 47  ? 8.947   -1.123  15.653  1.00 29.80 ? 47   GLU A CG  1 
ATOM   318  C  CD  . GLU A 1 47  ? 8.522   0.325   15.365  1.00 28.45 ? 47   GLU A CD  1 
ATOM   319  O  OE1 . GLU A 1 47  ? 9.097   0.962   14.461  1.00 26.50 ? 47   GLU A OE1 1 
ATOM   320  O  OE2 . GLU A 1 47  ? 7.615   0.841   16.053  1.00 27.37 ? 47   GLU A OE2 1 
ATOM   321  N  N   . LEU A 1 48  ? 10.149  -4.526  12.633  1.00 37.52 ? 48   LEU A N   1 
ATOM   322  C  CA  . LEU A 1 48  ? 10.062  -5.357  11.437  1.00 38.99 ? 48   LEU A CA  1 
ATOM   323  C  C   . LEU A 1 48  ? 10.151  -6.846  11.728  1.00 40.07 ? 48   LEU A C   1 
ATOM   324  O  O   . LEU A 1 48  ? 9.805   -7.659  10.877  1.00 41.54 ? 48   LEU A O   1 
ATOM   325  C  CB  . LEU A 1 48  ? 11.151  -4.966  10.426  1.00 37.81 ? 48   LEU A CB  1 
ATOM   326  C  CG  . LEU A 1 48  ? 10.785  -3.823  9.476   1.00 36.83 ? 48   LEU A CG  1 
ATOM   327  C  CD1 . LEU A 1 48  ? 10.277  -2.673  10.292  1.00 38.54 ? 48   LEU A CD1 1 
ATOM   328  C  CD2 . LEU A 1 48  ? 11.971  -3.397  8.648   1.00 34.42 ? 48   LEU A CD2 1 
ATOM   329  N  N   . GLN A 1 49  ? 10.628  -7.216  12.910  1.00 42.23 ? 49   GLN A N   1 
ATOM   330  C  CA  . GLN A 1 49  ? 10.696  -8.630  13.257  1.00 45.33 ? 49   GLN A CA  1 
ATOM   331  C  C   . GLN A 1 49  ? 9.554   -8.987  14.181  1.00 45.81 ? 49   GLN A C   1 
ATOM   332  O  O   . GLN A 1 49  ? 9.108   -10.130 14.214  1.00 45.57 ? 49   GLN A O   1 
ATOM   333  C  CB  . GLN A 1 49  ? 12.031  -8.983  13.899  1.00 46.97 ? 49   GLN A CB  1 
ATOM   334  C  CG  . GLN A 1 49  ? 13.086  -9.339  12.871  1.00 49.77 ? 49   GLN A CG  1 
ATOM   335  C  CD  . GLN A 1 49  ? 14.370  -9.811  13.502  1.00 50.23 ? 49   GLN A CD  1 
ATOM   336  O  OE1 . GLN A 1 49  ? 14.959  -9.115  14.328  1.00 52.02 ? 49   GLN A OE1 1 
ATOM   337  N  NE2 . GLN A 1 49  ? 14.819  -10.999 13.113  1.00 51.16 ? 49   GLN A NE2 1 
ATOM   338  N  N   . ASP A 1 50  ? 9.075   -7.997  14.927  1.00 47.07 ? 50   ASP A N   1 
ATOM   339  C  CA  . ASP A 1 50  ? 7.952   -8.206  15.832  1.00 47.63 ? 50   ASP A CA  1 
ATOM   340  C  C   . ASP A 1 50  ? 6.727   -8.474  14.962  1.00 46.18 ? 50   ASP A C   1 
ATOM   341  O  O   . ASP A 1 50  ? 5.997   -9.439  15.184  1.00 45.95 ? 50   ASP A O   1 
ATOM   342  C  CB  . ASP A 1 50  ? 7.722   -6.961  16.699  1.00 50.29 ? 50   ASP A CB  1 
ATOM   343  C  CG  . ASP A 1 50  ? 8.886   -6.683  17.647  1.00 54.55 ? 50   ASP A CG  1 
ATOM   344  O  OD1 . ASP A 1 50  ? 9.272   -5.500  17.798  1.00 55.30 ? 50   ASP A OD1 1 
ATOM   345  O  OD2 . ASP A 1 50  ? 9.414   -7.650  18.244  1.00 56.64 ? 50   ASP A OD2 1 
ATOM   346  N  N   . MET A 1 51  ? 6.521   -7.625  13.954  1.00 44.40 ? 51   MET A N   1 
ATOM   347  C  CA  . MET A 1 51  ? 5.382   -7.763  13.055  1.00 42.64 ? 51   MET A CA  1 
ATOM   348  C  C   . MET A 1 51  ? 5.403   -9.088  12.286  1.00 42.15 ? 51   MET A C   1 
ATOM   349  O  O   . MET A 1 51  ? 4.387   -9.771  12.200  1.00 41.75 ? 51   MET A O   1 
ATOM   350  C  CB  . MET A 1 51  ? 5.319   -6.575  12.082  1.00 40.06 ? 51   MET A CB  1 
ATOM   351  C  CG  . MET A 1 51  ? 4.996   -5.252  12.774  1.00 37.22 ? 51   MET A CG  1 
ATOM   352  S  SD  . MET A 1 51  ? 4.640   -3.860  11.662  1.00 36.04 ? 51   MET A SD  1 
ATOM   353  C  CE  . MET A 1 51  ? 6.267   -3.564  10.980  1.00 32.85 ? 51   MET A CE  1 
ATOM   354  N  N   . ILE A 1 52  ? 6.554   -9.451  11.732  1.00 41.44 ? 52   ILE A N   1 
ATOM   355  C  CA  . ILE A 1 52  ? 6.671   -10.709 11.000  1.00 40.53 ? 52   ILE A CA  1 
ATOM   356  C  C   . ILE A 1 52  ? 6.379   -11.903 11.927  1.00 41.90 ? 52   ILE A C   1 
ATOM   357  O  O   . ILE A 1 52  ? 5.556   -12.754 11.613  1.00 39.40 ? 52   ILE A O   1 
ATOM   358  C  CB  . ILE A 1 52  ? 8.090   -10.877 10.404  1.00 39.16 ? 52   ILE A CB  1 
ATOM   359  C  CG1 . ILE A 1 52  ? 8.340   -9.817  9.331   1.00 37.12 ? 52   ILE A CG1 1 
ATOM   360  C  CG2 . ILE A 1 52  ? 8.256   -12.277 9.839   1.00 36.07 ? 52   ILE A CG2 1 
ATOM   361  C  CD1 . ILE A 1 52  ? 7.481   -9.961  8.106   1.00 37.52 ? 52   ILE A CD1 1 
ATOM   362  N  N   . ASN A 1 53  ? 7.062   -11.950 13.071  1.00 43.79 ? 53   ASN A N   1 
ATOM   363  C  CA  . ASN A 1 53  ? 6.892   -13.024 14.049  1.00 46.94 ? 53   ASN A CA  1 
ATOM   364  C  C   . ASN A 1 53  ? 5.477   -13.134 14.591  1.00 48.91 ? 53   ASN A C   1 
ATOM   365  O  O   . ASN A 1 53  ? 5.087   -14.177 15.100  1.00 49.12 ? 53   ASN A O   1 
ATOM   366  C  CB  . ASN A 1 53  ? 7.869   -12.836 15.214  1.00 46.60 ? 53   ASN A CB  1 
ATOM   367  C  CG  . ASN A 1 53  ? 9.315   -12.798 14.751  1.00 47.95 ? 53   ASN A CG  1 
ATOM   368  O  OD1 . ASN A 1 53  ? 9.612   -13.078 13.583  1.00 47.72 ? 53   ASN A OD1 1 
ATOM   369  N  ND2 . ASN A 1 53  ? 10.224  -12.456 15.661  1.00 47.60 ? 53   ASN A ND2 1 
ATOM   370  N  N   . GLU A 1 54  ? 4.709   -12.058 14.492  1.00 52.37 ? 54   GLU A N   1 
ATOM   371  C  CA  . GLU A 1 54  ? 3.329   -12.063 14.966  1.00 54.50 ? 54   GLU A CA  1 
ATOM   372  C  C   . GLU A 1 54  ? 2.430   -12.705 13.913  1.00 54.72 ? 54   GLU A C   1 
ATOM   373  O  O   . GLU A 1 54  ? 1.271   -13.011 14.178  1.00 56.26 ? 54   GLU A O   1 
ATOM   374  C  CB  . GLU A 1 54  ? 2.867   -10.627 15.268  1.00 55.72 ? 54   GLU A CB  1 
ATOM   375  C  CG  . GLU A 1 54  ? 3.126   -10.168 16.724  1.00 58.24 ? 54   GLU A CG  1 
ATOM   376  C  CD  . GLU A 1 54  ? 3.514   -8.690  16.830  1.00 59.82 ? 54   GLU A CD  1 
ATOM   377  O  OE1 . GLU A 1 54  ? 3.173   -7.908  15.912  1.00 61.12 ? 54   GLU A OE1 1 
ATOM   378  O  OE2 . GLU A 1 54  ? 4.157   -8.302  17.832  1.00 59.31 ? 54   GLU A OE2 1 
ATOM   379  N  N   . VAL A 1 55  ? 2.982   -12.913 12.721  1.00 54.02 ? 55   VAL A N   1 
ATOM   380  C  CA  . VAL A 1 55  ? 2.247   -13.522 11.614  1.00 54.04 ? 55   VAL A CA  1 
ATOM   381  C  C   . VAL A 1 55  ? 2.907   -14.856 11.248  1.00 55.21 ? 55   VAL A C   1 
ATOM   382  O  O   . VAL A 1 55  ? 2.252   -15.790 10.782  1.00 51.67 ? 55   VAL A O   1 
ATOM   383  C  CB  . VAL A 1 55  ? 2.267   -12.600 10.375  1.00 52.55 ? 55   VAL A CB  1 
ATOM   384  C  CG1 . VAL A 1 55  ? 1.301   -13.110 9.317   1.00 50.76 ? 55   VAL A CG1 1 
ATOM   385  C  CG2 . VAL A 1 55  ? 1.928   -11.191 10.786  1.00 52.42 ? 55   VAL A CG2 1 
ATOM   386  N  N   . ASP A 1 56  ? 4.214   -14.915 11.484  1.00 58.23 ? 56   ASP A N   1 
ATOM   387  C  CA  . ASP A 1 56  ? 5.049   -16.080 11.209  1.00 61.37 ? 56   ASP A CA  1 
ATOM   388  C  C   . ASP A 1 56  ? 4.777   -17.194 12.215  1.00 63.48 ? 56   ASP A C   1 
ATOM   389  O  O   . ASP A 1 56  ? 5.329   -17.204 13.319  1.00 64.10 ? 56   ASP A O   1 
ATOM   390  C  CB  . ASP A 1 56  ? 6.527   -15.665 11.259  1.00 62.04 ? 56   ASP A CB  1 
ATOM   391  C  CG  . ASP A 1 56  ? 7.472   -16.846 11.190  1.00 62.59 ? 56   ASP A CG  1 
ATOM   392  O  OD1 . ASP A 1 56  ? 7.291   -17.697 10.297  1.00 63.65 ? 56   ASP A OD1 1 
ATOM   393  O  OD2 . ASP A 1 56  ? 8.399   -16.916 12.028  1.00 63.06 ? 56   ASP A OD2 1 
ATOM   394  N  N   . ALA A 1 57  ? 3.923   -18.133 11.820  1.00 65.42 ? 57   ALA A N   1 
ATOM   395  C  CA  . ALA A 1 57  ? 3.558   -19.249 12.678  1.00 67.29 ? 57   ALA A CA  1 
ATOM   396  C  C   . ALA A 1 57  ? 4.575   -20.389 12.608  1.00 68.90 ? 57   ALA A C   1 
ATOM   397  O  O   . ALA A 1 57  ? 4.734   -21.155 13.566  1.00 68.87 ? 57   ALA A O   1 
ATOM   398  C  CB  . ALA A 1 57  ? 2.176   -19.756 12.295  1.00 66.34 ? 57   ALA A CB  1 
ATOM   399  N  N   . ASP A 1 58  ? 5.269   -20.490 11.477  1.00 70.21 ? 58   ASP A N   1 
ATOM   400  C  CA  . ASP A 1 58  ? 6.258   -21.545 11.270  1.00 70.33 ? 58   ASP A CA  1 
ATOM   401  C  C   . ASP A 1 58  ? 7.458   -21.452 12.206  1.00 70.39 ? 58   ASP A C   1 
ATOM   402  O  O   . ASP A 1 58  ? 7.727   -22.379 12.975  1.00 70.37 ? 58   ASP A O   1 
ATOM   403  C  CB  . ASP A 1 58  ? 6.747   -21.521 9.821   1.00 71.08 ? 58   ASP A CB  1 
ATOM   404  C  CG  . ASP A 1 58  ? 6.651   -22.877 9.158   1.00 71.75 ? 58   ASP A CG  1 
ATOM   405  O  OD1 . ASP A 1 58  ? 5.527   -23.417 9.085   1.00 70.56 ? 58   ASP A OD1 1 
ATOM   406  O  OD2 . ASP A 1 58  ? 7.694   -23.399 8.711   1.00 72.57 ? 58   ASP A OD2 1 
ATOM   407  N  N   . GLY A 1 59  ? 8.171   -20.333 12.134  1.00 69.94 ? 59   GLY A N   1 
ATOM   408  C  CA  . GLY A 1 59  ? 9.343   -20.147 12.968  1.00 69.15 ? 59   GLY A CA  1 
ATOM   409  C  C   . GLY A 1 59  ? 10.544  -19.907 12.080  1.00 68.85 ? 59   GLY A C   1 
ATOM   410  O  O   . GLY A 1 59  ? 11.697  -20.082 12.489  1.00 68.46 ? 59   GLY A O   1 
ATOM   411  N  N   . ASN A 1 60  ? 10.255  -19.504 10.847  1.00 68.21 ? 60   ASN A N   1 
ATOM   412  C  CA  . ASN A 1 60  ? 11.280  -19.220 9.847   1.00 67.14 ? 60   ASN A CA  1 
ATOM   413  C  C   . ASN A 1 60  ? 11.823  -17.815 10.061  1.00 65.71 ? 60   ASN A C   1 
ATOM   414  O  O   . ASN A 1 60  ? 12.949  -17.626 10.525  1.00 67.20 ? 60   ASN A O   1 
ATOM   415  C  CB  . ASN A 1 60  ? 10.676  -19.308 8.444   1.00 68.09 ? 60   ASN A CB  1 
ATOM   416  C  CG  . ASN A 1 60  ? 10.016  -20.645 8.173   1.00 69.05 ? 60   ASN A CG  1 
ATOM   417  O  OD1 . ASN A 1 60  ? 9.152   -20.752 7.306   1.00 69.81 ? 60   ASN A OD1 1 
ATOM   418  N  ND2 . ASN A 1 60  ? 10.429  -21.674 8.903   1.00 70.25 ? 60   ASN A ND2 1 
ATOM   419  N  N   . GLY A 1 61  ? 10.990  -16.835 9.729   1.00 63.18 ? 61   GLY A N   1 
ATOM   420  C  CA  . GLY A 1 61  ? 11.357  -15.436 9.848   1.00 58.29 ? 61   GLY A CA  1 
ATOM   421  C  C   . GLY A 1 61  ? 10.735  -14.720 8.666   1.00 55.35 ? 61   GLY A C   1 
ATOM   422  O  O   . GLY A 1 61  ? 10.855  -13.505 8.515   1.00 54.89 ? 61   GLY A O   1 
ATOM   423  N  N   . THR A 1 62  ? 10.060  -15.505 7.828   1.00 52.97 ? 62   THR A N   1 
ATOM   424  C  CA  . THR A 1 62  ? 9.399   -15.011 6.629   1.00 48.89 ? 62   THR A CA  1 
ATOM   425  C  C   . THR A 1 62  ? 7.933   -15.415 6.640   1.00 47.15 ? 62   THR A C   1 
ATOM   426  O  O   . THR A 1 62  ? 7.544   -16.362 7.316   1.00 46.60 ? 62   THR A O   1 
ATOM   427  C  CB  . THR A 1 62  ? 10.057  -15.582 5.365   1.00 48.79 ? 62   THR A CB  1 
ATOM   428  O  OG1 . THR A 1 62  ? 10.172  -17.005 5.496   1.00 49.09 ? 62   THR A OG1 1 
ATOM   429  C  CG2 . THR A 1 62  ? 11.434  -14.973 5.150   1.00 46.73 ? 62   THR A CG2 1 
ATOM   430  N  N   . ILE A 1 63  ? 7.122   -14.678 5.889   1.00 46.10 ? 63   ILE A N   1 
ATOM   431  C  CA  . ILE A 1 63  ? 5.691   -14.942 5.802   1.00 44.44 ? 63   ILE A CA  1 
ATOM   432  C  C   . ILE A 1 63  ? 5.347   -15.496 4.435   1.00 42.96 ? 63   ILE A C   1 
ATOM   433  O  O   . ILE A 1 63  ? 5.644   -14.859 3.425   1.00 43.42 ? 63   ILE A O   1 
ATOM   434  C  CB  . ILE A 1 63  ? 4.867   -13.647 5.975   1.00 45.05 ? 63   ILE A CB  1 
ATOM   435  C  CG1 . ILE A 1 63  ? 5.197   -12.983 7.309   1.00 47.16 ? 63   ILE A CG1 1 
ATOM   436  C  CG2 . ILE A 1 63  ? 3.381   -13.961 5.895   1.00 44.52 ? 63   ILE A CG2 1 
ATOM   437  C  CD1 . ILE A 1 63  ? 4.514   -11.640 7.488   1.00 49.09 ? 63   ILE A CD1 1 
ATOM   438  N  N   . ASP A 1 64  ? 4.727   -16.672 4.388   1.00 40.18 ? 64   ASP A N   1 
ATOM   439  C  CA  . ASP A 1 64  ? 4.330   -17.221 3.100   1.00 37.82 ? 64   ASP A CA  1 
ATOM   440  C  C   . ASP A 1 64  ? 2.863   -16.865 2.910   1.00 36.74 ? 64   ASP A C   1 
ATOM   441  O  O   . ASP A 1 64  ? 2.247   -16.312 3.816   1.00 36.18 ? 64   ASP A O   1 
ATOM   442  C  CB  . ASP A 1 64  ? 4.568   -18.733 3.035   1.00 38.24 ? 64   ASP A CB  1 
ATOM   443  C  CG  . ASP A 1 64  ? 3.717   -19.516 4.009   1.00 37.27 ? 64   ASP A CG  1 
ATOM   444  O  OD1 . ASP A 1 64  ? 3.995   -20.723 4.160   1.00 38.21 ? 64   ASP A OD1 1 
ATOM   445  O  OD2 . ASP A 1 64  ? 2.781   -18.945 4.610   1.00 38.37 ? 64   ASP A OD2 1 
ATOM   446  N  N   . PHE A 1 65  ? 2.304   -17.171 1.742   1.00 36.21 ? 65   PHE A N   1 
ATOM   447  C  CA  . PHE A 1 65  ? 0.922   -16.818 1.448   1.00 35.16 ? 65   PHE A CA  1 
ATOM   448  C  C   . PHE A 1 65  ? -0.135  -17.315 2.437   1.00 35.73 ? 65   PHE A C   1 
ATOM   449  O  O   . PHE A 1 65  ? -0.938  -16.519 2.923   1.00 37.63 ? 65   PHE A O   1 
ATOM   450  C  CB  . PHE A 1 65  ? 0.561   -17.241 0.015   1.00 36.45 ? 65   PHE A CB  1 
ATOM   451  C  CG  . PHE A 1 65  ? -0.773  -16.699 -0.462  1.00 34.19 ? 65   PHE A CG  1 
ATOM   452  C  CD1 . PHE A 1 65  ? -1.098  -15.350 -0.275  1.00 31.37 ? 65   PHE A CD1 1 
ATOM   453  C  CD2 . PHE A 1 65  ? -1.714  -17.538 -1.059  1.00 34.12 ? 65   PHE A CD2 1 
ATOM   454  C  CE1 . PHE A 1 65  ? -2.325  -14.852 -0.665  1.00 29.89 ? 65   PHE A CE1 1 
ATOM   455  C  CE2 . PHE A 1 65  ? -2.955  -17.043 -1.456  1.00 31.65 ? 65   PHE A CE2 1 
ATOM   456  C  CZ  . PHE A 1 65  ? -3.257  -15.696 -1.255  1.00 31.31 ? 65   PHE A CZ  1 
ATOM   457  N  N   . PRO A 1 66  ? -0.169  -18.630 2.742   1.00 35.90 ? 66   PRO A N   1 
ATOM   458  C  CA  . PRO A 1 66  ? -1.175  -19.131 3.690   1.00 34.14 ? 66   PRO A CA  1 
ATOM   459  C  C   . PRO A 1 66  ? -1.154  -18.363 5.017   1.00 33.81 ? 66   PRO A C   1 
ATOM   460  O  O   . PRO A 1 66  ? -2.201  -18.009 5.565   1.00 32.31 ? 66   PRO A O   1 
ATOM   461  C  CB  . PRO A 1 66  ? -0.788  -20.596 3.848   1.00 33.23 ? 66   PRO A CB  1 
ATOM   462  C  CG  . PRO A 1 66  ? -0.278  -20.948 2.488   1.00 33.88 ? 66   PRO A CG  1 
ATOM   463  C  CD  . PRO A 1 66  ? 0.608   -19.751 2.178   1.00 36.47 ? 66   PRO A CD  1 
ATOM   464  N  N   . GLU A 1 67  ? 0.047   -18.105 5.528   1.00 33.91 ? 67   GLU A N   1 
ATOM   465  C  CA  . GLU A 1 67  ? 0.196   -17.341 6.768   1.00 35.75 ? 67   GLU A CA  1 
ATOM   466  C  C   . GLU A 1 67  ? -0.386  -15.929 6.574   1.00 34.83 ? 67   GLU A C   1 
ATOM   467  O  O   . GLU A 1 67  ? -1.176  -15.460 7.403   1.00 33.92 ? 67   GLU A O   1 
ATOM   468  C  CB  . GLU A 1 67  ? 1.670   -17.262 7.165   1.00 35.38 ? 67   GLU A CB  1 
ATOM   469  C  CG  . GLU A 1 67  ? 2.249   -18.603 7.547   1.00 38.28 ? 67   GLU A CG  1 
ATOM   470  C  CD  . GLU A 1 67  ? 3.715   -18.532 7.871   1.00 41.16 ? 67   GLU A CD  1 
ATOM   471  O  OE1 . GLU A 1 67  ? 4.220   -19.479 8.514   1.00 41.30 ? 67   GLU A OE1 1 
ATOM   472  O  OE2 . GLU A 1 67  ? 4.365   -17.538 7.477   1.00 43.65 ? 67   GLU A OE2 1 
ATOM   473  N  N   . PHE A 1 68  ? 0.003   -15.275 5.478   1.00 33.97 ? 68   PHE A N   1 
ATOM   474  C  CA  . PHE A 1 68  ? -0.491  -13.945 5.130   1.00 36.15 ? 68   PHE A CA  1 
ATOM   475  C  C   . PHE A 1 68  ? -2.031  -13.921 5.134   1.00 37.68 ? 68   PHE A C   1 
ATOM   476  O  O   . PHE A 1 68  ? -2.641  -13.003 5.683   1.00 37.07 ? 68   PHE A O   1 
ATOM   477  C  CB  . PHE A 1 68  ? 0.053   -13.547 3.750   1.00 34.34 ? 68   PHE A CB  1 
ATOM   478  C  CG  . PHE A 1 68  ? -0.349  -12.170 3.296   1.00 32.90 ? 68   PHE A CG  1 
ATOM   479  C  CD1 . PHE A 1 68  ? -1.403  -11.996 2.411   1.00 31.48 ? 68   PHE A CD1 1 
ATOM   480  C  CD2 . PHE A 1 68  ? 0.328   -11.040 3.756   1.00 33.31 ? 68   PHE A CD2 1 
ATOM   481  C  CE1 . PHE A 1 68  ? -1.777  -10.715 1.978   1.00 29.28 ? 68   PHE A CE1 1 
ATOM   482  C  CE2 . PHE A 1 68  ? -0.044  -9.746  3.328   1.00 29.84 ? 68   PHE A CE2 1 
ATOM   483  C  CZ  . PHE A 1 68  ? -1.099  -9.590  2.440   1.00 29.28 ? 68   PHE A CZ  1 
ATOM   484  N  N   . LEU A 1 69  ? -2.650  -14.934 4.528   1.00 41.25 ? 69   LEU A N   1 
ATOM   485  C  CA  . LEU A 1 69  ? -4.117  -15.036 4.471   1.00 43.19 ? 69   LEU A CA  1 
ATOM   486  C  C   . LEU A 1 69  ? -4.725  -15.069 5.866   1.00 43.79 ? 69   LEU A C   1 
ATOM   487  O  O   . LEU A 1 69  ? -5.707  -14.381 6.145   1.00 43.18 ? 69   LEU A O   1 
ATOM   488  C  CB  . LEU A 1 69  ? -4.548  -16.300 3.721   1.00 43.99 ? 69   LEU A CB  1 
ATOM   489  C  CG  . LEU A 1 69  ? -4.412  -16.319 2.198   1.00 45.42 ? 69   LEU A CG  1 
ATOM   490  C  CD1 . LEU A 1 69  ? -4.873  -17.687 1.680   1.00 46.10 ? 69   LEU A CD1 1 
ATOM   491  C  CD2 . LEU A 1 69  ? -5.249  -15.199 1.581   1.00 45.52 ? 69   LEU A CD2 1 
ATOM   492  N  N   . THR A 1 70  ? -4.148  -15.888 6.738   1.00 45.42 ? 70   THR A N   1 
ATOM   493  C  CA  . THR A 1 70  ? -4.638  -15.995 8.105   1.00 46.67 ? 70   THR A CA  1 
ATOM   494  C  C   . THR A 1 70  ? -4.691  -14.604 8.746   1.00 47.80 ? 70   THR A C   1 
ATOM   495  O  O   . THR A 1 70  ? -5.710  -14.226 9.331   1.00 48.32 ? 70   THR A O   1 
ATOM   496  C  CB  . THR A 1 70  ? -3.727  -16.939 8.941   1.00 45.85 ? 70   THR A CB  1 
ATOM   497  O  OG1 . THR A 1 70  ? -3.805  -18.266 8.408   1.00 49.25 ? 70   THR A OG1 1 
ATOM   498  C  CG2 . THR A 1 70  ? -4.150  -16.966 10.398  1.00 43.94 ? 70   THR A CG2 1 
ATOM   499  N  N   . MET A 1 71  ? -3.602  -13.843 8.627   1.00 48.24 ? 71   MET A N   1 
ATOM   500  C  CA  . MET A 1 71  ? -3.548  -12.499 9.196   1.00 47.75 ? 71   MET A CA  1 
ATOM   501  C  C   . MET A 1 71  ? -4.633  -11.631 8.589   1.00 47.38 ? 71   MET A C   1 
ATOM   502  O  O   . MET A 1 71  ? -5.364  -10.952 9.295   1.00 46.77 ? 71   MET A O   1 
ATOM   503  C  CB  . MET A 1 71  ? -2.197  -11.841 8.926   1.00 49.35 ? 71   MET A CB  1 
ATOM   504  C  CG  . MET A 1 71  ? -2.141  -10.388 9.377   1.00 51.49 ? 71   MET A CG  1 
ATOM   505  S  SD  . MET A 1 71  ? -0.650  -9.487  8.851   1.00 54.58 ? 71   MET A SD  1 
ATOM   506  C  CE  . MET A 1 71  ? -1.207  -8.721  7.329   1.00 54.29 ? 71   MET A CE  1 
ATOM   507  N  N   . MET A 1 72  ? -4.729  -11.656 7.267   1.00 47.97 ? 72   MET A N   1 
ATOM   508  C  CA  . MET A 1 72  ? -5.723  -10.861 6.568   1.00 48.38 ? 72   MET A CA  1 
ATOM   509  C  C   . MET A 1 72  ? -7.141  -11.376 6.761   1.00 48.33 ? 72   MET A C   1 
ATOM   510  O  O   . MET A 1 72  ? -7.991  -11.192 5.888   1.00 49.00 ? 72   MET A O   1 
ATOM   511  C  CB  . MET A 1 72  ? -5.390  -10.806 5.079   1.00 49.56 ? 72   MET A CB  1 
ATOM   512  C  CG  . MET A 1 72  ? -4.061  -10.156 4.793   1.00 49.66 ? 72   MET A CG  1 
ATOM   513  S  SD  . MET A 1 72  ? -3.987  -8.506  5.504   1.00 52.10 ? 72   MET A SD  1 
ATOM   514  C  CE  . MET A 1 72  ? -4.495  -7.478  4.065   1.00 52.73 ? 72   MET A CE  1 
ATOM   515  N  N   . ALA A 1 73  ? -7.396  -12.012 7.904   1.00 46.60 ? 73   ALA A N   1 
ATOM   516  C  CA  . ALA A 1 73  ? -8.721  -12.535 8.214   1.00 46.38 ? 73   ALA A CA  1 
ATOM   517  C  C   . ALA A 1 73  ? -8.749  -13.128 9.614   1.00 46.84 ? 73   ALA A C   1 
ATOM   518  O  O   . ALA A 1 73  ? -7.985  -12.713 10.486  1.00 46.95 ? 73   ALA A O   1 
ATOM   519  C  CB  . ALA A 1 73  ? -9.124  -13.588 7.191   1.00 47.10 ? 73   ALA A CB  1 
ATOM   520  N  N   . SER A 1 81  ? -8.295  4.643   11.099  1.00 56.95 ? 81   SER A N   1 
ATOM   521  C  CA  . SER A 1 81  ? -7.756  4.393   9.767   1.00 57.06 ? 81   SER A CA  1 
ATOM   522  C  C   . SER A 1 81  ? -7.281  5.689   9.134   1.00 56.84 ? 81   SER A C   1 
ATOM   523  O  O   . SER A 1 81  ? -6.417  5.687   8.254   1.00 57.88 ? 81   SER A O   1 
ATOM   524  C  CB  . SER A 1 81  ? -8.824  3.760   8.866   1.00 55.91 ? 81   SER A CB  1 
ATOM   525  O  OG  . SER A 1 81  ? -9.245  2.513   9.379   1.00 56.70 ? 81   SER A OG  1 
ATOM   526  N  N   . GLU A 1 82  ? -7.856  6.794   9.590   1.00 55.48 ? 82   GLU A N   1 
ATOM   527  C  CA  . GLU A 1 82  ? -7.536  8.106   9.061   1.00 55.17 ? 82   GLU A CA  1 
ATOM   528  C  C   . GLU A 1 82  ? -6.047  8.409   8.890   1.00 55.22 ? 82   GLU A C   1 
ATOM   529  O  O   . GLU A 1 82  ? -5.585  8.689   7.786   1.00 55.30 ? 82   GLU A O   1 
ATOM   530  C  CB  . GLU A 1 82  ? -8.197  9.187   9.930   1.00 53.76 ? 82   GLU A CB  1 
ATOM   531  N  N   . GLU A 1 83  ? -5.289  8.342   9.978   1.00 55.44 ? 83   GLU A N   1 
ATOM   532  C  CA  . GLU A 1 83  ? -3.868  8.666   9.926   1.00 55.04 ? 83   GLU A CA  1 
ATOM   533  C  C   . GLU A 1 83  ? -2.978  7.877   8.972   1.00 54.26 ? 83   GLU A C   1 
ATOM   534  O  O   . GLU A 1 83  ? -1.963  8.398   8.502   1.00 53.93 ? 83   GLU A O   1 
ATOM   535  C  CB  . GLU A 1 83  ? -3.263  8.649   11.338  1.00 54.67 ? 83   GLU A CB  1 
ATOM   536  C  CG  . GLU A 1 83  ? -3.195  10.045  11.974  1.00 55.59 ? 83   GLU A CG  1 
ATOM   537  C  CD  . GLU A 1 83  ? -2.553  11.099  11.050  1.00 56.58 ? 83   GLU A CD  1 
ATOM   538  O  OE1 . GLU A 1 83  ? -3.172  11.474  10.029  1.00 56.39 ? 83   GLU A OE1 1 
ATOM   539  O  OE2 . GLU A 1 83  ? -1.428  11.554  11.341  1.00 56.30 ? 83   GLU A OE2 1 
ATOM   540  N  N   . GLU A 1 84  ? -3.342  6.635   8.672   1.00 54.11 ? 84   GLU A N   1 
ATOM   541  C  CA  . GLU A 1 84  ? -2.530  5.840   7.748   1.00 53.38 ? 84   GLU A CA  1 
ATOM   542  C  C   . GLU A 1 84  ? -2.753  6.384   6.328   1.00 51.87 ? 84   GLU A C   1 
ATOM   543  O  O   . GLU A 1 84  ? -1.828  6.447   5.517   1.00 50.30 ? 84   GLU A O   1 
ATOM   544  C  CB  . GLU A 1 84  ? -2.941  4.364   7.811   1.00 52.97 ? 84   GLU A CB  1 
ATOM   545  C  CG  . GLU A 1 84  ? -1.770  3.385   7.939   1.00 54.02 ? 84   GLU A CG  1 
ATOM   546  C  CD  . GLU A 1 84  ? -1.212  3.310   9.356   1.00 54.36 ? 84   GLU A CD  1 
ATOM   547  O  OE1 . GLU A 1 84  ? -0.534  4.262   9.788   1.00 55.69 ? 84   GLU A OE1 1 
ATOM   548  O  OE2 . GLU A 1 84  ? -1.461  2.300   10.046  1.00 53.65 ? 84   GLU A OE2 1 
ATOM   549  N  N   . ILE A 1 85  ? -3.994  6.790   6.068   1.00 50.50 ? 85   ILE A N   1 
ATOM   550  C  CA  . ILE A 1 85  ? -4.419  7.339   4.785   1.00 49.89 ? 85   ILE A CA  1 
ATOM   551  C  C   . ILE A 1 85  ? -4.026  8.805   4.637   1.00 48.63 ? 85   ILE A C   1 
ATOM   552  O  O   . ILE A 1 85  ? -3.531  9.223   3.586   1.00 48.25 ? 85   ILE A O   1 
ATOM   553  C  CB  . ILE A 1 85  ? -5.947  7.222   4.638   1.00 50.05 ? 85   ILE A CB  1 
ATOM   554  C  CG1 . ILE A 1 85  ? -6.358  5.747   4.721   1.00 50.53 ? 85   ILE A CG1 1 
ATOM   555  C  CG2 . ILE A 1 85  ? -6.392  7.843   3.325   1.00 48.92 ? 85   ILE A CG2 1 
ATOM   556  C  CD1 . ILE A 1 85  ? -7.846  5.519   4.832   1.00 50.10 ? 85   ILE A CD1 1 
ATOM   557  N  N   . ARG A 1 86  ? -4.263  9.582   5.691   1.00 47.24 ? 86   ARG A N   1 
ATOM   558  C  CA  . ARG A 1 86  ? -3.922  10.998  5.686   1.00 45.87 ? 86   ARG A CA  1 
ATOM   559  C  C   . ARG A 1 86  ? -2.418  11.082  5.535   1.00 44.72 ? 86   ARG A C   1 
ATOM   560  O  O   . ARG A 1 86  ? -1.878  12.092  5.084   1.00 45.85 ? 86   ARG A O   1 
ATOM   561  C  CB  . ARG A 1 86  ? -4.359  11.657  6.981   1.00 45.66 ? 86   ARG A CB  1 
ATOM   562  N  N   . GLU A 1 87  ? -1.749  9.995   5.898   1.00 44.67 ? 87   GLU A N   1 
ATOM   563  C  CA  . GLU A 1 87  ? -0.300  9.926   5.801   1.00 44.48 ? 87   GLU A CA  1 
ATOM   564  C  C   . GLU A 1 87  ? 0.086   9.499   4.388   1.00 42.62 ? 87   GLU A C   1 
ATOM   565  O  O   . GLU A 1 87  ? 1.134   9.886   3.870   1.00 40.23 ? 87   GLU A O   1 
ATOM   566  C  CB  . GLU A 1 87  ? 0.238   8.919   6.810   1.00 45.32 ? 87   GLU A CB  1 
ATOM   567  C  CG  . GLU A 1 87  ? 1.672   9.145   7.202   1.00 46.24 ? 87   GLU A CG  1 
ATOM   568  C  CD  . GLU A 1 87  ? 2.191   8.036   8.081   1.00 49.08 ? 87   GLU A CD  1 
ATOM   569  O  OE1 . GLU A 1 87  ? 1.474   7.647   9.035   1.00 47.08 ? 87   GLU A OE1 1 
ATOM   570  O  OE2 . GLU A 1 87  ? 3.318   7.555   7.819   1.00 49.30 ? 87   GLU A OE2 1 
ATOM   571  N  N   . ALA A 1 88  ? -0.766  8.680   3.776   1.00 41.12 ? 88   ALA A N   1 
ATOM   572  C  CA  . ALA A 1 88  ? -0.525  8.219   2.412   1.00 40.96 ? 88   ALA A CA  1 
ATOM   573  C  C   . ALA A 1 88  ? -0.757  9.402   1.482   1.00 40.49 ? 88   ALA A C   1 
ATOM   574  O  O   . ALA A 1 88  ? 0.015   9.637   0.551   1.00 39.81 ? 88   ALA A O   1 
ATOM   575  C  CB  . ALA A 1 88  ? -1.473  7.069   2.055   1.00 40.32 ? 88   ALA A CB  1 
ATOM   576  N  N   . PHE A 1 89  ? -1.823  10.148  1.750   1.00 39.48 ? 89   PHE A N   1 
ATOM   577  C  CA  . PHE A 1 89  ? -2.138  11.319  0.952   1.00 40.24 ? 89   PHE A CA  1 
ATOM   578  C  C   . PHE A 1 89  ? -0.909  12.238  0.891   1.00 41.11 ? 89   PHE A C   1 
ATOM   579  O  O   . PHE A 1 89  ? -0.513  12.687  -0.184  1.00 42.52 ? 89   PHE A O   1 
ATOM   580  C  CB  . PHE A 1 89  ? -3.322  12.075  1.567   1.00 37.84 ? 89   PHE A CB  1 
ATOM   581  C  CG  . PHE A 1 89  ? -3.841  13.198  0.708   1.00 36.96 ? 89   PHE A CG  1 
ATOM   582  C  CD1 . PHE A 1 89  ? -4.536  12.928  -0.474  1.00 35.06 ? 89   PHE A CD1 1 
ATOM   583  C  CD2 . PHE A 1 89  ? -3.625  14.530  1.071   1.00 35.55 ? 89   PHE A CD2 1 
ATOM   584  C  CE1 . PHE A 1 89  ? -5.006  13.976  -1.289  1.00 35.36 ? 89   PHE A CE1 1 
ATOM   585  C  CE2 . PHE A 1 89  ? -4.084  15.581  0.273   1.00 35.22 ? 89   PHE A CE2 1 
ATOM   586  C  CZ  . PHE A 1 89  ? -4.777  15.306  -0.909  1.00 36.69 ? 89   PHE A CZ  1 
ATOM   587  N  N   . ARG A 1 90  ? -0.295  12.501  2.046   1.00 42.85 ? 90   ARG A N   1 
ATOM   588  C  CA  . ARG A 1 90  ? 0.877   13.385  2.107   1.00 43.68 ? 90   ARG A CA  1 
ATOM   589  C  C   . ARG A 1 90  ? 2.062   12.849  1.313   1.00 42.53 ? 90   ARG A C   1 
ATOM   590  O  O   . ARG A 1 90  ? 2.913   13.612  0.853   1.00 42.92 ? 90   ARG A O   1 
ATOM   591  C  CB  . ARG A 1 90  ? 1.281   13.661  3.569   1.00 43.86 ? 90   ARG A CB  1 
ATOM   592  C  CG  . ARG A 1 90  ? 0.426   14.748  4.226   1.00 45.91 ? 90   ARG A CG  1 
ATOM   593  C  CD  . ARG A 1 90  ? 0.860   15.111  5.645   1.00 46.32 ? 90   ARG A CD  1 
ATOM   594  N  NE  . ARG A 1 90  ? 0.390   14.153  6.643   1.00 49.03 ? 90   ARG A NE  1 
ATOM   595  C  CZ  . ARG A 1 90  ? 1.164   13.252  7.249   1.00 51.57 ? 90   ARG A CZ  1 
ATOM   596  N  NH1 . ARG A 1 90  ? 2.460   13.178  6.966   1.00 51.27 ? 90   ARG A NH1 1 
ATOM   597  N  NH2 . ARG A 1 90  ? 0.640   12.421  8.142   1.00 51.42 ? 90   ARG A NH2 1 
ATOM   598  N  N   . VAL A 1 91  ? 2.115   11.538  1.141   1.00 41.42 ? 91   VAL A N   1 
ATOM   599  C  CA  . VAL A 1 91  ? 3.190   10.944  0.366   1.00 41.01 ? 91   VAL A CA  1 
ATOM   600  C  C   . VAL A 1 91  ? 2.906   11.235  -1.105  1.00 39.67 ? 91   VAL A C   1 
ATOM   601  O  O   . VAL A 1 91  ? 3.815   11.432  -1.904  1.00 38.21 ? 91   VAL A O   1 
ATOM   602  C  CB  . VAL A 1 91  ? 3.267   9.415   0.612   1.00 42.84 ? 91   VAL A CB  1 
ATOM   603  C  CG1 . VAL A 1 91  ? 4.100   8.746   -0.473  1.00 41.86 ? 91   VAL A CG1 1 
ATOM   604  C  CG2 . VAL A 1 91  ? 3.892   9.147   1.994   1.00 42.26 ? 91   VAL A CG2 1 
ATOM   605  N  N   . PHE A 1 92  ? 1.627   11.261  -1.454  1.00 39.17 ? 92   PHE A N   1 
ATOM   606  C  CA  . PHE A 1 92  ? 1.203   11.545  -2.820  1.00 37.52 ? 92   PHE A CA  1 
ATOM   607  C  C   . PHE A 1 92  ? 1.347   13.034  -3.094  1.00 37.58 ? 92   PHE A C   1 
ATOM   608  O  O   . PHE A 1 92  ? 2.006   13.438  -4.048  1.00 38.79 ? 92   PHE A O   1 
ATOM   609  C  CB  . PHE A 1 92  ? -0.256  11.136  -3.007  1.00 34.94 ? 92   PHE A CB  1 
ATOM   610  C  CG  . PHE A 1 92  ? -0.443  9.678   -3.260  1.00 35.16 ? 92   PHE A CG  1 
ATOM   611  C  CD1 . PHE A 1 92  ? -0.793  9.224   -4.526  1.00 32.87 ? 92   PHE A CD1 1 
ATOM   612  C  CD2 . PHE A 1 92  ? -0.265  8.749   -2.234  1.00 34.18 ? 92   PHE A CD2 1 
ATOM   613  C  CE1 . PHE A 1 92  ? -0.963  7.871   -4.774  1.00 32.66 ? 92   PHE A CE1 1 
ATOM   614  C  CE2 . PHE A 1 92  ? -0.429  7.390   -2.470  1.00 31.33 ? 92   PHE A CE2 1 
ATOM   615  C  CZ  . PHE A 1 92  ? -0.782  6.951   -3.744  1.00 32.95 ? 92   PHE A CZ  1 
ATOM   616  N  N   . ASP A 1 93  ? 0.717   13.833  -2.237  1.00 36.00 ? 93   ASP A N   1 
ATOM   617  C  CA  . ASP A 1 93  ? 0.726   15.284  -2.325  1.00 36.67 ? 93   ASP A CA  1 
ATOM   618  C  C   . ASP A 1 93  ? 2.096   15.798  -1.894  1.00 38.52 ? 93   ASP A C   1 
ATOM   619  O  O   . ASP A 1 93  ? 2.242   16.466  -0.865  1.00 37.97 ? 93   ASP A O   1 
ATOM   620  C  CB  . ASP A 1 93  ? -0.383  15.822  -1.422  1.00 35.28 ? 93   ASP A CB  1 
ATOM   621  C  CG  . ASP A 1 93  ? -0.488  17.324  -1.454  1.00 34.13 ? 93   ASP A CG  1 
ATOM   622  O  OD1 . ASP A 1 93  ? -0.341  17.912  -2.542  1.00 33.93 ? 93   ASP A OD1 1 
ATOM   623  O  OD2 . ASP A 1 93  ? -0.735  17.919  -0.386  1.00 31.89 ? 93   ASP A OD2 1 
ATOM   624  N  N   . LYS A 1 94  ? 3.098   15.489  -2.715  1.00 41.56 ? 94   LYS A N   1 
ATOM   625  C  CA  . LYS A 1 94  ? 4.492   15.845  -2.445  1.00 44.57 ? 94   LYS A CA  1 
ATOM   626  C  C   . LYS A 1 94  ? 4.795   17.317  -2.109  1.00 45.42 ? 94   LYS A C   1 
ATOM   627  O  O   . LYS A 1 94  ? 5.702   17.602  -1.317  1.00 46.08 ? 94   LYS A O   1 
ATOM   628  C  CB  . LYS A 1 94  ? 5.385   15.382  -3.610  1.00 44.19 ? 94   LYS A CB  1 
ATOM   629  C  CG  . LYS A 1 94  ? 6.824   15.063  -3.185  1.00 46.79 ? 94   LYS A CG  1 
ATOM   630  C  CD  . LYS A 1 94  ? 7.731   14.780  -4.382  1.00 45.59 ? 94   LYS A CD  1 
ATOM   631  C  CE  . LYS A 1 94  ? 9.154   14.488  -3.937  1.00 45.22 ? 94   LYS A CE  1 
ATOM   632  N  NZ  . LYS A 1 94  ? 9.242   13.261  -3.082  1.00 43.27 ? 94   LYS A NZ  1 
ATOM   633  N  N   . ASP A 1 95  ? 4.061   18.253  -2.699  1.00 46.81 ? 95   ASP A N   1 
ATOM   634  C  CA  . ASP A 1 95  ? 4.306   19.660  -2.402  1.00 47.24 ? 95   ASP A CA  1 
ATOM   635  C  C   . ASP A 1 95  ? 3.273   20.195  -1.410  1.00 47.06 ? 95   ASP A C   1 
ATOM   636  O  O   . ASP A 1 95  ? 3.113   21.399  -1.248  1.00 48.49 ? 95   ASP A O   1 
ATOM   637  C  CB  . ASP A 1 95  ? 4.297   20.489  -3.685  1.00 47.44 ? 95   ASP A CB  1 
ATOM   638  C  CG  . ASP A 1 95  ? 2.917   20.623  -4.284  1.00 48.78 ? 95   ASP A CG  1 
ATOM   639  O  OD1 . ASP A 1 95  ? 2.778   21.340  -5.298  1.00 49.31 ? 95   ASP A OD1 1 
ATOM   640  O  OD2 . ASP A 1 95  ? 1.971   20.017  -3.740  1.00 50.87 ? 95   ASP A OD2 1 
ATOM   641  N  N   . GLY A 1 96  ? 2.579   19.274  -0.754  1.00 46.91 ? 96   GLY A N   1 
ATOM   642  C  CA  . GLY A 1 96  ? 1.583   19.607  0.253   1.00 47.33 ? 96   GLY A CA  1 
ATOM   643  C  C   . GLY A 1 96  ? 0.564   20.712  0.017   1.00 47.33 ? 96   GLY A C   1 
ATOM   644  O  O   . GLY A 1 96  ? 0.198   21.404  0.975   1.00 48.86 ? 96   GLY A O   1 
ATOM   645  N  N   . ASN A 1 97  ? 0.080   20.877  -1.215  1.00 44.44 ? 97   ASN A N   1 
ATOM   646  C  CA  . ASN A 1 97  ? -0.891  21.935  -1.476  1.00 41.56 ? 97   ASN A CA  1 
ATOM   647  C  C   . ASN A 1 97  ? -2.344  21.472  -1.386  1.00 40.73 ? 97   ASN A C   1 
ATOM   648  O  O   . ASN A 1 97  ? -3.268  22.255  -1.614  1.00 42.28 ? 97   ASN A O   1 
ATOM   649  C  CB  . ASN A 1 97  ? -0.626  22.575  -2.843  1.00 40.98 ? 97   ASN A CB  1 
ATOM   650  C  CG  . ASN A 1 97  ? -0.983  21.665  -3.991  1.00 39.13 ? 97   ASN A CG  1 
ATOM   651  O  OD1 . ASN A 1 97  ? -1.240  20.469  -3.802  1.00 35.29 ? 97   ASN A OD1 1 
ATOM   652  N  ND2 . ASN A 1 97  ? -0.993  22.222  -5.196  1.00 36.85 ? 97   ASN A ND2 1 
ATOM   653  N  N   . GLY A 1 98  ? -2.549  20.198  -1.059  1.00 39.82 ? 98   GLY A N   1 
ATOM   654  C  CA  . GLY A 1 98  ? -3.900  19.670  -0.929  1.00 34.60 ? 98   GLY A CA  1 
ATOM   655  C  C   . GLY A 1 98  ? -4.409  18.994  -2.180  1.00 33.75 ? 98   GLY A C   1 
ATOM   656  O  O   . GLY A 1 98  ? -5.514  18.434  -2.208  1.00 30.34 ? 98   GLY A O   1 
ATOM   657  N  N   . TYR A 1 99  ? -3.590  19.048  -3.224  1.00 31.97 ? 99   TYR A N   1 
ATOM   658  C  CA  . TYR A 1 99  ? -3.949  18.441  -4.491  1.00 33.36 ? 99   TYR A CA  1 
ATOM   659  C  C   . TYR A 1 99  ? -2.854  17.566  -5.048  1.00 32.57 ? 99   TYR A C   1 
ATOM   660  O  O   . TYR A 1 99  ? -1.689  17.939  -5.032  1.00 33.10 ? 99   TYR A O   1 
ATOM   661  C  CB  . TYR A 1 99  ? -4.313  19.512  -5.532  1.00 33.15 ? 99   TYR A CB  1 
ATOM   662  C  CG  . TYR A 1 99  ? -5.501  20.362  -5.142  1.00 34.18 ? 99   TYR A CG  1 
ATOM   663  C  CD1 . TYR A 1 99  ? -5.354  21.469  -4.296  1.00 34.90 ? 99   TYR A CD1 1 
ATOM   664  C  CD2 . TYR A 1 99  ? -6.773  20.048  -5.592  1.00 34.75 ? 99   TYR A CD2 1 
ATOM   665  C  CE1 . TYR A 1 99  ? -6.450  22.241  -3.916  1.00 34.50 ? 99   TYR A CE1 1 
ATOM   666  C  CE2 . TYR A 1 99  ? -7.869  20.810  -5.220  1.00 36.56 ? 99   TYR A CE2 1 
ATOM   667  C  CZ  . TYR A 1 99  ? -7.699  21.906  -4.379  1.00 36.41 ? 99   TYR A CZ  1 
ATOM   668  O  OH  . TYR A 1 99  ? -8.798  22.652  -4.021  1.00 38.30 ? 99   TYR A OH  1 
ATOM   669  N  N   . ILE A 1 100 ? -3.242  16.390  -5.532  1.00 31.94 ? 100  ILE A N   1 
ATOM   670  C  CA  . ILE A 1 100 ? -2.299  15.463  -6.132  1.00 30.30 ? 100  ILE A CA  1 
ATOM   671  C  C   . ILE A 1 100 ? -2.378  15.717  -7.627  1.00 30.54 ? 100  ILE A C   1 
ATOM   672  O  O   . ILE A 1 100 ? -3.365  15.384  -8.264  1.00 30.37 ? 100  ILE A O   1 
ATOM   673  C  CB  . ILE A 1 100 ? -2.678  13.987  -5.866  1.00 28.76 ? 100  ILE A CB  1 
ATOM   674  C  CG1 . ILE A 1 100 ? -2.823  13.736  -4.364  1.00 29.04 ? 100  ILE A CG1 1 
ATOM   675  C  CG2 . ILE A 1 100 ? -1.615  13.063  -6.447  1.00 26.15 ? 100  ILE A CG2 1 
ATOM   676  C  CD1 . ILE A 1 100 ? -3.364  12.340  -4.031  1.00 26.60 ? 100  ILE A CD1 1 
ATOM   677  N  N   . SER A 1 101 ? -1.347  16.333  -8.180  1.00 32.70 ? 101  SER A N   1 
ATOM   678  C  CA  . SER A 1 101 ? -1.314  16.615  -9.605  1.00 34.55 ? 101  SER A CA  1 
ATOM   679  C  C   . SER A 1 101 ? -1.028  15.318  -10.358 1.00 35.23 ? 101  SER A C   1 
ATOM   680  O  O   . SER A 1 101 ? -0.883  14.255  -9.752  1.00 35.19 ? 101  SER A O   1 
ATOM   681  C  CB  . SER A 1 101 ? -0.218  17.643  -9.905  1.00 35.66 ? 101  SER A CB  1 
ATOM   682  O  OG  . SER A 1 101 ? 1.042   17.186  -9.441  1.00 36.91 ? 101  SER A OG  1 
ATOM   683  N  N   . ALA A 1 102 ? -0.949  15.409  -11.681 1.00 36.75 ? 102  ALA A N   1 
ATOM   684  C  CA  . ALA A 1 102 ? -0.665  14.240  -12.509 1.00 38.76 ? 102  ALA A CA  1 
ATOM   685  C  C   . ALA A 1 102 ? 0.825   13.896  -12.420 1.00 39.60 ? 102  ALA A C   1 
ATOM   686  O  O   . ALA A 1 102 ? 1.215   12.743  -12.590 1.00 38.11 ? 102  ALA A O   1 
ATOM   687  C  CB  . ALA A 1 102 ? -1.062  14.515  -13.962 1.00 37.60 ? 102  ALA A CB  1 
ATOM   688  N  N   . ALA A 1 103 ? 1.658   14.903  -12.160 1.00 41.06 ? 103  ALA A N   1 
ATOM   689  C  CA  . ALA A 1 103 ? 3.095   14.675  -12.028 1.00 42.91 ? 103  ALA A CA  1 
ATOM   690  C  C   . ALA A 1 103 ? 3.382   13.942  -10.709 1.00 43.84 ? 103  ALA A C   1 
ATOM   691  O  O   . ALA A 1 103 ? 4.117   12.950  -10.680 1.00 43.60 ? 103  ALA A O   1 
ATOM   692  C  CB  . ALA A 1 103 ? 3.854   16.001  -12.072 1.00 41.43 ? 103  ALA A CB  1 
ATOM   693  N  N   . GLU A 1 104 ? 2.787   14.430  -9.624  1.00 44.62 ? 104  GLU A N   1 
ATOM   694  C  CA  . GLU A 1 104 ? 2.971   13.816  -8.315  1.00 46.50 ? 104  GLU A CA  1 
ATOM   695  C  C   . GLU A 1 104 ? 2.455   12.387  -8.322  1.00 47.35 ? 104  GLU A C   1 
ATOM   696  O  O   . GLU A 1 104 ? 3.053   11.494  -7.716  1.00 48.01 ? 104  GLU A O   1 
ATOM   697  C  CB  . GLU A 1 104 ? 2.230   14.608  -7.234  1.00 45.86 ? 104  GLU A CB  1 
ATOM   698  C  CG  . GLU A 1 104 ? 2.668   16.046  -7.128  1.00 47.12 ? 104  GLU A CG  1 
ATOM   699  C  CD  . GLU A 1 104 ? 1.943   16.798  -6.041  1.00 46.62 ? 104  GLU A CD  1 
ATOM   700  O  OE1 . GLU A 1 104 ? 0.730   16.578  -5.871  1.00 45.61 ? 104  GLU A OE1 1 
ATOM   701  O  OE2 . GLU A 1 104 ? 2.586   17.622  -5.366  1.00 47.74 ? 104  GLU A OE2 1 
ATOM   702  N  N   . LEU A 1 105 ? 1.335   12.180  -9.006  1.00 48.09 ? 105  LEU A N   1 
ATOM   703  C  CA  . LEU A 1 105 ? 0.725   10.862  -9.092  1.00 49.82 ? 105  LEU A CA  1 
ATOM   704  C  C   . LEU A 1 105 ? 1.640   9.877   -9.809  1.00 50.98 ? 105  LEU A C   1 
ATOM   705  O  O   . LEU A 1 105 ? 1.674   8.698   -9.475  1.00 51.62 ? 105  LEU A O   1 
ATOM   706  C  CB  . LEU A 1 105 ? -0.623  10.946  -9.814  1.00 48.41 ? 105  LEU A CB  1 
ATOM   707  C  CG  . LEU A 1 105 ? -1.413  9.641   -9.874  1.00 48.12 ? 105  LEU A CG  1 
ATOM   708  C  CD1 . LEU A 1 105 ? -1.632  9.112   -8.471  1.00 47.47 ? 105  LEU A CD1 1 
ATOM   709  C  CD2 . LEU A 1 105 ? -2.738  9.871   -10.573 1.00 47.38 ? 105  LEU A CD2 1 
ATOM   710  N  N   . ARG A 1 106 ? 2.383   10.361  -10.795 1.00 52.91 ? 106  ARG A N   1 
ATOM   711  C  CA  . ARG A 1 106 ? 3.303   9.499   -11.530 1.00 54.65 ? 106  ARG A CA  1 
ATOM   712  C  C   . ARG A 1 106 ? 4.468   9.179   -10.604 1.00 55.44 ? 106  ARG A C   1 
ATOM   713  O  O   . ARG A 1 106 ? 4.731   8.019   -10.294 1.00 55.14 ? 106  ARG A O   1 
ATOM   714  C  CB  . ARG A 1 106 ? 3.805   10.214  -12.801 1.00 54.80 ? 106  ARG A CB  1 
ATOM   715  N  N   . HIS A 1 107 ? 5.147   10.231  -10.155 1.00 56.90 ? 107  HIS A N   1 
ATOM   716  C  CA  . HIS A 1 107 ? 6.288   10.112  -9.255  1.00 58.08 ? 107  HIS A CA  1 
ATOM   717  C  C   . HIS A 1 107 ? 6.048   9.128   -8.108  1.00 58.27 ? 107  HIS A C   1 
ATOM   718  O  O   . HIS A 1 107 ? 6.887   8.270   -7.835  1.00 58.78 ? 107  HIS A O   1 
ATOM   719  C  CB  . HIS A 1 107 ? 6.646   11.494  -8.692  1.00 59.32 ? 107  HIS A CB  1 
ATOM   720  C  CG  . HIS A 1 107 ? 7.604   11.458  -7.540  1.00 62.14 ? 107  HIS A CG  1 
ATOM   721  N  ND1 . HIS A 1 107 ? 8.862   10.895  -7.630  1.00 63.21 ? 107  HIS A ND1 1 
ATOM   722  C  CD2 . HIS A 1 107 ? 7.491   11.912  -6.270  1.00 63.87 ? 107  HIS A CD2 1 
ATOM   723  C  CE1 . HIS A 1 107 ? 9.476   11.005  -6.468  1.00 63.23 ? 107  HIS A CE1 1 
ATOM   724  N  NE2 . HIS A 1 107 ? 8.668   11.620  -5.622  1.00 63.49 ? 107  HIS A NE2 1 
ATOM   725  N  N   . VAL A 1 108 ? 4.904   9.236   -7.443  1.00 57.40 ? 108  VAL A N   1 
ATOM   726  C  CA  . VAL A 1 108 ? 4.625   8.345   -6.326  1.00 58.58 ? 108  VAL A CA  1 
ATOM   727  C  C   . VAL A 1 108 ? 4.274   6.900   -6.731  1.00 59.59 ? 108  VAL A C   1 
ATOM   728  O  O   . VAL A 1 108 ? 4.664   5.947   -6.055  1.00 58.98 ? 108  VAL A O   1 
ATOM   729  C  CB  . VAL A 1 108 ? 3.509   8.928   -5.422  1.00 57.70 ? 108  VAL A CB  1 
ATOM   730  C  CG1 . VAL A 1 108 ? 2.165   8.876   -6.133  1.00 57.51 ? 108  VAL A CG1 1 
ATOM   731  C  CG2 . VAL A 1 108 ? 3.460   8.170   -4.115  1.00 57.76 ? 108  VAL A CG2 1 
ATOM   732  N  N   . MET A 1 109 ? 3.550   6.726   -7.834  1.00 60.07 ? 109  MET A N   1 
ATOM   733  C  CA  . MET A 1 109 ? 3.187   5.378   -8.276  1.00 60.67 ? 109  MET A CA  1 
ATOM   734  C  C   . MET A 1 109 ? 4.390   4.611   -8.817  1.00 62.09 ? 109  MET A C   1 
ATOM   735  O  O   . MET A 1 109 ? 4.451   3.378   -8.723  1.00 61.91 ? 109  MET A O   1 
ATOM   736  C  CB  . MET A 1 109 ? 2.079   5.422   -9.335  1.00 59.39 ? 109  MET A CB  1 
ATOM   737  C  CG  . MET A 1 109 ? 0.712   5.780   -8.774  1.00 58.98 ? 109  MET A CG  1 
ATOM   738  S  SD  . MET A 1 109 ? 0.257   4.764   -7.337  1.00 58.35 ? 109  MET A SD  1 
ATOM   739  C  CE  . MET A 1 109 ? 0.118   3.135   -8.088  1.00 57.12 ? 109  MET A CE  1 
ATOM   740  N  N   . THR A 1 110 ? 5.348   5.339   -9.384  1.00 63.19 ? 110  THR A N   1 
ATOM   741  C  CA  . THR A 1 110 ? 6.551   4.702   -9.907  1.00 63.39 ? 110  THR A CA  1 
ATOM   742  C  C   . THR A 1 110 ? 7.465   4.379   -8.731  1.00 64.25 ? 110  THR A C   1 
ATOM   743  O  O   . THR A 1 110 ? 8.378   3.559   -8.837  1.00 64.96 ? 110  THR A O   1 
ATOM   744  C  CB  . THR A 1 110 ? 7.294   5.613   -10.930 1.00 62.40 ? 110  THR A CB  1 
ATOM   745  O  OG1 . THR A 1 110 ? 8.506   4.972   -11.345 1.00 60.43 ? 110  THR A OG1 1 
ATOM   746  C  CG2 . THR A 1 110 ? 7.621   6.971   -10.323 1.00 63.28 ? 110  THR A CG2 1 
ATOM   747  N  N   . ASN A 1 111 ? 7.205   5.032   -7.602  1.00 64.13 ? 111  ASN A N   1 
ATOM   748  C  CA  . ASN A 1 111 ? 7.988   4.805   -6.400  1.00 64.24 ? 111  ASN A CA  1 
ATOM   749  C  C   . ASN A 1 111 ? 7.323   3.666   -5.638  1.00 64.24 ? 111  ASN A C   1 
ATOM   750  O  O   . ASN A 1 111 ? 7.983   2.901   -4.937  1.00 63.26 ? 111  ASN A O   1 
ATOM   751  C  CB  . ASN A 1 111 ? 8.033   6.069   -5.552  1.00 63.78 ? 111  ASN A CB  1 
ATOM   752  N  N   . LEU A 1 112 ? 6.008   3.553   -5.794  1.00 64.75 ? 112  LEU A N   1 
ATOM   753  C  CA  . LEU A 1 112 ? 5.255   2.493   -5.138  1.00 65.64 ? 112  LEU A CA  1 
ATOM   754  C  C   . LEU A 1 112 ? 5.486   1.144   -5.858  1.00 66.92 ? 112  LEU A C   1 
ATOM   755  O  O   . LEU A 1 112 ? 5.473   0.102   -5.208  1.00 67.08 ? 112  LEU A O   1 
ATOM   756  C  CB  . LEU A 1 112 ? 3.774   2.848   -5.102  1.00 65.08 ? 112  LEU A CB  1 
ATOM   757  N  N   . GLY A 1 113 ? 5.712   1.169   -7.181  1.00 67.84 ? 113  GLY A N   1 
ATOM   758  C  CA  . GLY A 1 113 ? 5.968   -0.032  -7.973  1.00 69.21 ? 113  GLY A CA  1 
ATOM   759  C  C   . GLY A 1 113 ? 5.273   -0.018  -9.310  1.00 70.29 ? 113  GLY A C   1 
ATOM   760  O  O   . GLY A 1 113 ? 4.414   -0.887  -9.583  1.00 69.95 ? 113  GLY A O   1 
ATOM   761  N  N   . GLU A 1 114 ? 5.693   0.898   -10.193 1.00 71.18 ? 114  GLU A N   1 
ATOM   762  C  CA  . GLU A 1 114 ? 5.033   1.046   -11.484 1.00 71.66 ? 114  GLU A CA  1 
ATOM   763  C  C   . GLU A 1 114 ? 5.733   2.008   -12.479 1.00 72.49 ? 114  GLU A C   1 
ATOM   764  O  O   . GLU A 1 114 ? 6.225   3.078   -12.087 1.00 73.76 ? 114  GLU A O   1 
ATOM   765  C  CB  . GLU A 1 114 ? 3.622   1.554   -11.220 1.00 70.61 ? 114  GLU A CB  1 
ATOM   766  N  N   . LYS A 1 115 ? 5.696   1.662   -13.766 1.00 72.50 ? 115  LYS A N   1 
ATOM   767  C  CA  . LYS A 1 115 ? 6.265   2.465   -14.837 1.00 71.69 ? 115  LYS A CA  1 
ATOM   768  C  C   . LYS A 1 115 ? 5.171   3.396   -15.344 1.00 71.17 ? 115  LYS A C   1 
ATOM   769  O  O   . LYS A 1 115 ? 4.001   3.214   -15.009 1.00 70.16 ? 115  LYS A O   1 
ATOM   770  C  CB  . LYS A 1 115 ? 6.738   1.545   -15.964 1.00 71.52 ? 115  LYS A CB  1 
ATOM   771  N  N   . THR A 1 117 ? 1.961   5.182   -18.158 1.00 85.38 ? 117  THR A N   1 
ATOM   772  C  CA  . THR A 1 117 ? 2.035   6.283   -19.111 1.00 85.31 ? 117  THR A CA  1 
ATOM   773  C  C   . THR A 1 117 ? 1.038   7.368   -18.730 1.00 85.16 ? 117  THR A C   1 
ATOM   774  O  O   . THR A 1 117 ? 0.293   7.214   -17.767 1.00 85.84 ? 117  THR A O   1 
ATOM   775  C  CB  . THR A 1 117 ? 1.745   5.777   -20.512 1.00 86.00 ? 117  THR A CB  1 
ATOM   776  N  N   . ASP A 1 118 ? 1.021   8.460   -19.490 1.00 84.36 ? 118  ASP A N   1 
ATOM   777  C  CA  . ASP A 1 118 ? 0.109   9.562   -19.201 1.00 83.65 ? 118  ASP A CA  1 
ATOM   778  C  C   . ASP A 1 118 ? -1.345  9.200   -19.481 1.00 82.15 ? 118  ASP A C   1 
ATOM   779  O  O   . ASP A 1 118 ? -2.262  9.911   -19.067 1.00 81.88 ? 118  ASP A O   1 
ATOM   780  C  CB  . ASP A 1 118 ? 0.506   10.802  -19.999 1.00 85.25 ? 118  ASP A CB  1 
ATOM   781  C  CG  . ASP A 1 118 ? 1.939   11.221  -19.738 1.00 87.17 ? 118  ASP A CG  1 
ATOM   782  O  OD1 . ASP A 1 118 ? 2.376   11.124  -18.571 1.00 87.27 ? 118  ASP A OD1 1 
ATOM   783  O  OD2 . ASP A 1 118 ? 2.622   11.655  -20.692 1.00 88.31 ? 118  ASP A OD2 1 
ATOM   784  N  N   . GLU A 1 119 ? -1.551  8.098   -20.190 1.00 80.06 ? 119  GLU A N   1 
ATOM   785  C  CA  . GLU A 1 119 ? -2.896  7.632   -20.488 1.00 78.17 ? 119  GLU A CA  1 
ATOM   786  C  C   . GLU A 1 119 ? -3.284  6.783   -19.289 1.00 76.59 ? 119  GLU A C   1 
ATOM   787  O  O   . GLU A 1 119 ? -4.458  6.647   -18.946 1.00 77.00 ? 119  GLU A O   1 
ATOM   788  C  CB  . GLU A 1 119 ? -2.903  6.790   -21.760 1.00 78.04 ? 119  GLU A CB  1 
ATOM   789  N  N   . GLU A 1 120 ? -2.267  6.213   -18.651 1.00 74.27 ? 120  GLU A N   1 
ATOM   790  C  CA  . GLU A 1 120 ? -2.469  5.386   -17.475 1.00 72.11 ? 120  GLU A CA  1 
ATOM   791  C  C   . GLU A 1 120 ? -2.661  6.271   -16.250 1.00 69.45 ? 120  GLU A C   1 
ATOM   792  O  O   . GLU A 1 120 ? -3.433  5.943   -15.351 1.00 70.05 ? 120  GLU A O   1 
ATOM   793  C  CB  . GLU A 1 120 ? -1.269  4.465   -17.278 1.00 73.34 ? 120  GLU A CB  1 
ATOM   794  C  CG  . GLU A 1 120 ? -1.294  3.239   -18.167 1.00 77.19 ? 120  GLU A CG  1 
ATOM   795  C  CD  . GLU A 1 120 ? 0.020   2.484   -18.149 1.00 79.34 ? 120  GLU A CD  1 
ATOM   796  O  OE1 . GLU A 1 120 ? 0.618   2.352   -17.056 1.00 80.39 ? 120  GLU A OE1 1 
ATOM   797  O  OE2 . GLU A 1 120 ? 0.450   2.018   -19.229 1.00 81.28 ? 120  GLU A OE2 1 
ATOM   798  N  N   . VAL A 1 121 ? -1.958  7.401   -16.230 1.00 65.04 ? 121  VAL A N   1 
ATOM   799  C  CA  . VAL A 1 121 ? -2.039  8.346   -15.125 1.00 61.09 ? 121  VAL A CA  1 
ATOM   800  C  C   . VAL A 1 121 ? -3.295  9.219   -15.217 1.00 58.01 ? 121  VAL A C   1 
ATOM   801  O  O   . VAL A 1 121 ? -3.975  9.451   -14.218 1.00 57.42 ? 121  VAL A O   1 
ATOM   802  C  CB  . VAL A 1 121 ? -0.784  9.253   -15.084 1.00 61.55 ? 121  VAL A CB  1 
ATOM   803  C  CG1 . VAL A 1 121 ? -0.860  10.199  -13.896 1.00 60.64 ? 121  VAL A CG1 1 
ATOM   804  C  CG2 . VAL A 1 121 ? 0.472   8.396   -14.994 1.00 61.35 ? 121  VAL A CG2 1 
ATOM   805  N  N   . ASP A 1 122 ? -3.601  9.700   -16.418 1.00 54.93 ? 122  ASP A N   1 
ATOM   806  C  CA  . ASP A 1 122 ? -4.781  10.535  -16.632 1.00 51.50 ? 122  ASP A CA  1 
ATOM   807  C  C   . ASP A 1 122 ? -6.072  9.714   -16.519 1.00 48.99 ? 122  ASP A C   1 
ATOM   808  O  O   . ASP A 1 122 ? -7.156  10.258  -16.319 1.00 48.49 ? 122  ASP A O   1 
ATOM   809  C  CB  . ASP A 1 122 ? -4.694  11.210  -17.991 1.00 52.39 ? 122  ASP A CB  1 
ATOM   810  N  N   . GLU A 1 123 ? -5.950  8.398   -16.661 1.00 46.55 ? 123  GLU A N   1 
ATOM   811  C  CA  . GLU A 1 123 ? -7.100  7.509   -16.521 1.00 44.09 ? 123  GLU A CA  1 
ATOM   812  C  C   . GLU A 1 123 ? -7.347  7.398   -15.020 1.00 41.57 ? 123  GLU A C   1 
ATOM   813  O  O   . GLU A 1 123 ? -8.491  7.338   -14.566 1.00 40.44 ? 123  GLU A O   1 
ATOM   814  C  CB  . GLU A 1 123 ? -6.788  6.119   -17.111 1.00 45.26 ? 123  GLU A CB  1 
ATOM   815  N  N   . MET A 1 124 ? -6.253  7.375   -14.259 1.00 38.31 ? 124  MET A N   1 
ATOM   816  C  CA  . MET A 1 124 ? -6.319  7.292   -12.809 1.00 37.65 ? 124  MET A CA  1 
ATOM   817  C  C   . MET A 1 124 ? -7.015  8.532   -12.284 1.00 36.50 ? 124  MET A C   1 
ATOM   818  O  O   . MET A 1 124 ? -7.949  8.454   -11.490 1.00 35.96 ? 124  MET A O   1 
ATOM   819  C  CB  . MET A 1 124 ? -4.915  7.205   -12.202 1.00 38.60 ? 124  MET A CB  1 
ATOM   820  C  CG  . MET A 1 124 ? -4.655  5.921   -11.432 1.00 40.88 ? 124  MET A CG  1 
ATOM   821  S  SD  . MET A 1 124 ? -3.553  6.120   -10.022 1.00 42.75 ? 124  MET A SD  1 
ATOM   822  C  CE  . MET A 1 124 ? -1.971  6.104   -10.834 1.00 43.54 ? 124  MET A CE  1 
ATOM   823  N  N   . ILE A 1 125 ? -6.562  9.689   -12.729 1.00 35.25 ? 125  ILE A N   1 
ATOM   824  C  CA  . ILE A 1 125 ? -7.192  10.902  -12.271 1.00 36.33 ? 125  ILE A CA  1 
ATOM   825  C  C   . ILE A 1 125 ? -8.693  10.874  -12.528 1.00 37.87 ? 125  ILE A C   1 
ATOM   826  O  O   . ILE A 1 125 ? -9.485  11.029  -11.587 1.00 37.90 ? 125  ILE A O   1 
ATOM   827  C  CB  . ILE A 1 125 ? -6.564  12.121  -12.928 1.00 36.25 ? 125  ILE A CB  1 
ATOM   828  C  CG1 . ILE A 1 125 ? -5.166  12.337  -12.336 1.00 37.00 ? 125  ILE A CG1 1 
ATOM   829  C  CG2 . ILE A 1 125 ? -7.446  13.333  -12.714 1.00 38.16 ? 125  ILE A CG2 1 
ATOM   830  C  CD1 . ILE A 1 125 ? -4.396  13.504  -12.936 1.00 36.71 ? 125  ILE A CD1 1 
ATOM   831  N  N   . ARG A 1 126 ? -9.092  10.628  -13.780 1.00 38.82 ? 126  ARG A N   1 
ATOM   832  C  CA  . ARG A 1 126 ? -10.515 10.610  -14.118 1.00 39.86 ? 126  ARG A CA  1 
ATOM   833  C  C   . ARG A 1 126 ? -11.333 9.592   -13.344 1.00 39.29 ? 126  ARG A C   1 
ATOM   834  O  O   . ARG A 1 126 ? -12.512 9.816   -13.088 1.00 40.25 ? 126  ARG A O   1 
ATOM   835  C  CB  . ARG A 1 126 ? -10.734 10.411  -15.627 1.00 42.99 ? 126  ARG A CB  1 
ATOM   836  C  CG  . ARG A 1 126 ? -10.319 9.050   -16.204 1.00 47.62 ? 126  ARG A CG  1 
ATOM   837  C  CD  . ARG A 1 126 ? -10.962 8.823   -17.581 1.00 46.81 ? 126  ARG A CD  1 
ATOM   838  N  NE  . ARG A 1 126 ? -10.202 7.880   -18.406 1.00 48.69 ? 126  ARG A NE  1 
ATOM   839  C  CZ  . ARG A 1 126 ? -10.027 6.585   -18.133 1.00 49.05 ? 126  ARG A CZ  1 
ATOM   840  N  NH1 . ARG A 1 126 ? -10.564 6.049   -17.044 1.00 49.56 ? 126  ARG A NH1 1 
ATOM   841  N  NH2 . ARG A 1 126 ? -9.291  5.826   -18.943 1.00 47.35 ? 126  ARG A NH2 1 
ATOM   842  N  N   . GLU A 1 127 ? -10.709 8.486   -12.958 1.00 38.57 ? 127  GLU A N   1 
ATOM   843  C  CA  . GLU A 1 127 ? -11.390 7.448   -12.189 1.00 37.55 ? 127  GLU A CA  1 
ATOM   844  C  C   . GLU A 1 127 ? -11.721 7.892   -10.750 1.00 36.76 ? 127  GLU A C   1 
ATOM   845  O  O   . GLU A 1 127 ? -12.487 7.239   -10.046 1.00 34.37 ? 127  GLU A O   1 
ATOM   846  C  CB  . GLU A 1 127 ? -10.528 6.183   -12.175 1.00 40.90 ? 127  GLU A CB  1 
ATOM   847  C  CG  . GLU A 1 127 ? -11.137 4.986   -12.923 1.00 46.76 ? 127  GLU A CG  1 
ATOM   848  C  CD  . GLU A 1 127 ? -10.286 3.711   -12.811 1.00 49.81 ? 127  GLU A CD  1 
ATOM   849  O  OE1 . GLU A 1 127 ? -10.814 2.603   -13.066 1.00 51.81 ? 127  GLU A OE1 1 
ATOM   850  O  OE2 . GLU A 1 127 ? -9.086  3.813   -12.479 1.00 50.91 ? 127  GLU A OE2 1 
ATOM   851  N  N   . ALA A 1 128 ? -11.159 9.017   -10.319 1.00 37.30 ? 128  ALA A N   1 
ATOM   852  C  CA  . ALA A 1 128 ? -11.418 9.518   -8.974  1.00 37.02 ? 128  ALA A CA  1 
ATOM   853  C  C   . ALA A 1 128 ? -11.742 11.008  -8.927  1.00 35.97 ? 128  ALA A C   1 
ATOM   854  O  O   . ALA A 1 128 ? -12.096 11.535  -7.874  1.00 35.59 ? 128  ALA A O   1 
ATOM   855  C  CB  . ALA A 1 128 ? -10.221 9.240   -8.082  1.00 38.72 ? 128  ALA A CB  1 
ATOM   856  N  N   . ASP A 1 129 ? -11.611 11.677  -10.066 1.00 34.07 ? 129  ASP A N   1 
ATOM   857  C  CA  . ASP A 1 129 ? -11.862 13.111  -10.159 1.00 31.72 ? 129  ASP A CA  1 
ATOM   858  C  C   . ASP A 1 129 ? -13.358 13.474  -10.160 1.00 30.74 ? 129  ASP A C   1 
ATOM   859  O  O   . ASP A 1 129 ? -13.962 13.754  -11.200 1.00 31.34 ? 129  ASP A O   1 
ATOM   860  C  CB  . ASP A 1 129 ? -11.152 13.640  -11.408 1.00 31.24 ? 129  ASP A CB  1 
ATOM   861  C  CG  . ASP A 1 129 ? -11.173 15.146  -11.502 1.00 32.03 ? 129  ASP A CG  1 
ATOM   862  O  OD1 . ASP A 1 129 ? -11.264 15.821  -10.447 1.00 31.37 ? 129  ASP A OD1 1 
ATOM   863  O  OD2 . ASP A 1 129 ? -11.079 15.654  -12.638 1.00 32.79 ? 129  ASP A OD2 1 
ATOM   864  N  N   . ILE A 1 130 ? -13.944 13.460  -8.969  1.00 29.11 ? 130  ILE A N   1 
ATOM   865  C  CA  . ILE A 1 130 ? -15.353 13.770  -8.782  1.00 27.89 ? 130  ILE A CA  1 
ATOM   866  C  C   . ILE A 1 130 ? -15.688 15.223  -9.183  1.00 27.67 ? 130  ILE A C   1 
ATOM   867  O  O   . ILE A 1 130 ? -16.583 15.450  -9.980  1.00 28.55 ? 130  ILE A O   1 
ATOM   868  C  CB  . ILE A 1 130 ? -15.755 13.512  -7.309  1.00 27.09 ? 130  ILE A CB  1 
ATOM   869  C  CG1 . ILE A 1 130 ? -15.434 12.059  -6.942  1.00 27.81 ? 130  ILE A CG1 1 
ATOM   870  C  CG2 . ILE A 1 130 ? -17.239 13.794  -7.093  1.00 28.92 ? 130  ILE A CG2 1 
ATOM   871  C  CD1 . ILE A 1 130 ? -15.514 11.754  -5.451  1.00 26.82 ? 130  ILE A CD1 1 
ATOM   872  N  N   . ASP A 1 131 ? -14.973 16.209  -8.645  1.00 26.47 ? 131  ASP A N   1 
ATOM   873  C  CA  . ASP A 1 131 ? -15.252 17.601  -8.995  1.00 25.93 ? 131  ASP A CA  1 
ATOM   874  C  C   . ASP A 1 131 ? -14.773 17.997  -10.413 1.00 27.48 ? 131  ASP A C   1 
ATOM   875  O  O   . ASP A 1 131 ? -15.181 19.028  -10.965 1.00 28.08 ? 131  ASP A O   1 
ATOM   876  C  CB  . ASP A 1 131 ? -14.664 18.531  -7.928  1.00 23.90 ? 131  ASP A CB  1 
ATOM   877  C  CG  . ASP A 1 131 ? -13.158 18.493  -7.872  1.00 21.96 ? 131  ASP A CG  1 
ATOM   878  O  OD1 . ASP A 1 131 ? -12.581 18.981  -6.880  1.00 21.78 ? 131  ASP A OD1 1 
ATOM   879  O  OD2 . ASP A 1 131 ? -12.544 17.989  -8.818  1.00 20.78 ? 131  ASP A OD2 1 
ATOM   880  N  N   . GLY A 1 132 ? -13.915 17.167  -10.998 1.00 27.99 ? 132  GLY A N   1 
ATOM   881  C  CA  . GLY A 1 132 ? -13.438 17.411  -12.342 1.00 26.72 ? 132  GLY A CA  1 
ATOM   882  C  C   . GLY A 1 132 ? -12.363 18.449  -12.567 1.00 27.62 ? 132  GLY A C   1 
ATOM   883  O  O   . GLY A 1 132 ? -12.128 18.833  -13.718 1.00 28.94 ? 132  GLY A O   1 
ATOM   884  N  N   . ASP A 1 133 ? -11.697 18.894  -11.502 1.00 27.46 ? 133  ASP A N   1 
ATOM   885  C  CA  . ASP A 1 133 ? -10.656 19.906  -11.625 1.00 28.63 ? 133  ASP A CA  1 
ATOM   886  C  C   . ASP A 1 133 ? -9.341  19.416  -12.232 1.00 30.64 ? 133  ASP A C   1 
ATOM   887  O  O   . ASP A 1 133 ? -8.414  20.206  -12.425 1.00 32.32 ? 133  ASP A O   1 
ATOM   888  C  CB  . ASP A 1 133 ? -10.380 20.551  -10.266 1.00 28.96 ? 133  ASP A CB  1 
ATOM   889  C  CG  . ASP A 1 133 ? -9.723  19.595  -9.275  1.00 31.92 ? 133  ASP A CG  1 
ATOM   890  O  OD1 . ASP A 1 133 ? -9.289  20.078  -8.193  1.00 31.45 ? 133  ASP A OD1 1 
ATOM   891  O  OD2 . ASP A 1 133 ? -9.637  18.373  -9.563  1.00 30.75 ? 133  ASP A OD2 1 
ATOM   892  N  N   . GLY A 1 134 ? -9.248  18.124  -12.533 1.00 31.47 ? 134  GLY A N   1 
ATOM   893  C  CA  . GLY A 1 134 ? -8.023  17.598  -13.128 1.00 32.34 ? 134  GLY A CA  1 
ATOM   894  C  C   . GLY A 1 134 ? -6.988  17.021  -12.167 1.00 32.85 ? 134  GLY A C   1 
ATOM   895  O  O   . GLY A 1 134 ? -6.005  16.412  -12.591 1.00 32.70 ? 134  GLY A O   1 
ATOM   896  N  N   . GLN A 1 135 ? -7.196  17.212  -10.869 1.00 32.41 ? 135  GLN A N   1 
ATOM   897  C  CA  . GLN A 1 135 ? -6.275  16.687  -9.872  1.00 30.74 ? 135  GLN A CA  1 
ATOM   898  C  C   . GLN A 1 135 ? -7.053  15.931  -8.807  1.00 30.93 ? 135  GLN A C   1 
ATOM   899  O  O   . GLN A 1 135 ? -8.281  15.869  -8.875  1.00 31.82 ? 135  GLN A O   1 
ATOM   900  C  CB  . GLN A 1 135 ? -5.482  17.829  -9.263  1.00 32.01 ? 135  GLN A CB  1 
ATOM   901  C  CG  . GLN A 1 135 ? -4.668  18.545  -10.319 1.00 32.12 ? 135  GLN A CG  1 
ATOM   902  C  CD  . GLN A 1 135 ? -3.606  19.448  -9.752  1.00 32.46 ? 135  GLN A CD  1 
ATOM   903  O  OE1 . GLN A 1 135 ? -2.828  20.033  -10.494 1.00 34.84 ? 135  GLN A OE1 1 
ATOM   904  N  NE2 . GLN A 1 135 ? -3.565  19.568  -8.435  1.00 33.58 ? 135  GLN A NE2 1 
ATOM   905  N  N   . VAL A 1 136 ? -6.348  15.355  -7.834  1.00 28.15 ? 136  VAL A N   1 
ATOM   906  C  CA  . VAL A 1 136 ? -7.003  14.588  -6.771  1.00 27.51 ? 136  VAL A CA  1 
ATOM   907  C  C   . VAL A 1 136 ? -6.827  15.238  -5.408  1.00 27.00 ? 136  VAL A C   1 
ATOM   908  O  O   . VAL A 1 136 ? -5.699  15.472  -4.966  1.00 25.41 ? 136  VAL A O   1 
ATOM   909  C  CB  . VAL A 1 136 ? -6.438  13.118  -6.697  1.00 29.63 ? 136  VAL A CB  1 
ATOM   910  C  CG1 . VAL A 1 136 ? -7.342  12.233  -5.836  1.00 25.60 ? 136  VAL A CG1 1 
ATOM   911  C  CG2 . VAL A 1 136 ? -6.313  12.533  -8.108  1.00 26.44 ? 136  VAL A CG2 1 
ATOM   912  N  N   . ASN A 1 137 ? -7.944  15.545  -4.751  1.00 27.05 ? 137  ASN A N   1 
ATOM   913  C  CA  . ASN A 1 137 ? -7.885  16.138  -3.417  1.00 29.20 ? 137  ASN A CA  1 
ATOM   914  C  C   . ASN A 1 137 ? -8.037  15.039  -2.351  1.00 29.66 ? 137  ASN A C   1 
ATOM   915  O  O   . ASN A 1 137 ? -8.075  13.844  -2.674  1.00 30.73 ? 137  ASN A O   1 
ATOM   916  C  CB  . ASN A 1 137 ? -8.963  17.219  -3.234  1.00 29.01 ? 137  ASN A CB  1 
ATOM   917  C  CG  . ASN A 1 137 ? -10.370 16.685  -3.390  1.00 30.86 ? 137  ASN A CG  1 
ATOM   918  O  OD1 . ASN A 1 137 ? -10.631 15.505  -3.147  1.00 31.98 ? 137  ASN A OD1 1 
ATOM   919  N  ND2 . ASN A 1 137 ? -11.296 17.560  -3.779  1.00 29.03 ? 137  ASN A ND2 1 
ATOM   920  N  N   . TYR A 1 138 ? -8.119  15.437  -1.088  1.00 28.96 ? 138  TYR A N   1 
ATOM   921  C  CA  . TYR A 1 138 ? -8.243  14.469  -0.021  1.00 30.30 ? 138  TYR A CA  1 
ATOM   922  C  C   . TYR A 1 138 ? -9.530  13.668  -0.090  1.00 30.41 ? 138  TYR A C   1 
ATOM   923  O  O   . TYR A 1 138 ? -9.497  12.440  -0.067  1.00 30.34 ? 138  TYR A O   1 
ATOM   924  C  CB  . TYR A 1 138 ? -8.136  15.151  1.340   1.00 32.90 ? 138  TYR A CB  1 
ATOM   925  C  CG  . TYR A 1 138 ? -8.158  14.164  2.476   1.00 34.98 ? 138  TYR A CG  1 
ATOM   926  C  CD1 . TYR A 1 138 ? -9.306  13.985  3.247   1.00 37.13 ? 138  TYR A CD1 1 
ATOM   927  C  CD2 . TYR A 1 138 ? -7.053  13.331  2.726   1.00 35.57 ? 138  TYR A CD2 1 
ATOM   928  C  CE1 . TYR A 1 138 ? -9.363  12.990  4.239   1.00 37.38 ? 138  TYR A CE1 1 
ATOM   929  C  CE2 . TYR A 1 138 ? -7.100  12.341  3.708   1.00 35.49 ? 138  TYR A CE2 1 
ATOM   930  C  CZ  . TYR A 1 138 ? -8.258  12.175  4.462   1.00 36.67 ? 138  TYR A CZ  1 
ATOM   931  O  OH  . TYR A 1 138 ? -8.314  11.202  5.445   1.00 37.87 ? 138  TYR A OH  1 
ATOM   932  N  N   . GLU A 1 139 ? -10.662 14.353  -0.191  1.00 29.24 ? 139  GLU A N   1 
ATOM   933  C  CA  . GLU A 1 139 ? -11.941 13.667  -0.247  1.00 28.44 ? 139  GLU A CA  1 
ATOM   934  C  C   . GLU A 1 139 ? -11.958 12.609  -1.335  1.00 28.77 ? 139  GLU A C   1 
ATOM   935  O  O   . GLU A 1 139 ? -12.307 11.467  -1.085  1.00 28.46 ? 139  GLU A O   1 
ATOM   936  C  CB  . GLU A 1 139 ? -13.058 14.664  -0.488  1.00 30.48 ? 139  GLU A CB  1 
ATOM   937  N  N   . GLU A 1 140 ? -11.594 12.998  -2.553  1.00 29.45 ? 140  GLU A N   1 
ATOM   938  C  CA  . GLU A 1 140 ? -11.573 12.072  -3.685  1.00 29.53 ? 140  GLU A CA  1 
ATOM   939  C  C   . GLU A 1 140 ? -10.588 10.934  -3.409  1.00 31.63 ? 140  GLU A C   1 
ATOM   940  O  O   . GLU A 1 140 ? -10.773 9.804   -3.880  1.00 32.44 ? 140  GLU A O   1 
ATOM   941  C  CB  . GLU A 1 140 ? -11.169 12.803  -4.976  1.00 26.54 ? 140  GLU A CB  1 
ATOM   942  C  CG  . GLU A 1 140 ? -12.062 13.979  -5.367  1.00 24.79 ? 140  GLU A CG  1 
ATOM   943  C  CD  . GLU A 1 140 ? -11.513 14.761  -6.569  1.00 25.38 ? 140  GLU A CD  1 
ATOM   944  O  OE1 . GLU A 1 140 ? -10.286 15.043  -6.607  1.00 25.24 ? 140  GLU A OE1 1 
ATOM   945  O  OE2 . GLU A 1 140 ? -12.304 15.102  -7.475  1.00 23.50 ? 140  GLU A OE2 1 
ATOM   946  N  N   . PHE A 1 141 ? -9.547  11.235  -2.634  1.00 31.53 ? 141  PHE A N   1 
ATOM   947  C  CA  . PHE A 1 141 ? -8.533  10.240  -2.299  1.00 31.83 ? 141  PHE A CA  1 
ATOM   948  C  C   . PHE A 1 141 ? -9.105  9.135   -1.414  1.00 33.77 ? 141  PHE A C   1 
ATOM   949  O  O   . PHE A 1 141 ? -8.841  7.948   -1.636  1.00 33.58 ? 141  PHE A O   1 
ATOM   950  C  CB  . PHE A 1 141 ? -7.339  10.900  -1.585  1.00 28.61 ? 141  PHE A CB  1 
ATOM   951  C  CG  . PHE A 1 141 ? -6.206  9.942   -1.266  1.00 27.18 ? 141  PHE A CG  1 
ATOM   952  C  CD1 . PHE A 1 141 ? -5.355  9.477   -2.275  1.00 25.65 ? 141  PHE A CD1 1 
ATOM   953  C  CD2 . PHE A 1 141 ? -6.016  9.469   0.031   1.00 25.95 ? 141  PHE A CD2 1 
ATOM   954  C  CE1 . PHE A 1 141 ? -4.332  8.570   -2.004  1.00 22.28 ? 141  PHE A CE1 1 
ATOM   955  C  CE2 . PHE A 1 141 ? -4.995  8.561   0.312   1.00 24.19 ? 141  PHE A CE2 1 
ATOM   956  C  CZ  . PHE A 1 141 ? -4.156  8.109   -0.715  1.00 23.64 ? 141  PHE A CZ  1 
ATOM   957  N  N   . VAL A 1 142 ? -9.888  9.518   -0.409  1.00 35.42 ? 142  VAL A N   1 
ATOM   958  C  CA  . VAL A 1 142 ? -10.451 8.523   0.497   1.00 38.92 ? 142  VAL A CA  1 
ATOM   959  C  C   . VAL A 1 142 ? -11.337 7.530   -0.241  1.00 39.58 ? 142  VAL A C   1 
ATOM   960  O  O   . VAL A 1 142 ? -11.330 6.335   0.061   1.00 39.60 ? 142  VAL A O   1 
ATOM   961  C  CB  . VAL A 1 142 ? -11.270 9.172   1.652   1.00 40.21 ? 142  VAL A CB  1 
ATOM   962  C  CG1 . VAL A 1 142 ? -10.461 10.286  2.308   1.00 41.76 ? 142  VAL A CG1 1 
ATOM   963  C  CG2 . VAL A 1 142 ? -12.587 9.699   1.135   1.00 42.03 ? 142  VAL A CG2 1 
ATOM   964  N  N   . GLN A 1 143 ? -12.087 8.033   -1.213  1.00 40.10 ? 143  GLN A N   1 
ATOM   965  C  CA  . GLN A 1 143 ? -12.984 7.192   -1.996  1.00 41.35 ? 143  GLN A CA  1 
ATOM   966  C  C   . GLN A 1 143 ? -12.271 6.001   -2.622  1.00 40.50 ? 143  GLN A C   1 
ATOM   967  O  O   . GLN A 1 143 ? -12.802 4.893   -2.619  1.00 41.06 ? 143  GLN A O   1 
ATOM   968  C  CB  . GLN A 1 143 ? -13.654 8.012   -3.105  1.00 43.35 ? 143  GLN A CB  1 
ATOM   969  C  CG  . GLN A 1 143 ? -14.415 9.233   -2.613  1.00 46.23 ? 143  GLN A CG  1 
ATOM   970  C  CD  . GLN A 1 143 ? -15.354 8.908   -1.469  1.00 46.93 ? 143  GLN A CD  1 
ATOM   971  O  OE1 . GLN A 1 143 ? -16.198 8.013   -1.576  1.00 48.36 ? 143  GLN A OE1 1 
ATOM   972  N  NE2 . GLN A 1 143 ? -15.212 9.632   -0.364  1.00 46.80 ? 143  GLN A NE2 1 
ATOM   973  N  N   . MET A 1 144 ? -11.076 6.235   -3.161  1.00 39.59 ? 144  MET A N   1 
ATOM   974  C  CA  . MET A 1 144 ? -10.292 5.185   -3.802  1.00 39.73 ? 144  MET A CA  1 
ATOM   975  C  C   . MET A 1 144 ? -9.518  4.311   -2.817  1.00 41.96 ? 144  MET A C   1 
ATOM   976  O  O   . MET A 1 144 ? -8.970  3.280   -3.198  1.00 42.10 ? 144  MET A O   1 
ATOM   977  C  CB  . MET A 1 144 ? -9.324  5.803   -4.815  1.00 37.52 ? 144  MET A CB  1 
ATOM   978  C  CG  . MET A 1 144 ? -10.013 6.620   -5.917  1.00 40.36 ? 144  MET A CG  1 
ATOM   979  S  SD  . MET A 1 144 ? -10.589 5.720   -7.417  1.00 38.72 ? 144  MET A SD  1 
ATOM   980  C  CE  . MET A 1 144 ? -11.242 4.214   -6.736  1.00 37.36 ? 144  MET A CE  1 
ATOM   981  N  N   . MET A 1 145 ? -9.470  4.721   -1.552  1.00 45.15 ? 145  MET A N   1 
ATOM   982  C  CA  . MET A 1 145 ? -8.760  3.952   -0.533  1.00 48.30 ? 145  MET A CA  1 
ATOM   983  C  C   . MET A 1 145 ? -9.719  3.153   0.362   1.00 51.33 ? 145  MET A C   1 
ATOM   984  O  O   . MET A 1 145 ? -9.347  2.115   0.918   1.00 51.30 ? 145  MET A O   1 
ATOM   985  C  CB  . MET A 1 145 ? -7.882  4.880   0.315   1.00 46.97 ? 145  MET A CB  1 
ATOM   986  C  CG  . MET A 1 145 ? -6.847  5.638   -0.500  1.00 45.44 ? 145  MET A CG  1 
ATOM   987  S  SD  . MET A 1 145 ? -5.964  4.582   -1.680  1.00 42.20 ? 145  MET A SD  1 
ATOM   988  C  CE  . MET A 1 145 ? -4.522  4.184   -0.796  1.00 42.80 ? 145  MET A CE  1 
ATOM   989  N  N   . THR A 1 146 ? -10.954 3.633   0.490   1.00 54.43 ? 146  THR A N   1 
ATOM   990  C  CA  . THR A 1 146 ? -11.974 2.951   1.290   1.00 57.43 ? 146  THR A CA  1 
ATOM   991  C  C   . THR A 1 146 ? -12.960 2.302   0.313   1.00 59.53 ? 146  THR A C   1 
ATOM   992  O  O   . THR A 1 146 ? -13.919 2.943   -0.129  1.00 61.50 ? 146  THR A O   1 
ATOM   993  C  CB  . THR A 1 146 ? -12.695 3.955   2.178   1.00 56.11 ? 146  THR A CB  1 
ATOM   994  N  N   . ALA A 1 147 ? -12.726 1.037   -0.031  1.00 60.91 ? 147  ALA A N   1 
ATOM   995  C  CA  . ALA A 1 147 ? -13.592 0.339   -0.983  1.00 62.29 ? 147  ALA A CA  1 
ATOM   996  C  C   . ALA A 1 147 ? -14.708 -0.489  -0.345  1.00 63.79 ? 147  ALA A C   1 
ATOM   997  O  O   . ALA A 1 147 ? -14.574 -0.922  0.825   1.00 65.23 ? 147  ALA A O   1 
ATOM   998  C  CB  . ALA A 1 147 ? -12.748 -0.554  -1.884  1.00 62.03 ? 147  ALA A CB  1 
ATOM   999  N  N   . ALA B 2 20  ? -4.697  -3.901  -14.342 1.00 51.25 ? 1189 ALA C N   1 
ATOM   1000 C  CA  . ALA B 2 20  ? -4.497  -2.426  -14.334 1.00 52.01 ? 1189 ALA C CA  1 
ATOM   1001 C  C   . ALA B 2 20  ? -4.775  -1.872  -12.942 1.00 51.83 ? 1189 ALA C C   1 
ATOM   1002 O  O   . ALA B 2 20  ? -4.126  -2.253  -11.969 1.00 52.33 ? 1189 ALA C O   1 
ATOM   1003 C  CB  . ALA B 2 20  ? -5.424  -1.773  -15.350 1.00 53.10 ? 1189 ALA C CB  1 
ATOM   1004 N  N   . SER B 2 21  ? -5.746  -0.970  -12.860 1.00 51.00 ? 1190 SER C N   1 
ATOM   1005 C  CA  . SER B 2 21  ? -6.139  -0.348  -11.597 1.00 49.55 ? 1190 SER C CA  1 
ATOM   1006 C  C   . SER B 2 21  ? -4.962  -0.036  -10.680 1.00 47.15 ? 1190 SER C C   1 
ATOM   1007 O  O   . SER B 2 21  ? -4.715  -0.750  -9.706  1.00 46.64 ? 1190 SER C O   1 
ATOM   1008 C  CB  . SER B 2 21  ? -7.127  -1.242  -10.839 1.00 48.64 ? 1190 SER C CB  1 
ATOM   1009 O  OG  . SER B 2 21  ? -8.181  -1.677  -11.670 1.00 51.40 ? 1190 SER C OG  1 
ATOM   1010 N  N   . PRO B 2 22  ? -4.211  1.030   -10.981 1.00 45.61 ? 1191 PRO C N   1 
ATOM   1011 C  CA  . PRO B 2 22  ? -3.076  1.363   -10.114 1.00 43.98 ? 1191 PRO C CA  1 
ATOM   1012 C  C   . PRO B 2 22  ? -3.603  1.675   -8.718  1.00 42.77 ? 1191 PRO C C   1 
ATOM   1013 O  O   . PRO B 2 22  ? -2.864  1.654   -7.735  1.00 42.81 ? 1191 PRO C O   1 
ATOM   1014 C  CB  . PRO B 2 22  ? -2.472  2.590   -10.789 1.00 43.25 ? 1191 PRO C CB  1 
ATOM   1015 C  CG  . PRO B 2 22  ? -2.815  2.380   -12.242 1.00 46.45 ? 1191 PRO C CG  1 
ATOM   1016 C  CD  . PRO B 2 22  ? -4.244  1.895   -12.172 1.00 45.93 ? 1191 PRO C CD  1 
ATOM   1017 N  N   . TRP B 2 23  ? -4.898  1.955   -8.632  1.00 40.95 ? 1192 TRP C N   1 
ATOM   1018 C  CA  . TRP B 2 23  ? -5.492  2.272   -7.352  1.00 41.12 ? 1192 TRP C CA  1 
ATOM   1019 C  C   . TRP B 2 23  ? -5.787  1.087   -6.454  1.00 39.81 ? 1192 TRP C C   1 
ATOM   1020 O  O   . TRP B 2 23  ? -5.712  1.216   -5.238  1.00 39.61 ? 1192 TRP C O   1 
ATOM   1021 C  CB  . TRP B 2 23  ? -6.755  3.103   -7.526  1.00 43.00 ? 1192 TRP C CB  1 
ATOM   1022 C  CG  . TRP B 2 23  ? -6.547  4.461   -6.985  1.00 46.53 ? 1192 TRP C CG  1 
ATOM   1023 C  CD1 . TRP B 2 23  ? -5.922  4.789   -5.810  1.00 46.59 ? 1192 TRP C CD1 1 
ATOM   1024 C  CD2 . TRP B 2 23  ? -6.862  5.692   -7.632  1.00 47.14 ? 1192 TRP C CD2 1 
ATOM   1025 N  NE1 . TRP B 2 23  ? -5.823  6.152   -5.695  1.00 46.49 ? 1192 TRP C NE1 1 
ATOM   1026 C  CE2 . TRP B 2 23  ? -6.396  6.729   -6.791  1.00 46.95 ? 1192 TRP C CE2 1 
ATOM   1027 C  CE3 . TRP B 2 23  ? -7.503  6.018   -8.825  1.00 47.37 ? 1192 TRP C CE3 1 
ATOM   1028 C  CZ2 . TRP B 2 23  ? -6.532  8.071   -7.132  1.00 47.53 ? 1192 TRP C CZ2 1 
ATOM   1029 C  CZ3 . TRP B 2 23  ? -7.638  7.342   -9.155  1.00 48.12 ? 1192 TRP C CZ3 1 
ATOM   1030 C  CH2 . TRP B 2 23  ? -7.161  8.358   -8.311  1.00 47.60 ? 1192 TRP C CH2 1 
ATOM   1031 N  N   . LYS B 2 24  ? -6.143  -0.058  -7.026  1.00 38.31 ? 1193 LYS C N   1 
ATOM   1032 C  CA  . LYS B 2 24  ? -6.392  -1.217  -6.190  1.00 37.75 ? 1193 LYS C CA  1 
ATOM   1033 C  C   . LYS B 2 24  ? -5.048  -1.585  -5.573  1.00 35.88 ? 1193 LYS C C   1 
ATOM   1034 O  O   . LYS B 2 24  ? -4.975  -2.004  -4.424  1.00 36.55 ? 1193 LYS C O   1 
ATOM   1035 C  CB  . LYS B 2 24  ? -6.967  -2.390  -7.008  1.00 40.55 ? 1193 LYS C CB  1 
ATOM   1036 C  CG  . LYS B 2 24  ? -6.237  -2.733  -8.314  1.00 45.04 ? 1193 LYS C CG  1 
ATOM   1037 C  CD  . LYS B 2 24  ? -4.880  -3.392  -8.098  1.00 47.42 ? 1193 LYS C CD  1 
ATOM   1038 C  CE  . LYS B 2 24  ? -4.136  -3.629  -9.413  1.00 49.03 ? 1193 LYS C CE  1 
ATOM   1039 N  NZ  . LYS B 2 24  ? -4.743  -4.706  -10.271 1.00 51.27 ? 1193 LYS C NZ  1 
ATOM   1040 N  N   . SER B 2 25  ? -3.979  -1.387  -6.336  1.00 31.87 ? 1194 SER C N   1 
ATOM   1041 C  CA  . SER B 2 25  ? -2.646  -1.702  -5.861  1.00 30.12 ? 1194 SER C CA  1 
ATOM   1042 C  C   . SER B 2 25  ? -2.248  -0.851  -4.668  1.00 30.32 ? 1194 SER C C   1 
ATOM   1043 O  O   . SER B 2 25  ? -1.798  -1.380  -3.644  1.00 28.57 ? 1194 SER C O   1 
ATOM   1044 C  CB  . SER B 2 25  ? -1.634  -1.524  -6.985  1.00 27.41 ? 1194 SER C CB  1 
ATOM   1045 O  OG  . SER B 2 25  ? -1.816  -2.536  -7.950  1.00 30.68 ? 1194 SER C OG  1 
ATOM   1046 N  N   . ALA B 2 26  ? -2.412  0.464   -4.813  1.00 29.09 ? 1195 ALA C N   1 
ATOM   1047 C  CA  . ALA B 2 26  ? -2.086  1.407   -3.755  1.00 27.02 ? 1195 ALA C CA  1 
ATOM   1048 C  C   . ALA B 2 26  ? -2.937  1.120   -2.529  1.00 26.26 ? 1195 ALA C C   1 
ATOM   1049 O  O   . ALA B 2 26  ? -2.440  1.063   -1.401  1.00 26.67 ? 1195 ALA C O   1 
ATOM   1050 C  CB  . ALA B 2 26  ? -2.336  2.815   -4.236  1.00 29.95 ? 1195 ALA C CB  1 
ATOM   1051 N  N   . ARG B 2 27  ? -4.230  0.937   -2.755  1.00 25.09 ? 1196 ARG C N   1 
ATOM   1052 C  CA  . ARG B 2 27  ? -5.141  0.656   -1.664  1.00 25.97 ? 1196 ARG C CA  1 
ATOM   1053 C  C   . ARG B 2 27  ? -4.726  -0.614  -0.933  1.00 25.10 ? 1196 ARG C C   1 
ATOM   1054 O  O   . ARG B 2 27  ? -4.680  -0.647  0.303   1.00 25.77 ? 1196 ARG C O   1 
ATOM   1055 C  CB  . ARG B 2 27  ? -6.575  0.546   -2.194  1.00 27.73 ? 1196 ARG C CB  1 
ATOM   1056 C  CG  . ARG B 2 27  ? -7.607  0.146   -1.143  1.00 29.54 ? 1196 ARG C CG  1 
ATOM   1057 C  CD  . ARG B 2 27  ? -9.001  0.533   -1.594  1.00 34.37 ? 1196 ARG C CD  1 
ATOM   1058 N  NE  . ARG B 2 27  ? -9.295  0.016   -2.924  1.00 38.72 ? 1196 ARG C NE  1 
ATOM   1059 C  CZ  . ARG B 2 27  ? -9.574  -1.253  -3.177  1.00 42.27 ? 1196 ARG C CZ  1 
ATOM   1060 N  NH1 . ARG B 2 27  ? -9.822  -1.644  -4.425  1.00 42.53 ? 1196 ARG C NH1 1 
ATOM   1061 N  NH2 . ARG B 2 27  ? -9.623  -2.122  -2.175  1.00 43.80 ? 1196 ARG C NH2 1 
ATOM   1062 N  N   . LEU B 2 28  ? -4.394  -1.652  -1.689  1.00 24.83 ? 1197 LEU C N   1 
ATOM   1063 C  CA  . LEU B 2 28  ? -3.982  -2.906  -1.073  1.00 25.85 ? 1197 LEU C CA  1 
ATOM   1064 C  C   . LEU B 2 28  ? -2.750  -2.719  -0.188  1.00 27.19 ? 1197 LEU C C   1 
ATOM   1065 O  O   . LEU B 2 28  ? -2.731  -3.168  0.973   1.00 27.29 ? 1197 LEU C O   1 
ATOM   1066 C  CB  . LEU B 2 28  ? -3.718  -3.974  -2.146  1.00 25.59 ? 1197 LEU C CB  1 
ATOM   1067 C  CG  . LEU B 2 28  ? -4.965  -4.538  -2.837  1.00 27.37 ? 1197 LEU C CG  1 
ATOM   1068 C  CD1 . LEU B 2 28  ? -4.563  -5.428  -4.010  1.00 27.28 ? 1197 LEU C CD1 1 
ATOM   1069 C  CD2 . LEU B 2 28  ? -5.798  -5.315  -1.814  1.00 28.32 ? 1197 LEU C CD2 1 
ATOM   1070 N  N   . MET B 2 29  ? -1.731  -2.048  -0.724  1.00 27.06 ? 1198 MET C N   1 
ATOM   1071 C  CA  . MET B 2 29  ? -0.517  -1.825  0.032   1.00 28.08 ? 1198 MET C CA  1 
ATOM   1072 C  C   . MET B 2 29  ? -0.792  -1.051  1.304   1.00 26.54 ? 1198 MET C C   1 
ATOM   1073 O  O   . MET B 2 29  ? -0.369  -1.447  2.398   1.00 24.94 ? 1198 MET C O   1 
ATOM   1074 C  CB  . MET B 2 29  ? 0.508   -1.085  -0.815  1.00 32.37 ? 1198 MET C CB  1 
ATOM   1075 C  CG  . MET B 2 29  ? 1.078   -1.937  -1.928  1.00 38.86 ? 1198 MET C CG  1 
ATOM   1076 S  SD  . MET B 2 29  ? 2.435   -1.121  -2.747  1.00 46.40 ? 1198 MET C SD  1 
ATOM   1077 C  CE  . MET B 2 29  ? 1.586   0.345   -3.335  1.00 45.39 ? 1198 MET C CE  1 
ATOM   1078 N  N   . VAL B 2 30  ? -1.501  0.058   1.163   1.00 25.45 ? 1199 VAL C N   1 
ATOM   1079 C  CA  . VAL B 2 30  ? -1.827  0.877   2.320   1.00 26.88 ? 1199 VAL C CA  1 
ATOM   1080 C  C   . VAL B 2 30  ? -2.592  0.061   3.372   1.00 28.11 ? 1199 VAL C C   1 
ATOM   1081 O  O   . VAL B 2 30  ? -2.227  0.040   4.553   1.00 27.41 ? 1199 VAL C O   1 
ATOM   1082 C  CB  . VAL B 2 30  ? -2.695  2.091   1.915   1.00 26.47 ? 1199 VAL C CB  1 
ATOM   1083 C  CG1 . VAL B 2 30  ? -3.097  2.890   3.151   1.00 26.23 ? 1199 VAL C CG1 1 
ATOM   1084 C  CG2 . VAL B 2 30  ? -1.936  2.954   0.947   1.00 27.60 ? 1199 VAL C CG2 1 
ATOM   1085 N  N   . HIS B 2 31  ? -3.647  -0.624  2.939   1.00 27.76 ? 1200 HIS C N   1 
ATOM   1086 C  CA  . HIS B 2 31  ? -4.449  -1.381  3.883   1.00 28.18 ? 1200 HIS C CA  1 
ATOM   1087 C  C   . HIS B 2 31  ? -3.676  -2.520  4.521   1.00 27.10 ? 1200 HIS C C   1 
ATOM   1088 O  O   . HIS B 2 31  ? -3.893  -2.830  5.686   1.00 24.89 ? 1200 HIS C O   1 
ATOM   1089 C  CB  . HIS B 2 31  ? -5.735  -1.896  3.217   1.00 29.83 ? 1200 HIS C CB  1 
ATOM   1090 C  CG  . HIS B 2 31  ? -6.587  -2.725  4.120   1.00 35.14 ? 1200 HIS C CG  1 
ATOM   1091 N  ND1 . HIS B 2 31  ? -6.839  -2.383  5.432   1.00 37.74 ? 1200 HIS C ND1 1 
ATOM   1092 C  CD2 . HIS B 2 31  ? -7.246  -3.898  3.914   1.00 38.56 ? 1200 HIS C CD2 1 
ATOM   1093 C  CE1 . HIS B 2 31  ? -7.608  -3.297  5.993   1.00 38.14 ? 1200 HIS C CE1 1 
ATOM   1094 N  NE2 . HIS B 2 31  ? -7.870  -4.230  5.087   1.00 38.16 ? 1200 HIS C NE2 1 
ATOM   1095 N  N   . THR B 2 32  ? -2.765  -3.148  3.784   1.00 27.70 ? 1201 THR C N   1 
ATOM   1096 C  CA  . THR B 2 32  ? -2.017  -4.240  4.399   1.00 28.93 ? 1201 THR C CA  1 
ATOM   1097 C  C   . THR B 2 32  ? -1.027  -3.690  5.418   1.00 27.28 ? 1201 THR C C   1 
ATOM   1098 O  O   . THR B 2 32  ? -0.858  -4.252  6.498   1.00 26.40 ? 1201 THR C O   1 
ATOM   1099 C  CB  . THR B 2 32  ? -1.271  -5.097  3.360   1.00 29.95 ? 1201 THR C CB  1 
ATOM   1100 O  OG1 . THR B 2 32  ? -2.191  -5.535  2.362   1.00 30.40 ? 1201 THR C OG1 1 
ATOM   1101 C  CG2 . THR B 2 32  ? -0.695  -6.338  4.027   1.00 30.77 ? 1201 THR C CG2 1 
ATOM   1102 N  N   . VAL B 2 33  ? -0.379  -2.578  5.086   1.00 26.45 ? 1202 VAL C N   1 
ATOM   1103 C  CA  . VAL B 2 33  ? 0.569   -1.968  6.014   1.00 24.83 ? 1202 VAL C CA  1 
ATOM   1104 C  C   . VAL B 2 33  ? -0.145  -1.575  7.310   1.00 23.42 ? 1202 VAL C C   1 
ATOM   1105 O  O   . VAL B 2 33  ? 0.436   -1.667  8.403   1.00 23.61 ? 1202 VAL C O   1 
ATOM   1106 C  CB  . VAL B 2 33  ? 1.260   -0.721  5.391   1.00 25.29 ? 1202 VAL C CB  1 
ATOM   1107 C  CG1 . VAL B 2 33  ? 2.054   0.021   6.449   1.00 24.46 ? 1202 VAL C CG1 1 
ATOM   1108 C  CG2 . VAL B 2 33  ? 2.195   -1.153  4.263   1.00 20.50 ? 1202 VAL C CG2 1 
ATOM   1109 N  N   . ALA B 2 34  ? -1.401  -1.152  7.200   1.00 22.40 ? 1203 ALA C N   1 
ATOM   1110 C  CA  . ALA B 2 34  ? -2.178  -0.786  8.386   1.00 21.96 ? 1203 ALA C CA  1 
ATOM   1111 C  C   . ALA B 2 34  ? -2.467  -2.033  9.224   1.00 22.34 ? 1203 ALA C C   1 
ATOM   1112 O  O   . ALA B 2 34  ? -2.395  -1.992  10.458  1.00 21.47 ? 1203 ALA C O   1 
ATOM   1113 C  CB  . ALA B 2 34  ? -3.491  -0.096  7.978   1.00 20.00 ? 1203 ALA C CB  1 
ATOM   1114 N  N   . THR B 2 35  ? -2.795  -3.146  8.569   1.00 25.14 ? 1204 THR C N   1 
ATOM   1115 C  CA  . THR B 2 35  ? -3.072  -4.382  9.312   1.00 27.08 ? 1204 THR C CA  1 
ATOM   1116 C  C   . THR B 2 35  ? -1.795  -4.858  10.012  1.00 27.45 ? 1204 THR C C   1 
ATOM   1117 O  O   . THR B 2 35  ? -1.844  -5.334  11.144  1.00 27.21 ? 1204 THR C O   1 
ATOM   1118 C  CB  . THR B 2 35  ? -3.610  -5.507  8.394   1.00 27.78 ? 1204 THR C CB  1 
ATOM   1119 O  OG1 . THR B 2 35  ? -4.815  -5.076  7.748   1.00 28.94 ? 1204 THR C OG1 1 
ATOM   1120 C  CG2 . THR B 2 35  ? -3.922  -6.762  9.219   1.00 28.87 ? 1204 THR C CG2 1 
ATOM   1121 N  N   . PHE B 2 36  ? -0.650  -4.738  9.344   1.00 29.89 ? 1205 PHE C N   1 
ATOM   1122 C  CA  . PHE B 2 36  ? 0.625   -5.123  9.967   1.00 31.10 ? 1205 PHE C CA  1 
ATOM   1123 C  C   . PHE B 2 36  ? 0.856   -4.267  11.222  1.00 32.59 ? 1205 PHE C C   1 
ATOM   1124 O  O   . PHE B 2 36  ? 1.273   -4.783  12.265  1.00 30.44 ? 1205 PHE C O   1 
ATOM   1125 C  CB  . PHE B 2 36  ? 1.804   -4.925  9.001   1.00 30.79 ? 1205 PHE C CB  1 
ATOM   1126 C  CG  . PHE B 2 36  ? 2.092   -6.114  8.112   1.00 31.86 ? 1205 PHE C CG  1 
ATOM   1127 C  CD1 . PHE B 2 36  ? 1.826   -6.062  6.736   1.00 30.41 ? 1205 PHE C CD1 1 
ATOM   1128 C  CD2 . PHE B 2 36  ? 2.655   -7.278  8.642   1.00 33.16 ? 1205 PHE C CD2 1 
ATOM   1129 C  CE1 . PHE B 2 36  ? 2.133   -7.141  5.907   1.00 30.45 ? 1205 PHE C CE1 1 
ATOM   1130 C  CE2 . PHE B 2 36  ? 2.965   -8.367  7.815   1.00 31.70 ? 1205 PHE C CE2 1 
ATOM   1131 C  CZ  . PHE B 2 36  ? 2.697   -8.296  6.447   1.00 30.70 ? 1205 PHE C CZ  1 
ATOM   1132 N  N   . ASN B 2 37  ? 0.603   -2.959  11.119  1.00 34.27 ? 1206 ASN C N   1 
ATOM   1133 C  CA  . ASN B 2 37  ? 0.771   -2.084  12.280  1.00 36.91 ? 1206 ASN C CA  1 
ATOM   1134 C  C   . ASN B 2 37  ? -0.155  -2.553  13.381  1.00 38.43 ? 1206 ASN C C   1 
ATOM   1135 O  O   . ASN B 2 37  ? 0.205   -2.507  14.552  1.00 38.66 ? 1206 ASN C O   1 
ATOM   1136 C  CB  . ASN B 2 37  ? 0.427   -0.631  11.962  1.00 36.52 ? 1206 ASN C CB  1 
ATOM   1137 C  CG  . ASN B 2 37  ? 1.395   -0.007  11.010  1.00 38.37 ? 1206 ASN C CG  1 
ATOM   1138 O  OD1 . ASN B 2 37  ? 2.603   -0.235  11.100  1.00 42.54 ? 1206 ASN C OD1 1 
ATOM   1139 N  ND2 . ASN B 2 37  ? 0.883   0.803   10.092  1.00 39.04 ? 1206 ASN C ND2 1 
ATOM   1140 N  N   . SER B 2 38  ? -1.353  -2.991  13.000  1.00 40.09 ? 1207 SER C N   1 
ATOM   1141 C  CA  . SER B 2 38  ? -2.338  -3.470  13.962  1.00 43.18 ? 1207 SER C CA  1 
ATOM   1142 C  C   . SER B 2 38  ? -1.890  -4.721  14.699  1.00 44.07 ? 1207 SER C C   1 
ATOM   1143 O  O   . SER B 2 38  ? -1.886  -4.753  15.924  1.00 43.34 ? 1207 SER C O   1 
ATOM   1144 C  CB  . SER B 2 38  ? -3.670  -3.749  13.264  1.00 45.53 ? 1207 SER C CB  1 
ATOM   1145 O  OG  . SER B 2 38  ? -4.272  -2.536  12.839  1.00 52.57 ? 1207 SER C OG  1 
ATOM   1146 N  N   . ILE B 2 39  ? -1.525  -5.760  13.961  1.00 44.95 ? 1208 ILE C N   1 
ATOM   1147 C  CA  . ILE B 2 39  ? -1.100  -6.992  14.612  1.00 46.70 ? 1208 ILE C CA  1 
ATOM   1148 C  C   . ILE B 2 39  ? 0.062   -6.678  15.554  1.00 44.80 ? 1208 ILE C C   1 
ATOM   1149 O  O   . ILE B 2 39  ? 0.245   -7.337  16.575  1.00 45.39 ? 1208 ILE C O   1 
ATOM   1150 C  CB  . ILE B 2 39  ? -0.681  -8.084  13.574  1.00 48.00 ? 1208 ILE C CB  1 
ATOM   1151 C  CG1 . ILE B 2 39  ? -0.384  -9.395  14.303  1.00 50.09 ? 1208 ILE C CG1 1 
ATOM   1152 C  CG2 . ILE B 2 39  ? 0.552   -7.641  12.796  1.00 49.36 ? 1208 ILE C CG2 1 
ATOM   1153 C  CD1 . ILE B 2 39  ? -0.252  -10.601 13.392  1.00 52.34 ? 1208 ILE C CD1 1 
ATOM   1154 N  N   . LYS B 2 40  ? 0.826   -5.646  15.212  1.00 43.61 ? 1209 LYS C N   1 
ATOM   1155 C  CA  . LYS B 2 40  ? 1.973   -5.227  16.011  1.00 42.10 ? 1209 LYS C CA  1 
ATOM   1156 C  C   . LYS B 2 40  ? 1.518   -4.661  17.349  1.00 42.77 ? 1209 LYS C C   1 
ATOM   1157 O  O   . LYS B 2 40  ? 2.191   -4.809  18.367  1.00 42.65 ? 1209 LYS C O   1 
ATOM   1158 C  CB  . LYS B 2 40  ? 2.771   -4.154  15.262  1.00 38.57 ? 1209 LYS C CB  1 
ATOM   1159 C  CG  . LYS B 2 40  ? 4.101   -3.807  15.906  1.00 34.61 ? 1209 LYS C CG  1 
ATOM   1160 C  CD  . LYS B 2 40  ? 4.676   -2.533  15.335  1.00 35.34 ? 1209 LYS C CD  1 
ATOM   1161 C  CE  . LYS B 2 40  ? 3.794   -1.330  15.661  1.00 32.98 ? 1209 LYS C CE  1 
ATOM   1162 N  NZ  . LYS B 2 40  ? 4.371   -0.048  15.166  1.00 28.39 ? 1209 LYS C NZ  1 
ATOM   1163 N  N   . GLU B 2 41  ? 0.364   -4.011  17.330  1.00 44.62 ? 1210 GLU C N   1 
ATOM   1164 C  CA  . GLU B 2 41  ? -0.194  -3.386  18.512  1.00 45.99 ? 1210 GLU C CA  1 
ATOM   1165 C  C   . GLU B 2 41  ? -1.152  -4.289  19.283  1.00 47.84 ? 1210 GLU C C   1 
ATOM   1166 O  O   . GLU B 2 41  ? -1.508  -3.994  20.421  1.00 50.63 ? 1210 GLU C O   1 
ATOM   1167 C  CB  . GLU B 2 41  ? -0.890  -2.097  18.088  1.00 44.84 ? 1210 GLU C CB  1 
ATOM   1168 C  CG  . GLU B 2 41  ? 0.055   -1.118  17.407  1.00 43.74 ? 1210 GLU C CG  1 
ATOM   1169 C  CD  . GLU B 2 41  ? -0.627  -0.248  16.379  1.00 43.37 ? 1210 GLU C CD  1 
ATOM   1170 O  OE1 . GLU B 2 41  ? 0.043   0.654   15.842  1.00 42.44 ? 1210 GLU C OE1 1 
ATOM   1171 O  OE2 . GLU B 2 41  ? -1.823  -0.465  16.103  1.00 43.56 ? 1210 GLU C OE2 1 
ATOM   1172 N  N   . ARG B 2 42  ? -1.565  -5.393  18.673  1.00 49.78 ? 1211 ARG C N   1 
ATOM   1173 C  CA  . ARG B 2 42  ? -2.476  -6.328  19.332  1.00 50.94 ? 1211 ARG C CA  1 
ATOM   1174 C  C   . ARG B 2 42  ? -1.726  -7.586  19.768  1.00 52.19 ? 1211 ARG C C   1 
ATOM   1175 O  O   . ARG B 2 42  ? -2.148  -8.689  19.340  1.00 52.89 ? 1211 ARG C O   1 
ATOM   1176 C  CB  . ARG B 2 42  ? -3.620  -6.699  18.388  1.00 49.90 ? 1211 ARG C CB  1 
ATOM   1177 O  OXT . ARG B 2 42  ? -0.730  -7.452  20.526  1.00 51.55 ? 1211 ARG C OXT 1 
HETATM 1178 CA CA  . CA  C 3 .   ? 9.837   -12.132 -1.268  1.00 38.22 ? 201  CA  A CA  1 
HETATM 1179 CA CA  . CA  D 3 .   ? 6.706   -18.844 8.196   1.00 40.71 ? 202  CA  A CA  1 
HETATM 1180 CA CA  . CA  E 3 .   ? 0.351   18.728  -4.872  1.00 35.14 ? 203  CA  A CA  1 
HETATM 1181 CA CA  . CA  F 3 .   ? -10.465 16.701  -8.246  1.00 21.45 ? 204  CA  A CA  1 
HETATM 1182 O  O   . HOH G 4 .   ? 12.957  1.193   -0.326  1.00 53.22 ? 501  HOH A O   1 
HETATM 1183 O  O   . HOH G 4 .   ? 10.866  2.303   -0.236  1.00 31.84 ? 502  HOH A O   1 
HETATM 1184 O  O   . HOH G 4 .   ? 6.484   1.985   11.216  1.00 49.50 ? 503  HOH A O   1 
HETATM 1185 O  O   . HOH G 4 .   ? 13.724  5.671   4.754   1.00 37.79 ? 504  HOH A O   1 
HETATM 1186 O  O   . HOH G 4 .   ? 12.522  6.234   1.988   1.00 43.87 ? 505  HOH A O   1 
HETATM 1187 O  O   . HOH G 4 .   ? -15.617 14.188  -13.462 1.00 41.82 ? 506  HOH A O   1 
HETATM 1188 O  O   . HOH G 4 .   ? 12.286  -12.207 -0.492  1.00 70.80 ? 508  HOH A O   1 
HETATM 1189 O  O   . HOH G 4 .   ? 16.222  -6.794  7.467   1.00 40.67 ? 509  HOH A O   1 
HETATM 1190 O  O   . HOH G 4 .   ? -13.276 17.597  -0.073  1.00 40.10 ? 510  HOH A O   1 
HETATM 1191 O  O   . HOH G 4 .   ? 3.587   -18.490 -0.319  1.00 31.39 ? 511  HOH A O   1 
HETATM 1192 O  O   . HOH G 4 .   ? -4.417  -20.223 5.500   1.00 33.85 ? 512  HOH A O   1 
HETATM 1193 O  O   . HOH G 4 .   ? -6.398  -21.314 4.462   1.00 29.45 ? 513  HOH A O   1 
HETATM 1194 O  O   . HOH G 4 .   ? 11.153  5.071   0.275   1.00 34.33 ? 514  HOH A O   1 
HETATM 1195 O  O   . HOH G 4 .   ? 0.247   20.243  -6.689  1.00 21.23 ? 515  HOH A O   1 
HETATM 1196 O  O   . HOH G 4 .   ? 0.719   5.571   5.062   1.00 28.75 ? 516  HOH A O   1 
HETATM 1197 O  O   . HOH G 4 .   ? -10.849 20.629  -3.070  1.00 22.09 ? 517  HOH A O   1 
HETATM 1198 O  O   . HOH G 4 .   ? 9.819   5.261   -1.877  1.00 59.82 ? 518  HOH A O   1 
HETATM 1199 O  O   . HOH G 4 .   ? -9.600  19.954  -0.693  1.00 23.19 ? 519  HOH A O   1 
HETATM 1200 O  O   . HOH G 4 .   ? 14.830  3.403   10.591  1.00 29.35 ? 520  HOH A O   1 
HETATM 1201 O  O   . HOH G 4 .   ? 5.539   -17.325 -5.809  1.00 48.10 ? 521  HOH A O   1 
HETATM 1202 O  O   . HOH G 4 .   ? 6.622   -3.098  -4.399  1.00 45.42 ? 522  HOH A O   1 
HETATM 1203 O  O   . HOH G 4 .   ? 11.002  6.766   4.850   1.00 31.47 ? 523  HOH A O   1 
HETATM 1204 O  O   . HOH G 4 .   ? 15.452  -1.370  16.544  1.00 39.10 ? 524  HOH A O   1 
HETATM 1205 O  O   . HOH G 4 .   ? 8.460   -11.383 18.443  1.00 33.71 ? 525  HOH A O   1 
HETATM 1206 O  O   . HOH G 4 .   ? 0.845   -12.575 17.258  1.00 48.09 ? 526  HOH A O   1 
HETATM 1207 O  O   . HOH G 4 .   ? -0.577  16.968  2.265   1.00 28.80 ? 527  HOH A O   1 
HETATM 1208 O  O   . HOH G 4 .   ? 10.358  14.536  -0.247  1.00 36.37 ? 528  HOH A O   1 
HETATM 1209 O  O   . HOH G 4 .   ? -6.559  3.388   -13.553 1.00 36.97 ? 529  HOH A O   1 
HETATM 1210 O  O   . HOH G 4 .   ? -10.509 16.950  -0.294  1.00 39.24 ? 530  HOH A O   1 
HETATM 1211 O  O   . HOH G 4 .   ? 0.189   -7.530  -7.766  1.00 29.26 ? 532  HOH A O   1 
HETATM 1212 O  O   . HOH G 4 .   ? 6.487   -3.743  -6.784  1.00 55.67 ? 533  HOH A O   1 
HETATM 1213 O  O   . HOH G 4 .   ? 14.604  1.234   1.222   1.00 33.07 ? 534  HOH A O   1 
HETATM 1214 O  O   . HOH G 4 .   ? 12.166  4.938   14.356  1.00 33.93 ? 535  HOH A O   1 
HETATM 1215 O  O   . HOH G 4 .   ? 16.946  -0.642  13.385  1.00 54.45 ? 536  HOH A O   1 
HETATM 1216 O  O   . HOH G 4 .   ? -1.099  -17.033 10.357  1.00 38.12 ? 537  HOH A O   1 
HETATM 1217 O  O   . HOH G 4 .   ? 11.116  10.295  -2.912  1.00 38.76 ? 538  HOH A O   1 
HETATM 1218 O  O   . HOH G 4 .   ? -7.277  2.772   -11.185 1.00 31.46 ? 539  HOH A O   1 
HETATM 1219 O  O   . HOH G 4 .   ? -7.348  18.165  -0.275  1.00 22.69 ? 540  HOH A O   1 
HETATM 1220 O  O   . HOH G 4 .   ? 14.913  4.228   1.685   1.00 50.71 ? 541  HOH A O   1 
HETATM 1221 O  O   . HOH G 4 .   ? 13.254  4.644   8.585   1.00 32.87 ? 542  HOH A O   1 
HETATM 1222 O  O   . HOH G 4 .   ? 11.983  -0.786  17.911  1.00 49.40 ? 543  HOH A O   1 
HETATM 1223 O  O   . HOH G 4 .   ? 0.407   -15.010 17.844  1.00 42.06 ? 544  HOH A O   1 
HETATM 1224 O  O   . HOH G 4 .   ? 3.494   -13.158 18.185  1.00 38.59 ? 545  HOH A O   1 
HETATM 1225 O  O   . HOH G 4 .   ? 14.694  8.970   7.924   1.00 31.50 ? 546  HOH A O   1 
HETATM 1226 O  O   . HOH G 4 .   ? 0.872   18.182  -13.435 1.00 47.62 ? 547  HOH A O   1 
HETATM 1227 O  O   . HOH G 4 .   ? 18.541  -9.386  -0.225  1.00 50.87 ? 548  HOH A O   1 
HETATM 1228 O  O   . HOH G 4 .   ? 14.627  -3.882  7.116   1.00 52.92 ? 549  HOH A O   1 
HETATM 1229 O  O   . HOH G 4 .   ? 17.559  -0.914  1.176   1.00 58.59 ? 550  HOH A O   1 
HETATM 1230 O  O   . HOH G 4 .   ? 6.583   -19.070 6.009   1.00 36.31 ? 551  HOH A O   1 
HETATM 1231 O  O   . HOH G 4 .   ? 14.586  -14.361 10.786  1.00 45.30 ? 552  HOH A O   1 
HETATM 1232 O  O   . HOH G 4 .   ? -6.093  21.263  -12.219 1.00 40.64 ? 553  HOH A O   1 
HETATM 1233 O  O   . HOH G 4 .   ? 3.661   -8.044  -8.382  1.00 51.79 ? 554  HOH A O   1 
HETATM 1234 O  O   . HOH G 4 .   ? 14.422  -12.419 6.937   1.00 35.59 ? 555  HOH A O   1 
HETATM 1235 O  O   . HOH G 4 .   ? 15.295  -12.445 15.100  1.00 37.68 ? 556  HOH A O   1 
HETATM 1236 O  O   . HOH G 4 .   ? 9.625   -23.907 11.394  1.00 41.05 ? 557  HOH A O   1 
HETATM 1237 O  O   . HOH H 4 .   ? 5.279   -0.045  12.805  1.00 23.42 ? 507  HOH C O   1 
HETATM 1238 O  O   . HOH H 4 .   ? -11.154 -3.446  4.436   1.00 41.49 ? 531  HOH C O   1 
HETATM 1239 O  O   . HOH H 4 .   ? -3.512  0.247   11.107  1.00 41.90 ? 558  HOH C O   1 
# 
loop_
_pdbx_poly_seq_scheme.asym_id 
_pdbx_poly_seq_scheme.entity_id 
_pdbx_poly_seq_scheme.seq_id 
_pdbx_poly_seq_scheme.mon_id 
_pdbx_poly_seq_scheme.ndb_seq_num 
_pdbx_poly_seq_scheme.pdb_seq_num 
_pdbx_poly_seq_scheme.auth_seq_num 
_pdbx_poly_seq_scheme.pdb_mon_id 
_pdbx_poly_seq_scheme.auth_mon_id 
_pdbx_poly_seq_scheme.pdb_strand_id 
_pdbx_poly_seq_scheme.pdb_ins_code 
_pdbx_poly_seq_scheme.hetero 
A 1 1   ALA 1   1    ?    ?   ?   A . n 
A 1 2   ASP 2   2    ?    ?   ?   A . n 
A 1 3   GLN 3   3    ?    ?   ?   A . n 
A 1 4   LEU 4   4    ?    ?   ?   A . n 
A 1 5   THR 5   5    ?    ?   ?   A . n 
A 1 6   GLU 6   6    6    GLU GLU A . n 
A 1 7   GLU 7   7    7    GLU GLU A . n 
A 1 8   GLN 8   8    8    GLN GLN A . n 
A 1 9   ILE 9   9    9    ILE ILE A . n 
A 1 10  ALA 10  10   10   ALA ALA A . n 
A 1 11  GLU 11  11   11   GLU GLU A . n 
A 1 12  PHE 12  12   12   PHE PHE A . n 
A 1 13  LYS 13  13   13   LYS LYS A . n 
A 1 14  GLU 14  14   14   GLU GLU A . n 
A 1 15  ALA 15  15   15   ALA ALA A . n 
A 1 16  PHE 16  16   16   PHE PHE A . n 
A 1 17  SER 17  17   17   SER SER A . n 
A 1 18  LEU 18  18   18   LEU LEU A . n 
A 1 19  PHE 19  19   19   PHE PHE A . n 
A 1 20  ASP 20  20   20   ASP ASP A . n 
A 1 21  LYS 21  21   21   LYS LYS A . n 
A 1 22  ASP 22  22   22   ASP ASP A . n 
A 1 23  GLY 23  23   23   GLY GLY A . n 
A 1 24  ASP 24  24   24   ASP ASP A . n 
A 1 25  GLY 25  25   25   GLY GLY A . n 
A 1 26  THR 26  26   26   THR THR A . n 
A 1 27  ILE 27  27   27   ILE ILE A . n 
A 1 28  THR 28  28   28   THR THR A . n 
A 1 29  THR 29  29   29   THR THR A . n 
A 1 30  LYS 30  30   30   LYS LYS A . n 
A 1 31  GLU 31  31   31   GLU GLU A . n 
A 1 32  LEU 32  32   32   LEU LEU A . n 
A 1 33  GLY 33  33   33   GLY GLY A . n 
A 1 34  THR 34  34   34   THR THR A . n 
A 1 35  VAL 35  35   35   VAL VAL A . n 
A 1 36  MET 36  36   36   MET MET A . n 
A 1 37  ARG 37  37   37   ARG ARG A . n 
A 1 38  SER 38  38   38   SER SER A . n 
A 1 39  LEU 39  39   39   LEU LEU A . n 
A 1 40  GLY 40  40   40   GLY GLY A . n 
A 1 41  GLN 41  41   41   GLN GLN A . n 
A 1 42  ASN 42  42   42   ASN ASN A . n 
A 1 43  PRO 43  43   43   PRO PRO A . n 
A 1 44  THR 44  44   44   THR THR A . n 
A 1 45  GLU 45  45   45   GLU GLU A . n 
A 1 46  ALA 46  46   46   ALA ALA A . n 
A 1 47  GLU 47  47   47   GLU GLU A . n 
A 1 48  LEU 48  48   48   LEU LEU A . n 
A 1 49  GLN 49  49   49   GLN GLN A . n 
A 1 50  ASP 50  50   50   ASP ASP A . n 
A 1 51  MET 51  51   51   MET MET A . n 
A 1 52  ILE 52  52   52   ILE ILE A . n 
A 1 53  ASN 53  53   53   ASN ASN A . n 
A 1 54  GLU 54  54   54   GLU GLU A . n 
A 1 55  VAL 55  55   55   VAL VAL A . n 
A 1 56  ASP 56  56   56   ASP ASP A . n 
A 1 57  ALA 57  57   57   ALA ALA A . n 
A 1 58  ASP 58  58   58   ASP ASP A . n 
A 1 59  GLY 59  59   59   GLY GLY A . n 
A 1 60  ASN 60  60   60   ASN ASN A . n 
A 1 61  GLY 61  61   61   GLY GLY A . n 
A 1 62  THR 62  62   62   THR THR A . n 
A 1 63  ILE 63  63   63   ILE ILE A . n 
A 1 64  ASP 64  64   64   ASP ASP A . n 
A 1 65  PHE 65  65   65   PHE PHE A . n 
A 1 66  PRO 66  66   66   PRO PRO A . n 
A 1 67  GLU 67  67   67   GLU GLU A . n 
A 1 68  PHE 68  68   68   PHE PHE A . n 
A 1 69  LEU 69  69   69   LEU LEU A . n 
A 1 70  THR 70  70   70   THR THR A . n 
A 1 71  MET 71  71   71   MET MET A . n 
A 1 72  MET 72  72   72   MET MET A . n 
A 1 73  ALA 73  73   73   ALA ALA A . n 
A 1 74  ARG 74  74   ?    ?   ?   A . n 
A 1 75  LYS 75  75   ?    ?   ?   A . n 
A 1 76  MET 76  76   ?    ?   ?   A . n 
A 1 77  LYS 77  77   ?    ?   ?   A . n 
A 1 78  ASP 78  78   ?    ?   ?   A . n 
A 1 79  THR 79  79   ?    ?   ?   A . n 
A 1 80  ASP 80  80   ?    ?   ?   A . n 
A 1 81  SER 81  81   81   SER SER A . n 
A 1 82  GLU 82  82   82   GLU GLU A . n 
A 1 83  GLU 83  83   83   GLU GLU A . n 
A 1 84  GLU 84  84   84   GLU GLU A . n 
A 1 85  ILE 85  85   85   ILE ILE A . n 
A 1 86  ARG 86  86   86   ARG ARG A . n 
A 1 87  GLU 87  87   87   GLU GLU A . n 
A 1 88  ALA 88  88   88   ALA ALA A . n 
A 1 89  PHE 89  89   89   PHE PHE A . n 
A 1 90  ARG 90  90   90   ARG ARG A . n 
A 1 91  VAL 91  91   91   VAL VAL A . n 
A 1 92  PHE 92  92   92   PHE PHE A . n 
A 1 93  ASP 93  93   93   ASP ASP A . n 
A 1 94  LYS 94  94   94   LYS LYS A . n 
A 1 95  ASP 95  95   95   ASP ASP A . n 
A 1 96  GLY 96  96   96   GLY GLY A . n 
A 1 97  ASN 97  97   97   ASN ASN A . n 
A 1 98  GLY 98  98   98   GLY GLY A . n 
A 1 99  TYR 99  99   99   TYR TYR A . n 
A 1 100 ILE 100 100  100  ILE ILE A . n 
A 1 101 SER 101 101  101  SER SER A . n 
A 1 102 ALA 102 102  102  ALA ALA A . n 
A 1 103 ALA 103 103  103  ALA ALA A . n 
A 1 104 GLU 104 104  104  GLU GLU A . n 
A 1 105 LEU 105 105  105  LEU LEU A . n 
A 1 106 ARG 106 106  106  ARG ARG A . n 
A 1 107 HIS 107 107  107  HIS HIS A . n 
A 1 108 VAL 108 108  108  VAL VAL A . n 
A 1 109 MET 109 109  109  MET MET A . n 
A 1 110 THR 110 110  110  THR THR A . n 
A 1 111 ASN 111 111  111  ASN ASN A . n 
A 1 112 LEU 112 112  112  LEU LEU A . n 
A 1 113 GLY 113 113  113  GLY GLY A . n 
A 1 114 GLU 114 114  114  GLU GLU A . n 
A 1 115 LYS 115 115  115  LYS LYS A . n 
A 1 116 LEU 116 116  ?    ?   ?   A . n 
A 1 117 THR 117 117  117  THR THR A . n 
A 1 118 ASP 118 118  118  ASP ASP A . n 
A 1 119 GLU 119 119  119  GLU GLU A . n 
A 1 120 GLU 120 120  120  GLU GLU A . n 
A 1 121 VAL 121 121  121  VAL VAL A . n 
A 1 122 ASP 122 122  122  ASP ALA A . n 
A 1 123 GLU 123 123  123  GLU GLU A . n 
A 1 124 MET 124 124  124  MET MET A . n 
A 1 125 ILE 125 125  125  ILE ILE A . n 
A 1 126 ARG 126 126  126  ARG ARG A . n 
A 1 127 GLU 127 127  127  GLU GLU A . n 
A 1 128 ALA 128 128  128  ALA ALA A . n 
A 1 129 ASP 129 129  129  ASP ASP A . n 
A 1 130 ILE 130 130  130  ILE ILE A . n 
A 1 131 ASP 131 131  131  ASP ASP A . n 
A 1 132 GLY 132 132  132  GLY GLY A . n 
A 1 133 ASP 133 133  133  ASP ASP A . n 
A 1 134 GLY 134 134  134  GLY GLY A . n 
A 1 135 GLN 135 135  135  GLN GLN A . n 
A 1 136 VAL 136 136  136  VAL VAL A . n 
A 1 137 ASN 137 137  137  ASN ASN A . n 
A 1 138 TYR 138 138  138  TYR TYR A . n 
A 1 139 GLU 139 139  139  GLU GLU A . n 
A 1 140 GLU 140 140  140  GLU GLU A . n 
A 1 141 PHE 141 141  141  PHE PHE A . n 
A 1 142 VAL 142 142  142  VAL VAL A . n 
A 1 143 GLN 143 143  143  GLN GLN A . n 
A 1 144 MET 144 144  144  MET MET A . n 
A 1 145 MET 145 145  145  MET MET A . n 
A 1 146 THR 146 146  146  THR ALA A . n 
A 1 147 ALA 147 147  147  ALA LYS A . n 
A 1 148 LYS 148 148  ?    ?   ?   A . n 
B 2 1   GLN 1   1170 ?    ?   ?   C . n 
B 2 2   GLN 2   1171 ?    ?   ?   C . n 
B 2 3   GLU 3   1172 ?    ?   ?   C . n 
B 2 4   VAL 4   1173 ?    ?   ?   C . n 
B 2 5   TYR 5   1174 ?    ?   ?   C . n 
B 2 6   GLY 6   1175 ?    ?   ?   C . n 
B 2 7   MET 7   1176 ?    ?   ?   C . n 
B 2 8   MET 8   1177 ?    ?   ?   C . n 
B 2 9   PRO 9   1178 ?    ?   ?   C . n 
B 2 10  ARG 10  1179 ?    ?   ?   C . n 
B 2 11  ASP 11  1180 ?    ?   ?   C . n 
B 2 12  GLU 12  1181 ?    ?   ?   C . n 
B 2 13  THR 13  1182 ?    ?   ?   C . n 
B 2 14  ASP 14  1183 ?    ?   ?   C . n 
B 2 15  SER 15  1184 ?    ?   ?   C . n 
B 2 16  LYS 16  1185 ?    ?   ?   C . n 
B 2 17  THR 17  1186 ?    ?   ?   C . n 
B 2 18  ALA 18  1187 ?    ?   ?   C . n 
B 2 19  SER 19  1188 ?    ?   ?   C . n 
B 2 20  ALA 20  1189 1189 ALA ALA C . n 
B 2 21  SER 21  1190 1190 SER SER C . n 
B 2 22  PRO 22  1191 1911 PRO PRO C . n 
B 2 23  TRP 23  1192 1192 TRP TRP C . n 
B 2 24  LYS 24  1193 1193 LYS LYS C . n 
B 2 25  SER 25  1194 1194 SER SER C . n 
B 2 26  ALA 26  1195 1195 ALA ALA C . n 
B 2 27  ARG 27  1196 1196 ARG ARG C . n 
B 2 28  LEU 28  1197 1197 LEU LEU C . n 
B 2 29  MET 29  1198 1198 MET MET C . n 
B 2 30  VAL 30  1199 1199 VAL VAL C . n 
B 2 31  HIS 31  1200 1200 HIS HIS C . n 
B 2 32  THR 32  1201 1201 THR THR C . n 
B 2 33  VAL 33  1202 1202 VAL VAL C . n 
B 2 34  ALA 34  1203 1203 ALA ALA C . n 
B 2 35  THR 35  1204 1204 THR THR C . n 
B 2 36  PHE 36  1205 1205 PHE PHE C . n 
B 2 37  ASN 37  1206 1206 ASN ASN C . n 
B 2 38  SER 38  1207 1207 SER SER C . n 
B 2 39  ILE 39  1208 1208 ILE ILE C . n 
B 2 40  LYS 40  1209 1209 LYS LYS C . n 
B 2 41  GLU 41  1210 1210 GLU GLU C . n 
B 2 42  ARG 42  1211 1211 ARG ARG C . n 
# 
loop_
_pdbx_nonpoly_scheme.asym_id 
_pdbx_nonpoly_scheme.entity_id 
_pdbx_nonpoly_scheme.mon_id 
_pdbx_nonpoly_scheme.ndb_seq_num 
_pdbx_nonpoly_scheme.pdb_seq_num 
_pdbx_nonpoly_scheme.auth_seq_num 
_pdbx_nonpoly_scheme.pdb_mon_id 
_pdbx_nonpoly_scheme.auth_mon_id 
_pdbx_nonpoly_scheme.pdb_strand_id 
_pdbx_nonpoly_scheme.pdb_ins_code 
C 3 CA  1  201 201 CA  CA  A . 
D 3 CA  1  202 202 CA  CA  A . 
E 3 CA  1  203 203 CA  CA  A . 
F 3 CA  1  204 204 CA  CA  A . 
G 4 HOH 1  501 501 HOH HOH A . 
G 4 HOH 2  502 502 HOH HOH A . 
G 4 HOH 3  503 503 HOH HOH A . 
G 4 HOH 4  504 504 HOH HOH A . 
G 4 HOH 5  505 505 HOH HOH A . 
G 4 HOH 6  506 506 HOH HOH A . 
G 4 HOH 7  508 508 HOH HOH A . 
G 4 HOH 8  509 509 HOH HOH A . 
G 4 HOH 9  510 510 HOH HOH A . 
G 4 HOH 10 511 511 HOH HOH A . 
G 4 HOH 11 512 512 HOH HOH A . 
G 4 HOH 12 513 513 HOH HOH A . 
G 4 HOH 13 514 514 HOH HOH A . 
G 4 HOH 14 515 515 HOH HOH A . 
G 4 HOH 15 516 516 HOH HOH A . 
G 4 HOH 16 517 517 HOH HOH A . 
G 4 HOH 17 518 518 HOH HOH A . 
G 4 HOH 18 519 519 HOH HOH A . 
G 4 HOH 19 520 520 HOH HOH A . 
G 4 HOH 20 521 521 HOH HOH A . 
G 4 HOH 21 522 522 HOH HOH A . 
G 4 HOH 22 523 523 HOH HOH A . 
G 4 HOH 23 524 524 HOH HOH A . 
G 4 HOH 24 525 525 HOH HOH A . 
G 4 HOH 25 526 526 HOH HOH A . 
G 4 HOH 26 527 527 HOH HOH A . 
G 4 HOH 27 528 528 HOH HOH A . 
G 4 HOH 28 529 529 HOH HOH A . 
G 4 HOH 29 530 530 HOH HOH A . 
G 4 HOH 30 532 532 HOH HOH A . 
G 4 HOH 31 533 533 HOH HOH A . 
G 4 HOH 32 534 534 HOH HOH A . 
G 4 HOH 33 535 535 HOH HOH A . 
G 4 HOH 34 536 536 HOH HOH A . 
G 4 HOH 35 537 537 HOH HOH A . 
G 4 HOH 36 538 538 HOH HOH A . 
G 4 HOH 37 539 539 HOH HOH A . 
G 4 HOH 38 540 540 HOH HOH A . 
G 4 HOH 39 541 541 HOH HOH A . 
G 4 HOH 40 542 542 HOH HOH A . 
G 4 HOH 41 543 543 HOH HOH A . 
G 4 HOH 42 544 544 HOH HOH A . 
G 4 HOH 43 545 545 HOH HOH A . 
G 4 HOH 44 546 546 HOH HOH A . 
G 4 HOH 45 547 547 HOH HOH A . 
G 4 HOH 46 548 548 HOH HOH A . 
G 4 HOH 47 549 549 HOH HOH A . 
G 4 HOH 48 550 550 HOH HOH A . 
G 4 HOH 49 551 551 HOH HOH A . 
G 4 HOH 50 552 552 HOH HOH A . 
G 4 HOH 51 553 553 HOH HOH A . 
G 4 HOH 52 554 554 HOH HOH A . 
G 4 HOH 53 555 555 HOH HOH A . 
G 4 HOH 54 556 556 HOH HOH A . 
G 4 HOH 55 557 557 HOH HOH A . 
H 4 HOH 1  507 507 HOH HOH C . 
H 4 HOH 2  531 531 HOH HOH C . 
H 4 HOH 3  558 558 HOH HOH C . 
# 
_pdbx_struct_assembly.id                   1 
_pdbx_struct_assembly.details              author_and_software_defined_assembly 
_pdbx_struct_assembly.method_details       PISA 
_pdbx_struct_assembly.oligomeric_details   dimeric 
_pdbx_struct_assembly.oligomeric_count     2 
# 
_pdbx_struct_assembly_gen.assembly_id       1 
_pdbx_struct_assembly_gen.oper_expression   1 
_pdbx_struct_assembly_gen.asym_id_list      A,B,C,D,E,F,G,H 
# 
loop_
_pdbx_struct_assembly_prop.biol_id 
_pdbx_struct_assembly_prop.type 
_pdbx_struct_assembly_prop.value 
_pdbx_struct_assembly_prop.details 
1 'ABSA (A^2)' 2960 ? 
1 MORE         -82  ? 
1 'SSA (A^2)'  8300 ? 
# 
_pdbx_struct_oper_list.id                   1 
_pdbx_struct_oper_list.type                 'identity operation' 
_pdbx_struct_oper_list.name                 1_555 
_pdbx_struct_oper_list.symmetry_operation   x,y,z 
_pdbx_struct_oper_list.matrix[1][1]         1.0000000000 
_pdbx_struct_oper_list.matrix[1][2]         0.0000000000 
_pdbx_struct_oper_list.matrix[1][3]         0.0000000000 
_pdbx_struct_oper_list.vector[1]            0.0000000000 
_pdbx_struct_oper_list.matrix[2][1]         0.0000000000 
_pdbx_struct_oper_list.matrix[2][2]         1.0000000000 
_pdbx_struct_oper_list.matrix[2][3]         0.0000000000 
_pdbx_struct_oper_list.vector[2]            0.0000000000 
_pdbx_struct_oper_list.matrix[3][1]         0.0000000000 
_pdbx_struct_oper_list.matrix[3][2]         0.0000000000 
_pdbx_struct_oper_list.matrix[3][3]         1.0000000000 
_pdbx_struct_oper_list.vector[3]            0.0000000000 
# 
loop_
_pdbx_struct_conn_angle.id 
_pdbx_struct_conn_angle.ptnr1_label_atom_id 
_pdbx_struct_conn_angle.ptnr1_label_alt_id 
_pdbx_struct_conn_angle.ptnr1_label_asym_id 
_pdbx_struct_conn_angle.ptnr1_label_comp_id 
_pdbx_struct_conn_angle.ptnr1_label_seq_id 
_pdbx_struct_conn_angle.ptnr1_auth_atom_id 
_pdbx_struct_conn_angle.ptnr1_auth_asym_id 
_pdbx_struct_conn_angle.ptnr1_auth_comp_id 
_pdbx_struct_conn_angle.ptnr1_auth_seq_id 
_pdbx_struct_conn_angle.ptnr1_PDB_ins_code 
_pdbx_struct_conn_angle.ptnr1_symmetry 
_pdbx_struct_conn_angle.ptnr2_label_atom_id 
_pdbx_struct_conn_angle.ptnr2_label_alt_id 
_pdbx_struct_conn_angle.ptnr2_label_asym_id 
_pdbx_struct_conn_angle.ptnr2_label_comp_id 
_pdbx_struct_conn_angle.ptnr2_label_seq_id 
_pdbx_struct_conn_angle.ptnr2_auth_atom_id 
_pdbx_struct_conn_angle.ptnr2_auth_asym_id 
_pdbx_struct_conn_angle.ptnr2_auth_comp_id 
_pdbx_struct_conn_angle.ptnr2_auth_seq_id 
_pdbx_struct_conn_angle.ptnr2_PDB_ins_code 
_pdbx_struct_conn_angle.ptnr2_symmetry 
_pdbx_struct_conn_angle.ptnr3_label_atom_id 
_pdbx_struct_conn_angle.ptnr3_label_alt_id 
_pdbx_struct_conn_angle.ptnr3_label_asym_id 
_pdbx_struct_conn_angle.ptnr3_label_comp_id 
_pdbx_struct_conn_angle.ptnr3_label_seq_id 
_pdbx_struct_conn_angle.ptnr3_auth_atom_id 
_pdbx_struct_conn_angle.ptnr3_auth_asym_id 
_pdbx_struct_conn_angle.ptnr3_auth_comp_id 
_pdbx_struct_conn_angle.ptnr3_auth_seq_id 
_pdbx_struct_conn_angle.ptnr3_PDB_ins_code 
_pdbx_struct_conn_angle.ptnr3_symmetry 
_pdbx_struct_conn_angle.value 
_pdbx_struct_conn_angle.value_esd 
1  OD1 ? A ASP 20  ? A ASP 20  ? 1_555 CA ? C CA . ? A CA 201 ? 1_555 OD2 ? A ASP 22  ? A ASP 22  ? 1_555 93.1  ? 
2  OD1 ? A ASP 20  ? A ASP 20  ? 1_555 CA ? C CA . ? A CA 201 ? 1_555 OD2 ? A ASP 24  ? A ASP 24  ? 1_555 98.5  ? 
3  OD2 ? A ASP 22  ? A ASP 22  ? 1_555 CA ? C CA . ? A CA 201 ? 1_555 OD2 ? A ASP 24  ? A ASP 24  ? 1_555 65.2  ? 
4  OD1 ? A ASP 20  ? A ASP 20  ? 1_555 CA ? C CA . ? A CA 201 ? 1_555 O   ? A THR 26  ? A THR 26  ? 1_555 82.8  ? 
5  OD2 ? A ASP 22  ? A ASP 22  ? 1_555 CA ? C CA . ? A CA 201 ? 1_555 O   ? A THR 26  ? A THR 26  ? 1_555 157.8 ? 
6  OD2 ? A ASP 24  ? A ASP 24  ? 1_555 CA ? C CA . ? A CA 201 ? 1_555 O   ? A THR 26  ? A THR 26  ? 1_555 93.7  ? 
7  OD1 ? A ASP 20  ? A ASP 20  ? 1_555 CA ? C CA . ? A CA 201 ? 1_555 OE1 ? A GLU 31  ? A GLU 31  ? 1_555 99.4  ? 
8  OD2 ? A ASP 22  ? A ASP 22  ? 1_555 CA ? C CA . ? A CA 201 ? 1_555 OE1 ? A GLU 31  ? A GLU 31  ? 1_555 80.4  ? 
9  OD2 ? A ASP 24  ? A ASP 24  ? 1_555 CA ? C CA . ? A CA 201 ? 1_555 OE1 ? A GLU 31  ? A GLU 31  ? 1_555 141.8 ? 
10 O   ? A THR 26  ? A THR 26  ? 1_555 CA ? C CA . ? A CA 201 ? 1_555 OE1 ? A GLU 31  ? A GLU 31  ? 1_555 121.7 ? 
11 OD1 ? A ASP 20  ? A ASP 20  ? 1_555 CA ? C CA . ? A CA 201 ? 1_555 OE2 ? A GLU 31  ? A GLU 31  ? 1_555 128.6 ? 
12 OD2 ? A ASP 22  ? A ASP 22  ? 1_555 CA ? C CA . ? A CA 201 ? 1_555 OE2 ? A GLU 31  ? A GLU 31  ? 1_555 117.9 ? 
13 OD2 ? A ASP 24  ? A ASP 24  ? 1_555 CA ? C CA . ? A CA 201 ? 1_555 OE2 ? A GLU 31  ? A GLU 31  ? 1_555 130.8 ? 
14 O   ? A THR 26  ? A THR 26  ? 1_555 CA ? C CA . ? A CA 201 ? 1_555 OE2 ? A GLU 31  ? A GLU 31  ? 1_555 80.7  ? 
15 OE1 ? A GLU 31  ? A GLU 31  ? 1_555 CA ? C CA . ? A CA 201 ? 1_555 OE2 ? A GLU 31  ? A GLU 31  ? 1_555 52.7  ? 
16 OD1 ? A ASP 20  ? A ASP 20  ? 1_555 CA ? C CA . ? A CA 201 ? 1_555 O   ? G HOH .   ? A HOH 508 ? 1_555 155.2 ? 
17 OD2 ? A ASP 22  ? A ASP 22  ? 1_555 CA ? C CA . ? A CA 201 ? 1_555 O   ? G HOH .   ? A HOH 508 ? 1_555 72.8  ? 
18 OD2 ? A ASP 24  ? A ASP 24  ? 1_555 CA ? C CA . ? A CA 201 ? 1_555 O   ? G HOH .   ? A HOH 508 ? 1_555 57.3  ? 
19 O   ? A THR 26  ? A THR 26  ? 1_555 CA ? C CA . ? A CA 201 ? 1_555 O   ? G HOH .   ? A HOH 508 ? 1_555 102.4 ? 
20 OE1 ? A GLU 31  ? A GLU 31  ? 1_555 CA ? C CA . ? A CA 201 ? 1_555 O   ? G HOH .   ? A HOH 508 ? 1_555 98.2  ? 
21 OE2 ? A GLU 31  ? A GLU 31  ? 1_555 CA ? C CA . ? A CA 201 ? 1_555 O   ? G HOH .   ? A HOH 508 ? 1_555 76.2  ? 
22 OD1 ? A ASP 56  ? A ASP 56  ? 1_555 CA ? D CA . ? A CA 202 ? 1_555 OD1 ? A ASN 60  ? A ASN 60  ? 1_555 109.3 ? 
23 OD1 ? A ASP 56  ? A ASP 56  ? 1_555 CA ? D CA . ? A CA 202 ? 1_555 O   ? A THR 62  ? A THR 62  ? 1_555 77.4  ? 
24 OD1 ? A ASN 60  ? A ASN 60  ? 1_555 CA ? D CA . ? A CA 202 ? 1_555 O   ? A THR 62  ? A THR 62  ? 1_555 102.3 ? 
25 OD1 ? A ASP 56  ? A ASP 56  ? 1_555 CA ? D CA . ? A CA 202 ? 1_555 OE1 ? A GLU 67  ? A GLU 67  ? 1_555 103.8 ? 
26 OD1 ? A ASN 60  ? A ASN 60  ? 1_555 CA ? D CA . ? A CA 202 ? 1_555 OE1 ? A GLU 67  ? A GLU 67  ? 1_555 128.1 ? 
27 O   ? A THR 62  ? A THR 62  ? 1_555 CA ? D CA . ? A CA 202 ? 1_555 OE1 ? A GLU 67  ? A GLU 67  ? 1_555 123.5 ? 
28 OD1 ? A ASP 56  ? A ASP 56  ? 1_555 CA ? D CA . ? A CA 202 ? 1_555 OE2 ? A GLU 67  ? A GLU 67  ? 1_555 101.6 ? 
29 OD1 ? A ASN 60  ? A ASN 60  ? 1_555 CA ? D CA . ? A CA 202 ? 1_555 OE2 ? A GLU 67  ? A GLU 67  ? 1_555 147.8 ? 
30 O   ? A THR 62  ? A THR 62  ? 1_555 CA ? D CA . ? A CA 202 ? 1_555 OE2 ? A GLU 67  ? A GLU 67  ? 1_555 75.6  ? 
31 OE1 ? A GLU 67  ? A GLU 67  ? 1_555 CA ? D CA . ? A CA 202 ? 1_555 OE2 ? A GLU 67  ? A GLU 67  ? 1_555 48.4  ? 
32 OD1 ? A ASP 56  ? A ASP 56  ? 1_555 CA ? D CA . ? A CA 202 ? 1_555 O   ? G HOH .   ? A HOH 551 ? 1_555 155.2 ? 
33 OD1 ? A ASN 60  ? A ASN 60  ? 1_555 CA ? D CA . ? A CA 202 ? 1_555 O   ? G HOH .   ? A HOH 551 ? 1_555 73.0  ? 
34 O   ? A THR 62  ? A THR 62  ? 1_555 CA ? D CA . ? A CA 202 ? 1_555 O   ? G HOH .   ? A HOH 551 ? 1_555 78.0  ? 
35 OE1 ? A GLU 67  ? A GLU 67  ? 1_555 CA ? D CA . ? A CA 202 ? 1_555 O   ? G HOH .   ? A HOH 551 ? 1_555 92.5  ? 
36 OE2 ? A GLU 67  ? A GLU 67  ? 1_555 CA ? D CA . ? A CA 202 ? 1_555 O   ? G HOH .   ? A HOH 551 ? 1_555 75.2  ? 
37 OD1 ? A ASP 93  ? A ASP 93  ? 1_555 CA ? E CA . ? A CA 203 ? 1_555 OD2 ? A ASP 95  ? A ASP 95  ? 1_555 85.6  ? 
38 OD1 ? A ASP 93  ? A ASP 93  ? 1_555 CA ? E CA . ? A CA 203 ? 1_555 OD1 ? A ASN 97  ? A ASN 97  ? 1_555 70.9  ? 
39 OD2 ? A ASP 95  ? A ASP 95  ? 1_555 CA ? E CA . ? A CA 203 ? 1_555 OD1 ? A ASN 97  ? A ASN 97  ? 1_555 81.8  ? 
40 OD1 ? A ASP 93  ? A ASP 93  ? 1_555 CA ? E CA . ? A CA 203 ? 1_555 O   ? A TYR 99  ? A TYR 99  ? 1_555 72.6  ? 
41 OD2 ? A ASP 95  ? A ASP 95  ? 1_555 CA ? E CA . ? A CA 203 ? 1_555 O   ? A TYR 99  ? A TYR 99  ? 1_555 150.5 ? 
42 OD1 ? A ASN 97  ? A ASN 97  ? 1_555 CA ? E CA . ? A CA 203 ? 1_555 O   ? A TYR 99  ? A TYR 99  ? 1_555 72.6  ? 
43 OD1 ? A ASP 93  ? A ASP 93  ? 1_555 CA ? E CA . ? A CA 203 ? 1_555 OE1 ? A GLU 104 ? A GLU 104 ? 1_555 97.8  ? 
44 OD2 ? A ASP 95  ? A ASP 95  ? 1_555 CA ? E CA . ? A CA 203 ? 1_555 OE1 ? A GLU 104 ? A GLU 104 ? 1_555 125.5 ? 
45 OD1 ? A ASN 97  ? A ASN 97  ? 1_555 CA ? E CA . ? A CA 203 ? 1_555 OE1 ? A GLU 104 ? A GLU 104 ? 1_555 150.6 ? 
46 O   ? A TYR 99  ? A TYR 99  ? 1_555 CA ? E CA . ? A CA 203 ? 1_555 OE1 ? A GLU 104 ? A GLU 104 ? 1_555 78.1  ? 
47 OD1 ? A ASP 93  ? A ASP 93  ? 1_555 CA ? E CA . ? A CA 203 ? 1_555 OE2 ? A GLU 104 ? A GLU 104 ? 1_555 106.0 ? 
48 OD2 ? A ASP 95  ? A ASP 95  ? 1_555 CA ? E CA . ? A CA 203 ? 1_555 OE2 ? A GLU 104 ? A GLU 104 ? 1_555 74.2  ? 
49 OD1 ? A ASN 97  ? A ASN 97  ? 1_555 CA ? E CA . ? A CA 203 ? 1_555 OE2 ? A GLU 104 ? A GLU 104 ? 1_555 155.9 ? 
50 O   ? A TYR 99  ? A TYR 99  ? 1_555 CA ? E CA . ? A CA 203 ? 1_555 OE2 ? A GLU 104 ? A GLU 104 ? 1_555 130.3 ? 
51 OE1 ? A GLU 104 ? A GLU 104 ? 1_555 CA ? E CA . ? A CA 203 ? 1_555 OE2 ? A GLU 104 ? A GLU 104 ? 1_555 52.5  ? 
52 OD1 ? A ASP 93  ? A ASP 93  ? 1_555 CA ? E CA . ? A CA 203 ? 1_555 O   ? G HOH .   ? A HOH 515 ? 1_555 152.8 ? 
53 OD2 ? A ASP 95  ? A ASP 95  ? 1_555 CA ? E CA . ? A CA 203 ? 1_555 O   ? G HOH .   ? A HOH 515 ? 1_555 92.8  ? 
54 OD1 ? A ASN 97  ? A ASN 97  ? 1_555 CA ? E CA . ? A CA 203 ? 1_555 O   ? G HOH .   ? A HOH 515 ? 1_555 82.0  ? 
55 O   ? A TYR 99  ? A TYR 99  ? 1_555 CA ? E CA . ? A CA 203 ? 1_555 O   ? G HOH .   ? A HOH 515 ? 1_555 97.6  ? 
56 OE1 ? A GLU 104 ? A GLU 104 ? 1_555 CA ? E CA . ? A CA 203 ? 1_555 O   ? G HOH .   ? A HOH 515 ? 1_555 105.1 ? 
57 OE2 ? A GLU 104 ? A GLU 104 ? 1_555 CA ? E CA . ? A CA 203 ? 1_555 O   ? G HOH .   ? A HOH 515 ? 1_555 99.7  ? 
58 OD1 ? A ASP 129 ? A ASP 129 ? 1_555 CA ? F CA . ? A CA 204 ? 1_555 OD2 ? A ASP 131 ? A ASP 131 ? 1_555 73.5  ? 
59 OD1 ? A ASP 129 ? A ASP 129 ? 1_555 CA ? F CA . ? A CA 204 ? 1_555 OD1 ? A ASP 131 ? A ASP 131 ? 1_555 113.0 ? 
60 OD2 ? A ASP 131 ? A ASP 131 ? 1_555 CA ? F CA . ? A CA 204 ? 1_555 OD1 ? A ASP 131 ? A ASP 131 ? 1_555 39.8  ? 
61 OD1 ? A ASP 129 ? A ASP 129 ? 1_555 CA ? F CA . ? A CA 204 ? 1_555 OD2 ? A ASP 133 ? A ASP 133 ? 1_555 82.3  ? 
62 OD2 ? A ASP 131 ? A ASP 131 ? 1_555 CA ? F CA . ? A CA 204 ? 1_555 OD2 ? A ASP 133 ? A ASP 133 ? 1_555 78.1  ? 
63 OD1 ? A ASP 131 ? A ASP 131 ? 1_555 CA ? F CA . ? A CA 204 ? 1_555 OD2 ? A ASP 133 ? A ASP 133 ? 1_555 88.1  ? 
64 OD1 ? A ASP 129 ? A ASP 129 ? 1_555 CA ? F CA . ? A CA 204 ? 1_555 O   ? A GLN 135 ? A GLN 135 ? 1_555 86.5  ? 
65 OD2 ? A ASP 131 ? A ASP 131 ? 1_555 CA ? F CA . ? A CA 204 ? 1_555 O   ? A GLN 135 ? A GLN 135 ? 1_555 149.8 ? 
66 OD1 ? A ASP 131 ? A ASP 131 ? 1_555 CA ? F CA . ? A CA 204 ? 1_555 O   ? A GLN 135 ? A GLN 135 ? 1_555 153.8 ? 
67 OD2 ? A ASP 133 ? A ASP 133 ? 1_555 CA ? F CA . ? A CA 204 ? 1_555 O   ? A GLN 135 ? A GLN 135 ? 1_555 77.0  ? 
68 OD1 ? A ASP 129 ? A ASP 129 ? 1_555 CA ? F CA . ? A CA 204 ? 1_555 OE1 ? A GLU 140 ? A GLU 140 ? 1_555 113.1 ? 
69 OD2 ? A ASP 131 ? A ASP 131 ? 1_555 CA ? F CA . ? A CA 204 ? 1_555 OE1 ? A GLU 140 ? A GLU 140 ? 1_555 125.9 ? 
70 OD1 ? A ASP 131 ? A ASP 131 ? 1_555 CA ? F CA . ? A CA 204 ? 1_555 OE1 ? A GLU 140 ? A GLU 140 ? 1_555 104.0 ? 
71 OD2 ? A ASP 133 ? A ASP 133 ? 1_555 CA ? F CA . ? A CA 204 ? 1_555 OE1 ? A GLU 140 ? A GLU 140 ? 1_555 153.6 ? 
72 O   ? A GLN 135 ? A GLN 135 ? 1_555 CA ? F CA . ? A CA 204 ? 1_555 OE1 ? A GLU 140 ? A GLU 140 ? 1_555 82.5  ? 
73 OD1 ? A ASP 129 ? A ASP 129 ? 1_555 CA ? F CA . ? A CA 204 ? 1_555 OE2 ? A GLU 140 ? A GLU 140 ? 1_555 79.4  ? 
74 OD2 ? A ASP 131 ? A ASP 131 ? 1_555 CA ? F CA . ? A CA 204 ? 1_555 OE2 ? A GLU 140 ? A GLU 140 ? 1_555 78.1  ? 
75 OD1 ? A ASP 131 ? A ASP 131 ? 1_555 CA ? F CA . ? A CA 204 ? 1_555 OE2 ? A GLU 140 ? A GLU 140 ? 1_555 81.4  ? 
76 OD2 ? A ASP 133 ? A ASP 133 ? 1_555 CA ? F CA . ? A CA 204 ? 1_555 OE2 ? A GLU 140 ? A GLU 140 ? 1_555 153.2 ? 
77 O   ? A GLN 135 ? A GLN 135 ? 1_555 CA ? F CA . ? A CA 204 ? 1_555 OE2 ? A GLU 140 ? A GLU 140 ? 1_555 120.9 ? 
78 OE1 ? A GLU 140 ? A GLU 140 ? 1_555 CA ? F CA . ? A CA 204 ? 1_555 OE2 ? A GLU 140 ? A GLU 140 ? 1_555 53.1  ? 
# 
loop_
_pdbx_audit_revision_history.ordinal 
_pdbx_audit_revision_history.data_content_type 
_pdbx_audit_revision_history.major_revision 
_pdbx_audit_revision_history.minor_revision 
_pdbx_audit_revision_history.revision_date 
1 'Structure model' 1 0 2006-09-05 
2 'Structure model' 1 1 2008-05-01 
3 'Structure model' 1 2 2011-07-13 
4 'Structure model' 1 3 2021-10-20 
5 'Structure model' 1 4 2023-08-30 
# 
_pdbx_audit_revision_details.ordinal             1 
_pdbx_audit_revision_details.revision_ordinal    1 
_pdbx_audit_revision_details.data_content_type   'Structure model' 
_pdbx_audit_revision_details.provider            repository 
_pdbx_audit_revision_details.type                'Initial release' 
_pdbx_audit_revision_details.description         ? 
_pdbx_audit_revision_details.details             ? 
# 
loop_
_pdbx_audit_revision_group.ordinal 
_pdbx_audit_revision_group.revision_ordinal 
_pdbx_audit_revision_group.data_content_type 
_pdbx_audit_revision_group.group 
1 2 'Structure model' 'Version format compliance' 
2 3 'Structure model' 'Version format compliance' 
3 4 'Structure model' 'Database references'       
4 4 'Structure model' 'Derived calculations'      
5 5 'Structure model' 'Data collection'           
6 5 'Structure model' 'Refinement description'    
# 
loop_
_pdbx_audit_revision_category.ordinal 
_pdbx_audit_revision_category.revision_ordinal 
_pdbx_audit_revision_category.data_content_type 
_pdbx_audit_revision_category.category 
1 4 'Structure model' database_2                    
2 4 'Structure model' pdbx_struct_conn_angle        
3 4 'Structure model' struct_conn                   
4 4 'Structure model' struct_ref_seq_dif            
5 4 'Structure model' struct_site                   
6 5 'Structure model' chem_comp_atom                
7 5 'Structure model' chem_comp_bond                
8 5 'Structure model' pdbx_initial_refinement_model 
# 
loop_
_pdbx_audit_revision_item.ordinal 
_pdbx_audit_revision_item.revision_ordinal 
_pdbx_audit_revision_item.data_content_type 
_pdbx_audit_revision_item.item 
1  4 'Structure model' '_database_2.pdbx_DOI'                        
2  4 'Structure model' '_database_2.pdbx_database_accession'         
3  4 'Structure model' '_pdbx_struct_conn_angle.ptnr1_auth_comp_id'  
4  4 'Structure model' '_pdbx_struct_conn_angle.ptnr1_auth_seq_id'   
5  4 'Structure model' '_pdbx_struct_conn_angle.ptnr1_label_asym_id' 
6  4 'Structure model' '_pdbx_struct_conn_angle.ptnr1_label_atom_id' 
7  4 'Structure model' '_pdbx_struct_conn_angle.ptnr1_label_comp_id' 
8  4 'Structure model' '_pdbx_struct_conn_angle.ptnr1_label_seq_id'  
9  4 'Structure model' '_pdbx_struct_conn_angle.ptnr3_auth_comp_id'  
10 4 'Structure model' '_pdbx_struct_conn_angle.ptnr3_auth_seq_id'   
11 4 'Structure model' '_pdbx_struct_conn_angle.ptnr3_label_asym_id' 
12 4 'Structure model' '_pdbx_struct_conn_angle.ptnr3_label_atom_id' 
13 4 'Structure model' '_pdbx_struct_conn_angle.ptnr3_label_comp_id' 
14 4 'Structure model' '_pdbx_struct_conn_angle.ptnr3_label_seq_id'  
15 4 'Structure model' '_pdbx_struct_conn_angle.value'               
16 4 'Structure model' '_struct_conn.pdbx_dist_value'                
17 4 'Structure model' '_struct_conn.ptnr1_auth_comp_id'             
18 4 'Structure model' '_struct_conn.ptnr1_auth_seq_id'              
19 4 'Structure model' '_struct_conn.ptnr1_label_asym_id'            
20 4 'Structure model' '_struct_conn.ptnr1_label_atom_id'            
21 4 'Structure model' '_struct_conn.ptnr1_label_comp_id'            
22 4 'Structure model' '_struct_conn.ptnr1_label_seq_id'             
23 4 'Structure model' '_struct_conn.ptnr2_auth_comp_id'             
24 4 'Structure model' '_struct_conn.ptnr2_auth_seq_id'              
25 4 'Structure model' '_struct_conn.ptnr2_label_asym_id'            
26 4 'Structure model' '_struct_conn.ptnr2_label_atom_id'            
27 4 'Structure model' '_struct_conn.ptnr2_label_comp_id'            
28 4 'Structure model' '_struct_conn.ptnr2_label_seq_id'             
29 4 'Structure model' '_struct_ref_seq_dif.details'                 
30 4 'Structure model' '_struct_site.pdbx_auth_asym_id'              
31 4 'Structure model' '_struct_site.pdbx_auth_comp_id'              
32 4 'Structure model' '_struct_site.pdbx_auth_seq_id'               
# 
loop_
_software.name 
_software.classification 
_software.version 
_software.citation_id 
_software.pdbx_ordinal 
CNS       refinement       1.1 ? 1 
DENZO     'data reduction' .   ? 2 
SCALEPACK 'data scaling'   .   ? 3 
PHASER    phasing          .   ? 4 
# 
loop_
_pdbx_validate_torsion.id 
_pdbx_validate_torsion.PDB_model_num 
_pdbx_validate_torsion.auth_comp_id 
_pdbx_validate_torsion.auth_asym_id 
_pdbx_validate_torsion.auth_seq_id 
_pdbx_validate_torsion.PDB_ins_code 
_pdbx_validate_torsion.label_alt_id 
_pdbx_validate_torsion.phi 
_pdbx_validate_torsion.psi 
1 1 GLU A 7    ? ? -72.99  38.13  
2 1 ASN A 60   ? ? -82.08  -71.85 
3 1 MET A 72   ? ? -71.01  29.04  
4 1 GLU A 114  ? ? -172.26 143.48 
5 1 SER C 1190 ? ? 38.55   76.47  
# 
loop_
_pdbx_unobs_or_zero_occ_atoms.id 
_pdbx_unobs_or_zero_occ_atoms.PDB_model_num 
_pdbx_unobs_or_zero_occ_atoms.polymer_flag 
_pdbx_unobs_or_zero_occ_atoms.occupancy_flag 
_pdbx_unobs_or_zero_occ_atoms.auth_asym_id 
_pdbx_unobs_or_zero_occ_atoms.auth_comp_id 
_pdbx_unobs_or_zero_occ_atoms.auth_seq_id 
_pdbx_unobs_or_zero_occ_atoms.PDB_ins_code 
_pdbx_unobs_or_zero_occ_atoms.auth_atom_id 
_pdbx_unobs_or_zero_occ_atoms.label_alt_id 
_pdbx_unobs_or_zero_occ_atoms.label_asym_id 
_pdbx_unobs_or_zero_occ_atoms.label_comp_id 
_pdbx_unobs_or_zero_occ_atoms.label_seq_id 
_pdbx_unobs_or_zero_occ_atoms.label_atom_id 
1  1 Y 1 A GLU 6    ? CG  ? A GLU 6   CG  
2  1 Y 1 A GLU 6    ? CD  ? A GLU 6   CD  
3  1 Y 1 A GLU 6    ? OE1 ? A GLU 6   OE1 
4  1 Y 1 A GLU 6    ? OE2 ? A GLU 6   OE2 
5  1 Y 1 A GLU 82   ? CG  ? A GLU 82  CG  
6  1 Y 1 A GLU 82   ? CD  ? A GLU 82  CD  
7  1 Y 1 A GLU 82   ? OE1 ? A GLU 82  OE1 
8  1 Y 1 A GLU 82   ? OE2 ? A GLU 82  OE2 
9  1 Y 1 A ARG 86   ? CG  ? A ARG 86  CG  
10 1 Y 1 A ARG 86   ? CD  ? A ARG 86  CD  
11 1 Y 1 A ARG 86   ? NE  ? A ARG 86  NE  
12 1 Y 1 A ARG 86   ? CZ  ? A ARG 86  CZ  
13 1 Y 1 A ARG 86   ? NH1 ? A ARG 86  NH1 
14 1 Y 1 A ARG 86   ? NH2 ? A ARG 86  NH2 
15 1 Y 1 A ARG 106  ? CG  ? A ARG 106 CG  
16 1 Y 1 A ARG 106  ? CD  ? A ARG 106 CD  
17 1 Y 1 A ARG 106  ? NE  ? A ARG 106 NE  
18 1 Y 1 A ARG 106  ? CZ  ? A ARG 106 CZ  
19 1 Y 1 A ARG 106  ? NH1 ? A ARG 106 NH1 
20 1 Y 1 A ARG 106  ? NH2 ? A ARG 106 NH2 
21 1 Y 1 A ASN 111  ? CG  ? A ASN 111 CG  
22 1 Y 1 A ASN 111  ? OD1 ? A ASN 111 OD1 
23 1 Y 1 A ASN 111  ? ND2 ? A ASN 111 ND2 
24 1 Y 1 A LEU 112  ? CG  ? A LEU 112 CG  
25 1 Y 1 A LEU 112  ? CD1 ? A LEU 112 CD1 
26 1 Y 1 A LEU 112  ? CD2 ? A LEU 112 CD2 
27 1 Y 1 A GLU 114  ? CG  ? A GLU 114 CG  
28 1 Y 1 A GLU 114  ? CD  ? A GLU 114 CD  
29 1 Y 1 A GLU 114  ? OE1 ? A GLU 114 OE1 
30 1 Y 1 A GLU 114  ? OE2 ? A GLU 114 OE2 
31 1 Y 1 A LYS 115  ? CG  ? A LYS 115 CG  
32 1 Y 1 A LYS 115  ? CD  ? A LYS 115 CD  
33 1 Y 1 A LYS 115  ? CE  ? A LYS 115 CE  
34 1 Y 1 A LYS 115  ? NZ  ? A LYS 115 NZ  
35 1 Y 1 A THR 117  ? OG1 ? A THR 117 OG1 
36 1 Y 1 A THR 117  ? CG2 ? A THR 117 CG2 
37 1 Y 1 A GLU 119  ? CG  ? A GLU 119 CG  
38 1 Y 1 A GLU 119  ? CD  ? A GLU 119 CD  
39 1 Y 1 A GLU 119  ? OE1 ? A GLU 119 OE1 
40 1 Y 1 A GLU 119  ? OE2 ? A GLU 119 OE2 
41 1 Y 1 A ASP 122  ? CG  ? A ASP 122 CG  
42 1 Y 1 A ASP 122  ? OD1 ? A ASP 122 OD1 
43 1 Y 1 A ASP 122  ? OD2 ? A ASP 122 OD2 
44 1 Y 1 A GLU 123  ? CG  ? A GLU 123 CG  
45 1 Y 1 A GLU 123  ? CD  ? A GLU 123 CD  
46 1 Y 1 A GLU 123  ? OE1 ? A GLU 123 OE1 
47 1 Y 1 A GLU 123  ? OE2 ? A GLU 123 OE2 
48 1 Y 1 A GLU 139  ? CG  ? A GLU 139 CG  
49 1 Y 1 A GLU 139  ? CD  ? A GLU 139 CD  
50 1 Y 1 A GLU 139  ? OE1 ? A GLU 139 OE1 
51 1 Y 1 A GLU 139  ? OE2 ? A GLU 139 OE2 
52 1 Y 1 A THR 146  ? OG1 ? A THR 146 OG1 
53 1 Y 1 A THR 146  ? CG2 ? A THR 146 CG2 
54 1 Y 1 C ARG 1211 ? CG  ? B ARG 42  CG  
55 1 Y 1 C ARG 1211 ? CD  ? B ARG 42  CD  
56 1 Y 1 C ARG 1211 ? NE  ? B ARG 42  NE  
57 1 Y 1 C ARG 1211 ? CZ  ? B ARG 42  CZ  
58 1 Y 1 C ARG 1211 ? NH1 ? B ARG 42  NH1 
59 1 Y 1 C ARG 1211 ? NH2 ? B ARG 42  NH2 
# 
loop_
_pdbx_unobs_or_zero_occ_residues.id 
_pdbx_unobs_or_zero_occ_residues.PDB_model_num 
_pdbx_unobs_or_zero_occ_residues.polymer_flag 
_pdbx_unobs_or_zero_occ_residues.occupancy_flag 
_pdbx_unobs_or_zero_occ_residues.auth_asym_id 
_pdbx_unobs_or_zero_occ_residues.auth_comp_id 
_pdbx_unobs_or_zero_occ_residues.auth_seq_id 
_pdbx_unobs_or_zero_occ_residues.PDB_ins_code 
_pdbx_unobs_or_zero_occ_residues.label_asym_id 
_pdbx_unobs_or_zero_occ_residues.label_comp_id 
_pdbx_unobs_or_zero_occ_residues.label_seq_id 
1  1 Y 1 A ALA 1    ? A ALA 1   
2  1 Y 1 A ASP 2    ? A ASP 2   
3  1 Y 1 A GLN 3    ? A GLN 3   
4  1 Y 1 A LEU 4    ? A LEU 4   
5  1 Y 1 A THR 5    ? A THR 5   
6  1 Y 1 A ARG 74   ? A ARG 74  
7  1 Y 1 A LYS 75   ? A LYS 75  
8  1 Y 1 A MET 76   ? A MET 76  
9  1 Y 1 A LYS 77   ? A LYS 77  
10 1 Y 1 A ASP 78   ? A ASP 78  
11 1 Y 1 A THR 79   ? A THR 79  
12 1 Y 1 A ASP 80   ? A ASP 80  
13 1 Y 1 A LEU 116  ? A LEU 116 
14 1 Y 1 A LYS 148  ? A LYS 148 
15 1 Y 1 C GLN 1170 ? B GLN 1   
16 1 Y 1 C GLN 1171 ? B GLN 2   
17 1 Y 1 C GLU 1172 ? B GLU 3   
18 1 Y 1 C VAL 1173 ? B VAL 4   
19 1 Y 1 C TYR 1174 ? B TYR 5   
20 1 Y 1 C GLY 1175 ? B GLY 6   
21 1 Y 1 C MET 1176 ? B MET 7   
22 1 Y 1 C MET 1177 ? B MET 8   
23 1 Y 1 C PRO 1178 ? B PRO 9   
24 1 Y 1 C ARG 1179 ? B ARG 10  
25 1 Y 1 C ASP 1180 ? B ASP 11  
26 1 Y 1 C GLU 1181 ? B GLU 12  
27 1 Y 1 C THR 1182 ? B THR 13  
28 1 Y 1 C ASP 1183 ? B ASP 14  
29 1 Y 1 C SER 1184 ? B SER 15  
30 1 Y 1 C LYS 1185 ? B LYS 16  
31 1 Y 1 C THR 1186 ? B THR 17  
32 1 Y 1 C ALA 1187 ? B ALA 18  
33 1 Y 1 C SER 1188 ? B SER 19  
# 
loop_
_chem_comp_atom.comp_id 
_chem_comp_atom.atom_id 
_chem_comp_atom.type_symbol 
_chem_comp_atom.pdbx_aromatic_flag 
_chem_comp_atom.pdbx_stereo_config 
_chem_comp_atom.pdbx_ordinal 
ALA N    N  N N 1   
ALA CA   C  N S 2   
ALA C    C  N N 3   
ALA O    O  N N 4   
ALA CB   C  N N 5   
ALA OXT  O  N N 6   
ALA H    H  N N 7   
ALA H2   H  N N 8   
ALA HA   H  N N 9   
ALA HB1  H  N N 10  
ALA HB2  H  N N 11  
ALA HB3  H  N N 12  
ALA HXT  H  N N 13  
ARG N    N  N N 14  
ARG CA   C  N S 15  
ARG C    C  N N 16  
ARG O    O  N N 17  
ARG CB   C  N N 18  
ARG CG   C  N N 19  
ARG CD   C  N N 20  
ARG NE   N  N N 21  
ARG CZ   C  N N 22  
ARG NH1  N  N N 23  
ARG NH2  N  N N 24  
ARG OXT  O  N N 25  
ARG H    H  N N 26  
ARG H2   H  N N 27  
ARG HA   H  N N 28  
ARG HB2  H  N N 29  
ARG HB3  H  N N 30  
ARG HG2  H  N N 31  
ARG HG3  H  N N 32  
ARG HD2  H  N N 33  
ARG HD3  H  N N 34  
ARG HE   H  N N 35  
ARG HH11 H  N N 36  
ARG HH12 H  N N 37  
ARG HH21 H  N N 38  
ARG HH22 H  N N 39  
ARG HXT  H  N N 40  
ASN N    N  N N 41  
ASN CA   C  N S 42  
ASN C    C  N N 43  
ASN O    O  N N 44  
ASN CB   C  N N 45  
ASN CG   C  N N 46  
ASN OD1  O  N N 47  
ASN ND2  N  N N 48  
ASN OXT  O  N N 49  
ASN H    H  N N 50  
ASN H2   H  N N 51  
ASN HA   H  N N 52  
ASN HB2  H  N N 53  
ASN HB3  H  N N 54  
ASN HD21 H  N N 55  
ASN HD22 H  N N 56  
ASN HXT  H  N N 57  
ASP N    N  N N 58  
ASP CA   C  N S 59  
ASP C    C  N N 60  
ASP O    O  N N 61  
ASP CB   C  N N 62  
ASP CG   C  N N 63  
ASP OD1  O  N N 64  
ASP OD2  O  N N 65  
ASP OXT  O  N N 66  
ASP H    H  N N 67  
ASP H2   H  N N 68  
ASP HA   H  N N 69  
ASP HB2  H  N N 70  
ASP HB3  H  N N 71  
ASP HD2  H  N N 72  
ASP HXT  H  N N 73  
CA  CA   CA N N 74  
GLN N    N  N N 75  
GLN CA   C  N S 76  
GLN C    C  N N 77  
GLN O    O  N N 78  
GLN CB   C  N N 79  
GLN CG   C  N N 80  
GLN CD   C  N N 81  
GLN OE1  O  N N 82  
GLN NE2  N  N N 83  
GLN OXT  O  N N 84  
GLN H    H  N N 85  
GLN H2   H  N N 86  
GLN HA   H  N N 87  
GLN HB2  H  N N 88  
GLN HB3  H  N N 89  
GLN HG2  H  N N 90  
GLN HG3  H  N N 91  
GLN HE21 H  N N 92  
GLN HE22 H  N N 93  
GLN HXT  H  N N 94  
GLU N    N  N N 95  
GLU CA   C  N S 96  
GLU C    C  N N 97  
GLU O    O  N N 98  
GLU CB   C  N N 99  
GLU CG   C  N N 100 
GLU CD   C  N N 101 
GLU OE1  O  N N 102 
GLU OE2  O  N N 103 
GLU OXT  O  N N 104 
GLU H    H  N N 105 
GLU H2   H  N N 106 
GLU HA   H  N N 107 
GLU HB2  H  N N 108 
GLU HB3  H  N N 109 
GLU HG2  H  N N 110 
GLU HG3  H  N N 111 
GLU HE2  H  N N 112 
GLU HXT  H  N N 113 
GLY N    N  N N 114 
GLY CA   C  N N 115 
GLY C    C  N N 116 
GLY O    O  N N 117 
GLY OXT  O  N N 118 
GLY H    H  N N 119 
GLY H2   H  N N 120 
GLY HA2  H  N N 121 
GLY HA3  H  N N 122 
GLY HXT  H  N N 123 
HIS N    N  N N 124 
HIS CA   C  N S 125 
HIS C    C  N N 126 
HIS O    O  N N 127 
HIS CB   C  N N 128 
HIS CG   C  Y N 129 
HIS ND1  N  Y N 130 
HIS CD2  C  Y N 131 
HIS CE1  C  Y N 132 
HIS NE2  N  Y N 133 
HIS OXT  O  N N 134 
HIS H    H  N N 135 
HIS H2   H  N N 136 
HIS HA   H  N N 137 
HIS HB2  H  N N 138 
HIS HB3  H  N N 139 
HIS HD1  H  N N 140 
HIS HD2  H  N N 141 
HIS HE1  H  N N 142 
HIS HE2  H  N N 143 
HIS HXT  H  N N 144 
HOH O    O  N N 145 
HOH H1   H  N N 146 
HOH H2   H  N N 147 
ILE N    N  N N 148 
ILE CA   C  N S 149 
ILE C    C  N N 150 
ILE O    O  N N 151 
ILE CB   C  N S 152 
ILE CG1  C  N N 153 
ILE CG2  C  N N 154 
ILE CD1  C  N N 155 
ILE OXT  O  N N 156 
ILE H    H  N N 157 
ILE H2   H  N N 158 
ILE HA   H  N N 159 
ILE HB   H  N N 160 
ILE HG12 H  N N 161 
ILE HG13 H  N N 162 
ILE HG21 H  N N 163 
ILE HG22 H  N N 164 
ILE HG23 H  N N 165 
ILE HD11 H  N N 166 
ILE HD12 H  N N 167 
ILE HD13 H  N N 168 
ILE HXT  H  N N 169 
LEU N    N  N N 170 
LEU CA   C  N S 171 
LEU C    C  N N 172 
LEU O    O  N N 173 
LEU CB   C  N N 174 
LEU CG   C  N N 175 
LEU CD1  C  N N 176 
LEU CD2  C  N N 177 
LEU OXT  O  N N 178 
LEU H    H  N N 179 
LEU H2   H  N N 180 
LEU HA   H  N N 181 
LEU HB2  H  N N 182 
LEU HB3  H  N N 183 
LEU HG   H  N N 184 
LEU HD11 H  N N 185 
LEU HD12 H  N N 186 
LEU HD13 H  N N 187 
LEU HD21 H  N N 188 
LEU HD22 H  N N 189 
LEU HD23 H  N N 190 
LEU HXT  H  N N 191 
LYS N    N  N N 192 
LYS CA   C  N S 193 
LYS C    C  N N 194 
LYS O    O  N N 195 
LYS CB   C  N N 196 
LYS CG   C  N N 197 
LYS CD   C  N N 198 
LYS CE   C  N N 199 
LYS NZ   N  N N 200 
LYS OXT  O  N N 201 
LYS H    H  N N 202 
LYS H2   H  N N 203 
LYS HA   H  N N 204 
LYS HB2  H  N N 205 
LYS HB3  H  N N 206 
LYS HG2  H  N N 207 
LYS HG3  H  N N 208 
LYS HD2  H  N N 209 
LYS HD3  H  N N 210 
LYS HE2  H  N N 211 
LYS HE3  H  N N 212 
LYS HZ1  H  N N 213 
LYS HZ2  H  N N 214 
LYS HZ3  H  N N 215 
LYS HXT  H  N N 216 
MET N    N  N N 217 
MET CA   C  N S 218 
MET C    C  N N 219 
MET O    O  N N 220 
MET CB   C  N N 221 
MET CG   C  N N 222 
MET SD   S  N N 223 
MET CE   C  N N 224 
MET OXT  O  N N 225 
MET H    H  N N 226 
MET H2   H  N N 227 
MET HA   H  N N 228 
MET HB2  H  N N 229 
MET HB3  H  N N 230 
MET HG2  H  N N 231 
MET HG3  H  N N 232 
MET HE1  H  N N 233 
MET HE2  H  N N 234 
MET HE3  H  N N 235 
MET HXT  H  N N 236 
PHE N    N  N N 237 
PHE CA   C  N S 238 
PHE C    C  N N 239 
PHE O    O  N N 240 
PHE CB   C  N N 241 
PHE CG   C  Y N 242 
PHE CD1  C  Y N 243 
PHE CD2  C  Y N 244 
PHE CE1  C  Y N 245 
PHE CE2  C  Y N 246 
PHE CZ   C  Y N 247 
PHE OXT  O  N N 248 
PHE H    H  N N 249 
PHE H2   H  N N 250 
PHE HA   H  N N 251 
PHE HB2  H  N N 252 
PHE HB3  H  N N 253 
PHE HD1  H  N N 254 
PHE HD2  H  N N 255 
PHE HE1  H  N N 256 
PHE HE2  H  N N 257 
PHE HZ   H  N N 258 
PHE HXT  H  N N 259 
PRO N    N  N N 260 
PRO CA   C  N S 261 
PRO C    C  N N 262 
PRO O    O  N N 263 
PRO CB   C  N N 264 
PRO CG   C  N N 265 
PRO CD   C  N N 266 
PRO OXT  O  N N 267 
PRO H    H  N N 268 
PRO HA   H  N N 269 
PRO HB2  H  N N 270 
PRO HB3  H  N N 271 
PRO HG2  H  N N 272 
PRO HG3  H  N N 273 
PRO HD2  H  N N 274 
PRO HD3  H  N N 275 
PRO HXT  H  N N 276 
SER N    N  N N 277 
SER CA   C  N S 278 
SER C    C  N N 279 
SER O    O  N N 280 
SER CB   C  N N 281 
SER OG   O  N N 282 
SER OXT  O  N N 283 
SER H    H  N N 284 
SER H2   H  N N 285 
SER HA   H  N N 286 
SER HB2  H  N N 287 
SER HB3  H  N N 288 
SER HG   H  N N 289 
SER HXT  H  N N 290 
THR N    N  N N 291 
THR CA   C  N S 292 
THR C    C  N N 293 
THR O    O  N N 294 
THR CB   C  N R 295 
THR OG1  O  N N 296 
THR CG2  C  N N 297 
THR OXT  O  N N 298 
THR H    H  N N 299 
THR H2   H  N N 300 
THR HA   H  N N 301 
THR HB   H  N N 302 
THR HG1  H  N N 303 
THR HG21 H  N N 304 
THR HG22 H  N N 305 
THR HG23 H  N N 306 
THR HXT  H  N N 307 
TRP N    N  N N 308 
TRP CA   C  N S 309 
TRP C    C  N N 310 
TRP O    O  N N 311 
TRP CB   C  N N 312 
TRP CG   C  Y N 313 
TRP CD1  C  Y N 314 
TRP CD2  C  Y N 315 
TRP NE1  N  Y N 316 
TRP CE2  C  Y N 317 
TRP CE3  C  Y N 318 
TRP CZ2  C  Y N 319 
TRP CZ3  C  Y N 320 
TRP CH2  C  Y N 321 
TRP OXT  O  N N 322 
TRP H    H  N N 323 
TRP H2   H  N N 324 
TRP HA   H  N N 325 
TRP HB2  H  N N 326 
TRP HB3  H  N N 327 
TRP HD1  H  N N 328 
TRP HE1  H  N N 329 
TRP HE3  H  N N 330 
TRP HZ2  H  N N 331 
TRP HZ3  H  N N 332 
TRP HH2  H  N N 333 
TRP HXT  H  N N 334 
TYR N    N  N N 335 
TYR CA   C  N S 336 
TYR C    C  N N 337 
TYR O    O  N N 338 
TYR CB   C  N N 339 
TYR CG   C  Y N 340 
TYR CD1  C  Y N 341 
TYR CD2  C  Y N 342 
TYR CE1  C  Y N 343 
TYR CE2  C  Y N 344 
TYR CZ   C  Y N 345 
TYR OH   O  N N 346 
TYR OXT  O  N N 347 
TYR H    H  N N 348 
TYR H2   H  N N 349 
TYR HA   H  N N 350 
TYR HB2  H  N N 351 
TYR HB3  H  N N 352 
TYR HD1  H  N N 353 
TYR HD2  H  N N 354 
TYR HE1  H  N N 355 
TYR HE2  H  N N 356 
TYR HH   H  N N 357 
TYR HXT  H  N N 358 
VAL N    N  N N 359 
VAL CA   C  N S 360 
VAL C    C  N N 361 
VAL O    O  N N 362 
VAL CB   C  N N 363 
VAL CG1  C  N N 364 
VAL CG2  C  N N 365 
VAL OXT  O  N N 366 
VAL H    H  N N 367 
VAL H2   H  N N 368 
VAL HA   H  N N 369 
VAL HB   H  N N 370 
VAL HG11 H  N N 371 
VAL HG12 H  N N 372 
VAL HG13 H  N N 373 
VAL HG21 H  N N 374 
VAL HG22 H  N N 375 
VAL HG23 H  N N 376 
VAL HXT  H  N N 377 
# 
loop_
_chem_comp_bond.comp_id 
_chem_comp_bond.atom_id_1 
_chem_comp_bond.atom_id_2 
_chem_comp_bond.value_order 
_chem_comp_bond.pdbx_aromatic_flag 
_chem_comp_bond.pdbx_stereo_config 
_chem_comp_bond.pdbx_ordinal 
ALA N   CA   sing N N 1   
ALA N   H    sing N N 2   
ALA N   H2   sing N N 3   
ALA CA  C    sing N N 4   
ALA CA  CB   sing N N 5   
ALA CA  HA   sing N N 6   
ALA C   O    doub N N 7   
ALA C   OXT  sing N N 8   
ALA CB  HB1  sing N N 9   
ALA CB  HB2  sing N N 10  
ALA CB  HB3  sing N N 11  
ALA OXT HXT  sing N N 12  
ARG N   CA   sing N N 13  
ARG N   H    sing N N 14  
ARG N   H2   sing N N 15  
ARG CA  C    sing N N 16  
ARG CA  CB   sing N N 17  
ARG CA  HA   sing N N 18  
ARG C   O    doub N N 19  
ARG C   OXT  sing N N 20  
ARG CB  CG   sing N N 21  
ARG CB  HB2  sing N N 22  
ARG CB  HB3  sing N N 23  
ARG CG  CD   sing N N 24  
ARG CG  HG2  sing N N 25  
ARG CG  HG3  sing N N 26  
ARG CD  NE   sing N N 27  
ARG CD  HD2  sing N N 28  
ARG CD  HD3  sing N N 29  
ARG NE  CZ   sing N N 30  
ARG NE  HE   sing N N 31  
ARG CZ  NH1  sing N N 32  
ARG CZ  NH2  doub N N 33  
ARG NH1 HH11 sing N N 34  
ARG NH1 HH12 sing N N 35  
ARG NH2 HH21 sing N N 36  
ARG NH2 HH22 sing N N 37  
ARG OXT HXT  sing N N 38  
ASN N   CA   sing N N 39  
ASN N   H    sing N N 40  
ASN N   H2   sing N N 41  
ASN CA  C    sing N N 42  
ASN CA  CB   sing N N 43  
ASN CA  HA   sing N N 44  
ASN C   O    doub N N 45  
ASN C   OXT  sing N N 46  
ASN CB  CG   sing N N 47  
ASN CB  HB2  sing N N 48  
ASN CB  HB3  sing N N 49  
ASN CG  OD1  doub N N 50  
ASN CG  ND2  sing N N 51  
ASN ND2 HD21 sing N N 52  
ASN ND2 HD22 sing N N 53  
ASN OXT HXT  sing N N 54  
ASP N   CA   sing N N 55  
ASP N   H    sing N N 56  
ASP N   H2   sing N N 57  
ASP CA  C    sing N N 58  
ASP CA  CB   sing N N 59  
ASP CA  HA   sing N N 60  
ASP C   O    doub N N 61  
ASP C   OXT  sing N N 62  
ASP CB  CG   sing N N 63  
ASP CB  HB2  sing N N 64  
ASP CB  HB3  sing N N 65  
ASP CG  OD1  doub N N 66  
ASP CG  OD2  sing N N 67  
ASP OD2 HD2  sing N N 68  
ASP OXT HXT  sing N N 69  
GLN N   CA   sing N N 70  
GLN N   H    sing N N 71  
GLN N   H2   sing N N 72  
GLN CA  C    sing N N 73  
GLN CA  CB   sing N N 74  
GLN CA  HA   sing N N 75  
GLN C   O    doub N N 76  
GLN C   OXT  sing N N 77  
GLN CB  CG   sing N N 78  
GLN CB  HB2  sing N N 79  
GLN CB  HB3  sing N N 80  
GLN CG  CD   sing N N 81  
GLN CG  HG2  sing N N 82  
GLN CG  HG3  sing N N 83  
GLN CD  OE1  doub N N 84  
GLN CD  NE2  sing N N 85  
GLN NE2 HE21 sing N N 86  
GLN NE2 HE22 sing N N 87  
GLN OXT HXT  sing N N 88  
GLU N   CA   sing N N 89  
GLU N   H    sing N N 90  
GLU N   H2   sing N N 91  
GLU CA  C    sing N N 92  
GLU CA  CB   sing N N 93  
GLU CA  HA   sing N N 94  
GLU C   O    doub N N 95  
GLU C   OXT  sing N N 96  
GLU CB  CG   sing N N 97  
GLU CB  HB2  sing N N 98  
GLU CB  HB3  sing N N 99  
GLU CG  CD   sing N N 100 
GLU CG  HG2  sing N N 101 
GLU CG  HG3  sing N N 102 
GLU CD  OE1  doub N N 103 
GLU CD  OE2  sing N N 104 
GLU OE2 HE2  sing N N 105 
GLU OXT HXT  sing N N 106 
GLY N   CA   sing N N 107 
GLY N   H    sing N N 108 
GLY N   H2   sing N N 109 
GLY CA  C    sing N N 110 
GLY CA  HA2  sing N N 111 
GLY CA  HA3  sing N N 112 
GLY C   O    doub N N 113 
GLY C   OXT  sing N N 114 
GLY OXT HXT  sing N N 115 
HIS N   CA   sing N N 116 
HIS N   H    sing N N 117 
HIS N   H2   sing N N 118 
HIS CA  C    sing N N 119 
HIS CA  CB   sing N N 120 
HIS CA  HA   sing N N 121 
HIS C   O    doub N N 122 
HIS C   OXT  sing N N 123 
HIS CB  CG   sing N N 124 
HIS CB  HB2  sing N N 125 
HIS CB  HB3  sing N N 126 
HIS CG  ND1  sing Y N 127 
HIS CG  CD2  doub Y N 128 
HIS ND1 CE1  doub Y N 129 
HIS ND1 HD1  sing N N 130 
HIS CD2 NE2  sing Y N 131 
HIS CD2 HD2  sing N N 132 
HIS CE1 NE2  sing Y N 133 
HIS CE1 HE1  sing N N 134 
HIS NE2 HE2  sing N N 135 
HIS OXT HXT  sing N N 136 
HOH O   H1   sing N N 137 
HOH O   H2   sing N N 138 
ILE N   CA   sing N N 139 
ILE N   H    sing N N 140 
ILE N   H2   sing N N 141 
ILE CA  C    sing N N 142 
ILE CA  CB   sing N N 143 
ILE CA  HA   sing N N 144 
ILE C   O    doub N N 145 
ILE C   OXT  sing N N 146 
ILE CB  CG1  sing N N 147 
ILE CB  CG2  sing N N 148 
ILE CB  HB   sing N N 149 
ILE CG1 CD1  sing N N 150 
ILE CG1 HG12 sing N N 151 
ILE CG1 HG13 sing N N 152 
ILE CG2 HG21 sing N N 153 
ILE CG2 HG22 sing N N 154 
ILE CG2 HG23 sing N N 155 
ILE CD1 HD11 sing N N 156 
ILE CD1 HD12 sing N N 157 
ILE CD1 HD13 sing N N 158 
ILE OXT HXT  sing N N 159 
LEU N   CA   sing N N 160 
LEU N   H    sing N N 161 
LEU N   H2   sing N N 162 
LEU CA  C    sing N N 163 
LEU CA  CB   sing N N 164 
LEU CA  HA   sing N N 165 
LEU C   O    doub N N 166 
LEU C   OXT  sing N N 167 
LEU CB  CG   sing N N 168 
LEU CB  HB2  sing N N 169 
LEU CB  HB3  sing N N 170 
LEU CG  CD1  sing N N 171 
LEU CG  CD2  sing N N 172 
LEU CG  HG   sing N N 173 
LEU CD1 HD11 sing N N 174 
LEU CD1 HD12 sing N N 175 
LEU CD1 HD13 sing N N 176 
LEU CD2 HD21 sing N N 177 
LEU CD2 HD22 sing N N 178 
LEU CD2 HD23 sing N N 179 
LEU OXT HXT  sing N N 180 
LYS N   CA   sing N N 181 
LYS N   H    sing N N 182 
LYS N   H2   sing N N 183 
LYS CA  C    sing N N 184 
LYS CA  CB   sing N N 185 
LYS CA  HA   sing N N 186 
LYS C   O    doub N N 187 
LYS C   OXT  sing N N 188 
LYS CB  CG   sing N N 189 
LYS CB  HB2  sing N N 190 
LYS CB  HB3  sing N N 191 
LYS CG  CD   sing N N 192 
LYS CG  HG2  sing N N 193 
LYS CG  HG3  sing N N 194 
LYS CD  CE   sing N N 195 
LYS CD  HD2  sing N N 196 
LYS CD  HD3  sing N N 197 
LYS CE  NZ   sing N N 198 
LYS CE  HE2  sing N N 199 
LYS CE  HE3  sing N N 200 
LYS NZ  HZ1  sing N N 201 
LYS NZ  HZ2  sing N N 202 
LYS NZ  HZ3  sing N N 203 
LYS OXT HXT  sing N N 204 
MET N   CA   sing N N 205 
MET N   H    sing N N 206 
MET N   H2   sing N N 207 
MET CA  C    sing N N 208 
MET CA  CB   sing N N 209 
MET CA  HA   sing N N 210 
MET C   O    doub N N 211 
MET C   OXT  sing N N 212 
MET CB  CG   sing N N 213 
MET CB  HB2  sing N N 214 
MET CB  HB3  sing N N 215 
MET CG  SD   sing N N 216 
MET CG  HG2  sing N N 217 
MET CG  HG3  sing N N 218 
MET SD  CE   sing N N 219 
MET CE  HE1  sing N N 220 
MET CE  HE2  sing N N 221 
MET CE  HE3  sing N N 222 
MET OXT HXT  sing N N 223 
PHE N   CA   sing N N 224 
PHE N   H    sing N N 225 
PHE N   H2   sing N N 226 
PHE CA  C    sing N N 227 
PHE CA  CB   sing N N 228 
PHE CA  HA   sing N N 229 
PHE C   O    doub N N 230 
PHE C   OXT  sing N N 231 
PHE CB  CG   sing N N 232 
PHE CB  HB2  sing N N 233 
PHE CB  HB3  sing N N 234 
PHE CG  CD1  doub Y N 235 
PHE CG  CD2  sing Y N 236 
PHE CD1 CE1  sing Y N 237 
PHE CD1 HD1  sing N N 238 
PHE CD2 CE2  doub Y N 239 
PHE CD2 HD2  sing N N 240 
PHE CE1 CZ   doub Y N 241 
PHE CE1 HE1  sing N N 242 
PHE CE2 CZ   sing Y N 243 
PHE CE2 HE2  sing N N 244 
PHE CZ  HZ   sing N N 245 
PHE OXT HXT  sing N N 246 
PRO N   CA   sing N N 247 
PRO N   CD   sing N N 248 
PRO N   H    sing N N 249 
PRO CA  C    sing N N 250 
PRO CA  CB   sing N N 251 
PRO CA  HA   sing N N 252 
PRO C   O    doub N N 253 
PRO C   OXT  sing N N 254 
PRO CB  CG   sing N N 255 
PRO CB  HB2  sing N N 256 
PRO CB  HB3  sing N N 257 
PRO CG  CD   sing N N 258 
PRO CG  HG2  sing N N 259 
PRO CG  HG3  sing N N 260 
PRO CD  HD2  sing N N 261 
PRO CD  HD3  sing N N 262 
PRO OXT HXT  sing N N 263 
SER N   CA   sing N N 264 
SER N   H    sing N N 265 
SER N   H2   sing N N 266 
SER CA  C    sing N N 267 
SER CA  CB   sing N N 268 
SER CA  HA   sing N N 269 
SER C   O    doub N N 270 
SER C   OXT  sing N N 271 
SER CB  OG   sing N N 272 
SER CB  HB2  sing N N 273 
SER CB  HB3  sing N N 274 
SER OG  HG   sing N N 275 
SER OXT HXT  sing N N 276 
THR N   CA   sing N N 277 
THR N   H    sing N N 278 
THR N   H2   sing N N 279 
THR CA  C    sing N N 280 
THR CA  CB   sing N N 281 
THR CA  HA   sing N N 282 
THR C   O    doub N N 283 
THR C   OXT  sing N N 284 
THR CB  OG1  sing N N 285 
THR CB  CG2  sing N N 286 
THR CB  HB   sing N N 287 
THR OG1 HG1  sing N N 288 
THR CG2 HG21 sing N N 289 
THR CG2 HG22 sing N N 290 
THR CG2 HG23 sing N N 291 
THR OXT HXT  sing N N 292 
TRP N   CA   sing N N 293 
TRP N   H    sing N N 294 
TRP N   H2   sing N N 295 
TRP CA  C    sing N N 296 
TRP CA  CB   sing N N 297 
TRP CA  HA   sing N N 298 
TRP C   O    doub N N 299 
TRP C   OXT  sing N N 300 
TRP CB  CG   sing N N 301 
TRP CB  HB2  sing N N 302 
TRP CB  HB3  sing N N 303 
TRP CG  CD1  doub Y N 304 
TRP CG  CD2  sing Y N 305 
TRP CD1 NE1  sing Y N 306 
TRP CD1 HD1  sing N N 307 
TRP CD2 CE2  doub Y N 308 
TRP CD2 CE3  sing Y N 309 
TRP NE1 CE2  sing Y N 310 
TRP NE1 HE1  sing N N 311 
TRP CE2 CZ2  sing Y N 312 
TRP CE3 CZ3  doub Y N 313 
TRP CE3 HE3  sing N N 314 
TRP CZ2 CH2  doub Y N 315 
TRP CZ2 HZ2  sing N N 316 
TRP CZ3 CH2  sing Y N 317 
TRP CZ3 HZ3  sing N N 318 
TRP CH2 HH2  sing N N 319 
TRP OXT HXT  sing N N 320 
TYR N   CA   sing N N 321 
TYR N   H    sing N N 322 
TYR N   H2   sing N N 323 
TYR CA  C    sing N N 324 
TYR CA  CB   sing N N 325 
TYR CA  HA   sing N N 326 
TYR C   O    doub N N 327 
TYR C   OXT  sing N N 328 
TYR CB  CG   sing N N 329 
TYR CB  HB2  sing N N 330 
TYR CB  HB3  sing N N 331 
TYR CG  CD1  doub Y N 332 
TYR CG  CD2  sing Y N 333 
TYR CD1 CE1  sing Y N 334 
TYR CD1 HD1  sing N N 335 
TYR CD2 CE2  doub Y N 336 
TYR CD2 HD2  sing N N 337 
TYR CE1 CZ   doub Y N 338 
TYR CE1 HE1  sing N N 339 
TYR CE2 CZ   sing Y N 340 
TYR CE2 HE2  sing N N 341 
TYR CZ  OH   sing N N 342 
TYR OH  HH   sing N N 343 
TYR OXT HXT  sing N N 344 
VAL N   CA   sing N N 345 
VAL N   H    sing N N 346 
VAL N   H2   sing N N 347 
VAL CA  C    sing N N 348 
VAL CA  CB   sing N N 349 
VAL CA  HA   sing N N 350 
VAL C   O    doub N N 351 
VAL C   OXT  sing N N 352 
VAL CB  CG1  sing N N 353 
VAL CB  CG2  sing N N 354 
VAL CB  HB   sing N N 355 
VAL CG1 HG11 sing N N 356 
VAL CG1 HG12 sing N N 357 
VAL CG1 HG13 sing N N 358 
VAL CG2 HG21 sing N N 359 
VAL CG2 HG22 sing N N 360 
VAL CG2 HG23 sing N N 361 
VAL OXT HXT  sing N N 362 
# 
loop_
_pdbx_entity_nonpoly.entity_id 
_pdbx_entity_nonpoly.name 
_pdbx_entity_nonpoly.comp_id 
3 'CALCIUM ION' CA  
4 water         HOH 
# 
_pdbx_initial_refinement_model.id               1 
_pdbx_initial_refinement_model.entity_id_list   ? 
_pdbx_initial_refinement_model.type             'experimental model' 
_pdbx_initial_refinement_model.source_name      PDB 
_pdbx_initial_refinement_model.accession_code   1CDM 
_pdbx_initial_refinement_model.details          'pdb entry 1cdm' 
# 
